data_9GGD
#
_entry.id   9GGD
#
_cell.length_a   1.00
_cell.length_b   1.00
_cell.length_c   1.00
_cell.angle_alpha   90.00
_cell.angle_beta   90.00
_cell.angle_gamma   90.00
#
_symmetry.space_group_name_H-M   'P 1'
#
loop_
_entity.id
_entity.type
_entity.pdbx_description
1 polymer 'DNA polymerase subunit gamma-1'
2 polymer 'DNA polymerase subunit gamma-2'
3 polymer 'DNA (primer strand)'
4 polymer 'DNA (template strand)'
5 non-polymer 'CALCIUM ION'
6 non-polymer "2'-DEOXYCYTIDINE-5'-TRIPHOSPHATE"
7 non-polymer 1-[(4S)-8-chloranyl-3,4-dihydro-2H-chromen-4-yl]-3-(1-phenylpyrazol-3-yl)urea
#
loop_
_entity_poly.entity_id
_entity_poly.type
_entity_poly.pdbx_seq_one_letter_code
_entity_poly.pdbx_strand_id
1 'polypeptide(L)'
;MHHHHHHVSSSVPASDPSDGQRRRQQQQQQQQQQQQQPQQPQVLSSEGGQLRHNPLDIQMLSRGLHEQIFGQGGEMPGEA
AVRRSVEHLQKHGLWGQPAVPLPDVELRLPPLYGDNLDQHFRLLAQKQSLPYLEAANLLLQAQLPPKPPAWAWAEGWTRY
GPEGEAVPVAIPEERALVFDVEVCLAEGTCPTLAVAISPSAWYSWCSQRLVEERYSWTSQLSPADLIPLEVPTGASSPTQ
RDWQEQLVVGHNVSFDRAHIREQYLIQGSRMRFLDTMSMHMAISGLSSFQRSLWIAAKQGKHKVQPPTKQGQKSQRKARR
GPAISSWDWLDISSVNSLAEVHRLYVGGPPLEKEPRELFVKGTMKDIRENFQDLMQYCAQDVWATHEVFQQQLPLFLERC
PHPVTLAGMLEMGVSYLPVNQNWERYLAEAQGTYEELQREMKKSLMDLTNDACQLLSGERYKEDPWLWDLEWDLQEFKQK
KAKKVKKEPATASKLPIEGAGAPGDPMDQEDLGPCSEEEEFQQDVMARACLQKLKGTTELLPKRPQHLPGHPGWYRKLCP
RLDDPAWTPGPSLLSLQMRVTPKLMALTWDGFPLHYSERHGWGYLVPGRRDNLAKLPTGTTLESAGVVCPYRAIESLYRK
HCLEQGKQQLMPQEAGLAEEFLLTDNSAIWQTVEELDYLEVEAEAKMENLRAAVPGQPLALTARGGPKDTQPSYHHGNGP
YNDVDIPGCWFFKLPHKDGNSCNVGSPFAKDFLPKMEDGTLQAGPGGASGPRALEINKMISFWRNAHKRISSQMVVWLPR
SALPRAVIRHPDYDEEGLYGAILPQVVTAGTITRRAVEPTWLTASNARPDRVGSELKAMVQAPPGYTLVGADVDSQELWI
AAVLGDAHFAGMHGCTAFGWMTLQGRKSRGTDLHSKTATTVGISREHAKIFNYGRIYGAGQPFAERLLMQFNHRLTQQEA
AEKAQQMYAATKGLRWYRLSDEGEWLVRELNLPVDRTEGGWISLQDLRKVQRETARKSQWKKWEVVAERAWKGGTESEMF
NKLESIATSDIPRTPVLGCCISRALEPSAVQEEFMTSRVNWVVQSSAVDYLHLMLVAMKWLFEEFAIDGRFCISIHDEVR
YLVREEDRYRAALALQITNLLTRCMFAYKLGLNDLPQSVAFFSAVDIDRCLRKEVTMDCKTPSNPTGMERRYGIPQGEAL
DIYQIIELTKGSLEKRSQPGP
;
A
2 'polypeptide(L)'
;MDAGQPELLTERSSPKGGHVKSHAELEGNGEHPEAPGSGEGSEALLEICQRRHFLSGSKQQLSRDSLLSGCHPGFGPLGV
ELRKNLAAEWWTSVVVFREQVFPVDALHHKPGPLLPGDSAFRLVSAETLREILQDKELSKEQLVTFLENVLKTSGKLREN
LLHGALEHYVNCLDLVNKRLPYGLAQIGVCFHPVFDTKQIRNGVKSIGEKTEASLVWFTPPRTSNQWLDFWLRHRLQWWR
KFAMSPSNFSSSDCQDEEGRKGNKLYYNFPWGKELIETLWNLGDHELLHMYPGNVSKLHGRDGRKNVVPCVLSVNGDLDR
GMLAYLYDSFQLTENSFTRKKNLHRKVLKLHPCLAPIKVALDVGRGPTLELRQVCQGLFNELLENGISVWPGYLETMQSS
LEQLYSKYDEMSILFTVLVTETTLENGLIHLRSRDTTMKEMMHISKLKDFLIKYISSAKNVHHHHHH
;
B,C
3 'polydeoxyribonucleotide'
;(DG)(DC)(DA)(DT)(DG)(DC)(DG)(DG)(DT)(DC)(DG)(DA)(DG)(DT)(DC)(DT)(DA)(DG)(DA)(DG)
(DG)(DA)(DG)(DC)(DC)
;
P
4 'polydeoxyribonucleotide'
;(DT)(DT)(DT)(DT)(DT)(DT)(DT)(DT)(DT)(DT)(DA)(DT)(DC)(DC)(DG)(DG)(DG)(DC)(DT)(DC)
(DC)(DT)(DC)(DT)(DA)(DG)(DA)(DC)(DT)(DC)(DG)(DA)(DC)(DC)(DG)(DC)(DA)(DT)(DG)(DC)
;
T
#
# COMPACT_ATOMS: atom_id res chain seq x y z
N GLY A 49 -22.54 30.26 -51.59
CA GLY A 49 -22.14 29.03 -50.92
C GLY A 49 -21.67 29.26 -49.50
N GLN A 50 -21.61 28.19 -48.72
CA GLN A 50 -21.17 28.29 -47.32
C GLN A 50 -19.67 28.48 -47.17
N LEU A 51 -18.90 28.28 -48.23
CA LEU A 51 -17.46 28.47 -48.15
C LEU A 51 -17.13 29.96 -48.24
N ARG A 52 -16.29 30.43 -47.32
CA ARG A 52 -15.93 31.84 -47.25
C ARG A 52 -14.42 31.97 -47.09
N HIS A 53 -13.89 33.11 -47.52
CA HIS A 53 -12.47 33.40 -47.44
C HIS A 53 -12.27 34.86 -47.10
N ASN A 54 -11.10 35.15 -46.54
CA ASN A 54 -10.75 36.52 -46.18
C ASN A 54 -9.88 37.09 -47.29
N PRO A 55 -9.50 38.38 -47.23
CA PRO A 55 -8.55 38.90 -48.21
C PRO A 55 -7.22 38.16 -48.25
N LEU A 56 -6.87 37.43 -47.20
CA LEU A 56 -5.61 36.69 -47.15
C LEU A 56 -5.79 35.21 -47.43
N ASP A 57 -6.96 34.80 -47.92
CA ASP A 57 -7.20 33.44 -48.40
C ASP A 57 -7.06 32.41 -47.27
N ILE A 58 -7.79 32.65 -46.19
CA ILE A 58 -7.94 31.69 -45.10
C ILE A 58 -9.42 31.40 -44.93
N GLN A 59 -9.77 30.12 -44.88
CA GLN A 59 -11.17 29.75 -44.78
C GLN A 59 -11.75 30.27 -43.48
N MET A 60 -12.71 31.17 -43.59
CA MET A 60 -13.38 31.74 -42.43
C MET A 60 -14.57 30.86 -42.06
N LEU A 61 -15.41 31.37 -41.18
CA LEU A 61 -16.53 30.59 -40.69
C LEU A 61 -17.55 30.38 -41.81
N SER A 62 -18.41 29.38 -41.61
CA SER A 62 -19.50 29.15 -42.53
C SER A 62 -20.45 30.33 -42.54
N ARG A 63 -21.10 30.55 -43.69
CA ARG A 63 -21.96 31.72 -43.85
C ARG A 63 -23.14 31.70 -42.89
N GLY A 64 -23.74 30.52 -42.69
CA GLY A 64 -24.89 30.44 -41.80
C GLY A 64 -24.56 30.85 -40.37
N LEU A 65 -23.40 30.43 -39.88
CA LEU A 65 -22.99 30.81 -38.53
C LEU A 65 -22.56 32.27 -38.45
N HIS A 66 -21.88 32.74 -39.50
CA HIS A 66 -21.43 34.13 -39.50
C HIS A 66 -22.60 35.10 -39.52
N GLU A 67 -23.68 34.74 -40.21
CA GLU A 67 -24.88 35.56 -40.20
C GLU A 67 -25.56 35.59 -38.84
N GLN A 68 -25.16 34.73 -37.91
CA GLN A 68 -25.73 34.70 -36.58
C GLN A 68 -24.80 35.21 -35.50
N ILE A 69 -23.50 35.21 -35.72
CA ILE A 69 -22.57 35.73 -34.71
C ILE A 69 -22.24 37.19 -34.96
N PHE A 70 -21.83 37.55 -36.18
CA PHE A 70 -21.46 38.92 -36.49
C PHE A 70 -22.49 39.66 -37.33
N GLY A 71 -23.55 38.97 -37.76
CA GLY A 71 -24.52 39.61 -38.63
C GLY A 71 -23.89 40.09 -39.92
N GLN A 72 -24.26 41.29 -40.34
CA GLN A 72 -23.70 41.91 -41.53
C GLN A 72 -23.40 43.37 -41.24
N GLY A 73 -22.44 43.92 -41.98
CA GLY A 73 -22.08 45.31 -41.86
C GLY A 73 -20.73 45.60 -41.25
N GLY A 74 -19.90 44.59 -41.02
CA GLY A 74 -18.57 44.83 -40.51
C GLY A 74 -17.72 45.61 -41.49
N GLU A 75 -16.87 46.47 -40.93
CA GLU A 75 -16.03 47.32 -41.77
C GLU A 75 -14.99 46.49 -42.51
N MET A 76 -14.81 46.79 -43.80
CA MET A 76 -13.80 46.11 -44.59
C MET A 76 -12.41 46.51 -44.12
N PRO A 77 -11.44 45.60 -44.21
CA PRO A 77 -10.09 45.91 -43.70
C PRO A 77 -9.44 47.08 -44.39
N GLY A 78 -9.71 47.29 -45.66
CA GLY A 78 -9.08 48.36 -46.40
C GLY A 78 -7.92 47.87 -47.24
N GLU A 79 -7.68 48.56 -48.35
CA GLU A 79 -6.64 48.12 -49.28
C GLU A 79 -5.26 48.18 -48.64
N ALA A 80 -4.97 49.25 -47.89
CA ALA A 80 -3.64 49.39 -47.31
C ALA A 80 -3.34 48.28 -46.32
N ALA A 81 -4.31 47.93 -45.47
CA ALA A 81 -4.09 46.86 -44.50
C ALA A 81 -3.84 45.53 -45.20
N VAL A 82 -4.62 45.23 -46.24
CA VAL A 82 -4.44 43.98 -46.97
C VAL A 82 -3.09 43.95 -47.65
N ARG A 83 -2.67 45.08 -48.23
CA ARG A 83 -1.36 45.12 -48.88
C ARG A 83 -0.24 44.91 -47.87
N ARG A 84 -0.36 45.51 -46.69
CA ARG A 84 0.65 45.31 -45.66
C ARG A 84 0.71 43.85 -45.22
N SER A 85 -0.46 43.23 -45.04
CA SER A 85 -0.50 41.83 -44.64
C SER A 85 0.13 40.93 -45.71
N VAL A 86 -0.19 41.19 -46.98
CA VAL A 86 0.36 40.38 -48.07
C VAL A 86 1.86 40.56 -48.16
N GLU A 87 2.35 41.79 -47.99
CA GLU A 87 3.78 42.03 -47.99
C GLU A 87 4.47 41.26 -46.88
N HIS A 88 3.89 41.29 -45.68
CA HIS A 88 4.48 40.57 -44.54
C HIS A 88 4.52 39.07 -44.82
N LEU A 89 3.40 38.50 -45.28
CA LEU A 89 3.34 37.06 -45.51
C LEU A 89 4.30 36.63 -46.62
N GLN A 90 4.37 37.41 -47.71
CA GLN A 90 5.32 37.10 -48.76
C GLN A 90 6.76 37.22 -48.28
N LYS A 91 7.04 38.22 -47.45
CA LYS A 91 8.39 38.38 -46.92
C LYS A 91 8.80 37.16 -46.10
N HIS A 92 7.87 36.64 -45.30
CA HIS A 92 8.17 35.43 -44.53
C HIS A 92 8.02 34.16 -45.34
N GLY A 93 7.79 34.26 -46.65
CA GLY A 93 7.69 33.08 -47.48
C GLY A 93 6.54 32.17 -47.12
N LEU A 94 5.36 32.77 -46.92
CA LEU A 94 4.19 32.01 -46.50
C LEU A 94 2.96 32.30 -47.35
N TRP A 95 3.11 32.91 -48.51
CA TRP A 95 1.98 33.34 -49.33
C TRP A 95 1.86 32.46 -50.57
N GLY A 96 0.62 32.15 -50.94
CA GLY A 96 0.35 31.32 -52.09
C GLY A 96 0.25 29.85 -51.82
N GLN A 97 0.09 29.44 -50.56
CA GLN A 97 -0.01 28.03 -50.21
C GLN A 97 -1.44 27.68 -49.87
N PRO A 98 -2.16 26.98 -50.73
CA PRO A 98 -3.56 26.64 -50.43
C PRO A 98 -3.66 25.53 -49.40
N ALA A 99 -4.80 25.50 -48.73
CA ALA A 99 -5.13 24.45 -47.78
C ALA A 99 -6.47 23.84 -48.15
N VAL A 100 -6.60 22.54 -47.90
CA VAL A 100 -7.84 21.84 -48.24
C VAL A 100 -8.97 22.40 -47.38
N PRO A 101 -10.10 22.81 -47.96
CA PRO A 101 -11.17 23.38 -47.16
C PRO A 101 -11.77 22.35 -46.21
N LEU A 102 -11.89 22.73 -44.95
CA LEU A 102 -12.60 21.90 -44.00
C LEU A 102 -14.09 21.89 -44.35
N PRO A 103 -14.78 20.79 -44.12
CA PRO A 103 -16.21 20.73 -44.44
C PRO A 103 -16.99 21.79 -43.69
N ASP A 104 -17.96 22.39 -44.38
CA ASP A 104 -18.77 23.43 -43.78
C ASP A 104 -19.71 22.85 -42.74
N VAL A 105 -20.07 23.69 -41.77
CA VAL A 105 -20.99 23.32 -40.71
C VAL A 105 -22.18 24.26 -40.76
N GLU A 106 -23.38 23.71 -40.81
CA GLU A 106 -24.62 24.48 -40.79
C GLU A 106 -25.33 24.19 -39.47
N LEU A 107 -25.45 25.21 -38.63
CA LEU A 107 -26.05 25.07 -37.31
C LEU A 107 -27.14 26.11 -37.11
N ARG A 108 -28.18 25.73 -36.39
CA ARG A 108 -29.21 26.64 -35.95
C ARG A 108 -28.92 26.95 -34.48
N LEU A 109 -28.04 27.93 -34.25
CA LEU A 109 -27.62 28.28 -32.91
C LEU A 109 -28.79 28.82 -32.10
N PRO A 110 -28.71 28.70 -30.77
CA PRO A 110 -29.76 29.27 -29.93
C PRO A 110 -29.81 30.78 -30.09
N PRO A 111 -30.97 31.40 -29.91
CA PRO A 111 -31.09 32.84 -30.14
C PRO A 111 -30.22 33.65 -29.19
N LEU A 112 -29.26 34.37 -29.77
CA LEU A 112 -28.36 35.20 -28.98
C LEU A 112 -29.02 36.52 -28.64
N TYR A 113 -29.08 36.84 -27.35
CA TYR A 113 -29.74 38.05 -26.90
C TYR A 113 -28.89 39.28 -27.21
N GLY A 114 -29.52 40.45 -27.12
CA GLY A 114 -28.84 41.70 -27.33
C GLY A 114 -28.62 42.02 -28.79
N ASP A 115 -27.80 43.04 -29.03
CA ASP A 115 -27.49 43.47 -30.39
C ASP A 115 -26.23 42.83 -30.94
N ASN A 116 -25.33 42.35 -30.08
CA ASN A 116 -24.12 41.69 -30.53
C ASN A 116 -23.72 40.64 -29.50
N LEU A 117 -22.48 40.15 -29.62
CA LEU A 117 -22.04 39.04 -28.79
C LEU A 117 -21.74 39.50 -27.36
N ASP A 118 -21.13 40.67 -27.21
CA ASP A 118 -20.80 41.16 -25.87
C ASP A 118 -22.05 41.38 -25.04
N GLN A 119 -23.09 41.96 -25.65
CA GLN A 119 -24.34 42.14 -24.92
C GLN A 119 -24.96 40.80 -24.57
N HIS A 120 -24.81 39.82 -25.46
CA HIS A 120 -25.31 38.47 -25.16
C HIS A 120 -24.66 37.90 -23.91
N PHE A 121 -23.32 37.95 -23.87
CA PHE A 121 -22.61 37.41 -22.71
C PHE A 121 -22.92 38.20 -21.44
N ARG A 122 -23.03 39.53 -21.56
CA ARG A 122 -23.38 40.33 -20.40
C ARG A 122 -24.75 39.95 -19.87
N LEU A 123 -25.73 39.77 -20.75
CA LEU A 123 -27.07 39.40 -20.28
C LEU A 123 -27.07 38.04 -19.60
N LEU A 124 -26.36 37.07 -20.18
CA LEU A 124 -26.28 35.75 -19.56
C LEU A 124 -25.65 35.85 -18.17
N ALA A 125 -24.53 36.55 -18.06
CA ALA A 125 -23.81 36.61 -16.79
C ALA A 125 -24.59 37.39 -15.75
N GLN A 126 -25.29 38.46 -16.16
CA GLN A 126 -26.12 39.20 -15.21
C GLN A 126 -27.27 38.35 -14.71
N LYS A 127 -27.90 37.58 -15.59
CA LYS A 127 -28.95 36.67 -15.13
C LYS A 127 -28.39 35.63 -14.17
N GLN A 128 -27.15 35.18 -14.40
CA GLN A 128 -26.56 34.20 -13.51
C GLN A 128 -26.21 34.79 -12.14
N SER A 129 -25.60 35.98 -12.11
CA SER A 129 -25.05 36.54 -10.89
C SER A 129 -25.95 37.57 -10.22
N LEU A 130 -27.18 37.77 -10.72
CA LEU A 130 -28.05 38.79 -10.12
C LEU A 130 -28.42 38.48 -8.68
N PRO A 131 -28.95 37.29 -8.33
CA PRO A 131 -29.30 37.05 -6.92
C PRO A 131 -28.11 37.08 -5.99
N TYR A 132 -26.95 36.64 -6.45
CA TYR A 132 -25.78 36.55 -5.58
C TYR A 132 -25.15 37.90 -5.30
N LEU A 133 -25.21 38.82 -6.27
CA LEU A 133 -24.86 40.21 -5.96
C LEU A 133 -25.82 40.82 -4.96
N GLU A 134 -27.10 40.43 -5.02
CA GLU A 134 -28.06 40.90 -4.02
C GLU A 134 -27.70 40.37 -2.63
N ALA A 135 -27.32 39.10 -2.53
CA ALA A 135 -26.89 38.57 -1.24
C ALA A 135 -25.62 39.27 -0.75
N ALA A 136 -24.67 39.51 -1.64
CA ALA A 136 -23.46 40.24 -1.26
C ALA A 136 -23.78 41.64 -0.78
N ASN A 137 -24.74 42.31 -1.44
CA ASN A 137 -25.15 43.64 -1.00
C ASN A 137 -25.84 43.59 0.36
N LEU A 138 -26.62 42.54 0.62
CA LEU A 138 -27.17 42.34 1.95
C LEU A 138 -26.07 42.19 2.99
N LEU A 139 -25.02 41.46 2.66
CA LEU A 139 -23.87 41.31 3.56
C LEU A 139 -23.02 42.58 3.64
N LEU A 140 -23.22 43.52 2.74
CA LEU A 140 -22.41 44.72 2.68
C LEU A 140 -23.04 45.91 3.39
N GLN A 141 -24.29 45.81 3.82
CA GLN A 141 -24.99 46.98 4.33
C GLN A 141 -25.44 46.78 5.78
N ALA A 142 -25.92 45.58 6.11
CA ALA A 142 -26.49 45.35 7.43
C ALA A 142 -25.42 45.37 8.51
N GLN A 143 -25.86 45.72 9.72
CA GLN A 143 -25.00 45.76 10.90
C GLN A 143 -25.39 44.64 11.85
N LEU A 144 -24.38 44.07 12.52
CA LEU A 144 -24.58 42.88 13.31
C LEU A 144 -24.39 43.17 14.80
N PRO A 145 -25.27 42.63 15.66
CA PRO A 145 -25.04 42.76 17.10
C PRO A 145 -23.78 42.03 17.51
N PRO A 146 -23.13 42.45 18.60
CA PRO A 146 -21.87 41.83 18.99
C PRO A 146 -22.06 40.37 19.40
N LYS A 147 -20.97 39.62 19.31
CA LYS A 147 -21.05 38.19 19.56
C LYS A 147 -21.49 37.93 21.00
N PRO A 148 -22.32 36.93 21.24
CA PRO A 148 -22.81 36.69 22.59
C PRO A 148 -21.67 36.24 23.50
N PRO A 149 -21.78 36.50 24.80
CA PRO A 149 -20.68 36.15 25.71
C PRO A 149 -20.60 34.66 26.02
N ALA A 150 -21.75 33.98 26.02
CA ALA A 150 -21.83 32.58 26.40
C ALA A 150 -22.42 31.78 25.25
N TRP A 151 -21.57 30.95 24.61
CA TRP A 151 -22.01 30.11 23.51
C TRP A 151 -22.80 28.92 24.04
N ALA A 152 -23.54 28.28 23.14
CA ALA A 152 -24.42 27.18 23.49
C ALA A 152 -23.69 25.86 23.36
N TRP A 153 -23.80 25.03 24.38
CA TRP A 153 -23.23 23.68 24.37
C TRP A 153 -24.32 22.69 23.95
N ALA A 154 -24.70 22.80 22.68
CA ALA A 154 -25.82 22.02 22.15
C ALA A 154 -25.44 21.43 20.80
N GLU A 155 -26.13 20.36 20.43
CA GLU A 155 -25.92 19.70 19.16
C GLU A 155 -26.87 20.28 18.11
N GLY A 156 -26.31 20.68 16.97
CA GLY A 156 -27.11 21.23 15.90
C GLY A 156 -26.83 22.70 15.64
N TRP A 157 -27.86 23.45 15.27
CA TRP A 157 -27.74 24.86 14.97
C TRP A 157 -28.38 25.71 16.06
N THR A 158 -27.73 26.80 16.42
CA THR A 158 -28.22 27.72 17.44
C THR A 158 -28.18 29.14 16.91
N ARG A 159 -29.26 29.89 17.16
CA ARG A 159 -29.40 31.26 16.69
C ARG A 159 -29.40 32.20 17.89
N TYR A 160 -28.48 33.15 17.90
CA TYR A 160 -28.31 34.08 19.01
C TYR A 160 -29.04 35.38 18.69
N GLY A 161 -30.13 35.62 19.42
CA GLY A 161 -30.88 36.85 19.26
C GLY A 161 -30.29 37.98 20.06
N PRO A 162 -31.07 39.02 20.31
CA PRO A 162 -30.60 40.12 21.14
C PRO A 162 -30.37 39.67 22.57
N GLU A 163 -29.48 40.39 23.26
CA GLU A 163 -29.10 40.14 24.65
C GLU A 163 -28.35 38.82 24.83
N GLY A 164 -27.80 38.27 23.76
CA GLY A 164 -26.90 37.14 23.86
C GLY A 164 -27.54 35.79 24.07
N GLU A 165 -28.86 35.68 23.98
CA GLU A 165 -29.53 34.42 24.22
C GLU A 165 -29.22 33.44 23.09
N ALA A 166 -29.52 32.17 23.35
CA ALA A 166 -29.31 31.09 22.39
C ALA A 166 -30.63 30.38 22.12
N VAL A 167 -31.00 30.27 20.85
CA VAL A 167 -32.25 29.66 20.43
C VAL A 167 -31.92 28.51 19.48
N PRO A 168 -32.48 27.32 19.68
CA PRO A 168 -32.19 26.21 18.76
C PRO A 168 -32.93 26.41 17.43
N VAL A 169 -32.21 26.19 16.33
CA VAL A 169 -32.78 26.28 14.99
C VAL A 169 -32.31 25.08 14.18
N ALA A 170 -33.04 24.81 13.10
CA ALA A 170 -32.66 23.72 12.20
C ALA A 170 -31.59 24.16 11.21
N ILE A 171 -31.79 25.31 10.57
CA ILE A 171 -30.82 25.86 9.62
C ILE A 171 -30.72 27.36 9.82
N PRO A 172 -29.61 27.96 9.40
CA PRO A 172 -29.48 29.42 9.48
C PRO A 172 -30.54 30.19 8.71
N GLU A 173 -31.14 29.59 7.68
CA GLU A 173 -32.21 30.18 6.87
C GLU A 173 -31.94 31.65 6.53
N GLU A 174 -30.82 31.86 5.85
CA GLU A 174 -30.43 33.18 5.38
C GLU A 174 -29.91 33.10 3.96
N ARG A 175 -30.08 34.19 3.21
CA ARG A 175 -29.61 34.23 1.83
C ARG A 175 -28.10 34.37 1.77
N ALA A 176 -27.53 35.22 2.63
CA ALA A 176 -26.10 35.49 2.64
C ALA A 176 -25.54 35.17 4.01
N LEU A 177 -24.35 34.58 4.02
CA LEU A 177 -23.69 34.22 5.27
C LEU A 177 -22.19 34.35 5.11
N VAL A 178 -21.51 34.47 6.24
CA VAL A 178 -20.07 34.26 6.34
C VAL A 178 -19.86 33.04 7.22
N PHE A 179 -19.10 32.07 6.73
CA PHE A 179 -19.03 30.74 7.31
C PHE A 179 -17.60 30.39 7.64
N ASP A 180 -17.41 29.70 8.76
CA ASP A 180 -16.10 29.18 9.15
C ASP A 180 -16.30 27.84 9.84
N VAL A 181 -15.44 26.89 9.50
CA VAL A 181 -15.56 25.51 9.98
C VAL A 181 -14.29 25.14 10.73
N GLU A 182 -14.47 24.55 11.92
CA GLU A 182 -13.37 24.03 12.73
C GLU A 182 -13.44 22.51 12.74
N VAL A 183 -12.31 21.86 12.47
CA VAL A 183 -12.23 20.41 12.36
C VAL A 183 -11.09 19.92 13.23
N CYS A 184 -11.37 18.90 14.05
CA CYS A 184 -10.33 18.26 14.84
C CYS A 184 -9.57 17.26 13.99
N LEU A 185 -8.29 17.52 13.76
CA LEU A 185 -7.50 16.68 12.87
C LEU A 185 -7.21 15.31 13.47
N ALA A 186 -7.37 15.15 14.78
CA ALA A 186 -7.14 13.86 15.41
C ALA A 186 -8.28 12.88 15.16
N GLU A 187 -9.51 13.37 15.06
CA GLU A 187 -10.67 12.52 14.82
C GLU A 187 -10.96 12.32 13.34
N GLY A 188 -10.20 12.94 12.44
CA GLY A 188 -10.34 12.72 11.01
C GLY A 188 -10.80 13.96 10.28
N THR A 189 -11.70 13.77 9.33
CA THR A 189 -12.18 14.83 8.46
C THR A 189 -13.58 15.31 8.81
N CYS A 190 -14.18 14.81 9.87
CA CYS A 190 -15.51 15.25 10.23
C CYS A 190 -15.45 16.65 10.84
N PRO A 191 -16.40 17.52 10.50
CA PRO A 191 -16.44 18.85 11.13
C PRO A 191 -16.75 18.77 12.62
N THR A 192 -16.23 19.73 13.37
CA THR A 192 -16.38 19.77 14.82
C THR A 192 -17.33 20.89 15.26
N LEU A 193 -17.03 22.14 14.92
CA LEU A 193 -17.91 23.26 15.24
C LEU A 193 -17.75 24.35 14.19
N ALA A 194 -18.76 25.19 14.08
CA ALA A 194 -18.80 26.23 13.06
C ALA A 194 -19.57 27.43 13.58
N VAL A 195 -19.13 28.62 13.17
CA VAL A 195 -19.79 29.88 13.50
C VAL A 195 -20.10 30.61 12.19
N ALA A 196 -21.36 31.00 12.03
CA ALA A 196 -21.83 31.64 10.80
C ALA A 196 -22.39 33.02 11.11
N ILE A 197 -22.05 33.99 10.27
CA ILE A 197 -22.51 35.37 10.42
C ILE A 197 -23.57 35.65 9.36
N SER A 198 -24.74 36.01 9.81
CA SER A 198 -25.84 36.48 9.00
C SER A 198 -25.96 37.99 9.12
N PRO A 199 -26.56 38.65 8.13
CA PRO A 199 -26.76 40.10 8.24
C PRO A 199 -27.71 40.50 9.37
N SER A 200 -28.18 39.53 10.13
CA SER A 200 -29.11 39.80 11.21
C SER A 200 -28.66 39.27 12.57
N ALA A 201 -28.02 38.11 12.62
CA ALA A 201 -27.73 37.45 13.89
C ALA A 201 -26.43 36.66 13.79
N TRP A 202 -26.08 36.02 14.90
CA TRP A 202 -24.97 35.08 14.97
C TRP A 202 -25.51 33.65 15.00
N TYR A 203 -24.73 32.73 14.44
CA TYR A 203 -25.11 31.32 14.38
C TYR A 203 -23.94 30.46 14.83
N SER A 204 -24.26 29.37 15.53
CA SER A 204 -23.27 28.45 16.06
C SER A 204 -23.72 27.01 15.82
N TRP A 205 -22.76 26.15 15.50
CA TRP A 205 -23.03 24.74 15.21
C TRP A 205 -22.00 23.87 15.93
N CYS A 206 -22.47 22.77 16.52
CA CYS A 206 -21.61 21.81 17.19
C CYS A 206 -22.01 20.41 16.77
N SER A 207 -21.01 19.57 16.50
CA SER A 207 -21.26 18.20 16.09
C SER A 207 -21.60 17.33 17.30
N GLN A 208 -22.25 16.20 17.03
CA GLN A 208 -22.52 15.24 18.10
C GLN A 208 -21.26 14.49 18.51
N ARG A 209 -20.22 14.53 17.70
CA ARG A 209 -18.90 14.07 18.11
C ARG A 209 -18.20 15.04 19.05
N LEU A 210 -18.89 16.11 19.45
CA LEU A 210 -18.39 17.05 20.45
C LEU A 210 -19.27 17.07 21.69
N VAL A 211 -20.58 17.19 21.52
CA VAL A 211 -21.48 17.13 22.67
C VAL A 211 -21.44 15.75 23.32
N GLU A 212 -21.46 14.70 22.51
CA GLU A 212 -21.47 13.33 23.01
C GLU A 212 -20.09 12.69 22.83
N GLU A 213 -19.77 11.78 23.74
CA GLU A 213 -18.55 10.98 23.66
C GLU A 213 -18.94 9.52 23.58
N ARG A 214 -18.40 8.82 22.58
CA ARG A 214 -18.65 7.41 22.39
C ARG A 214 -17.33 6.69 22.15
N TYR A 215 -17.36 5.37 22.31
CA TYR A 215 -16.14 4.58 22.15
C TYR A 215 -15.62 4.63 20.72
N SER A 216 -16.52 4.52 19.73
CA SER A 216 -16.10 4.49 18.34
C SER A 216 -17.06 5.29 17.47
N TRP A 217 -16.51 6.11 16.59
CA TRP A 217 -17.25 6.81 15.56
C TRP A 217 -16.87 6.23 14.20
N THR A 218 -17.84 6.21 13.28
CA THR A 218 -17.62 5.63 11.96
C THR A 218 -16.52 6.39 11.23
N SER A 219 -15.60 5.64 10.62
CA SER A 219 -14.57 6.26 9.81
C SER A 219 -15.10 6.68 8.44
N GLN A 220 -16.13 6.00 7.94
CA GLN A 220 -16.74 6.37 6.67
C GLN A 220 -17.72 7.50 6.88
N LEU A 221 -17.43 8.66 6.29
CA LEU A 221 -18.30 9.82 6.47
C LEU A 221 -19.56 9.70 5.63
N SER A 222 -20.61 10.32 6.11
CA SER A 222 -21.94 10.33 5.52
C SER A 222 -22.45 11.76 5.51
N PRO A 223 -23.45 12.07 4.69
CA PRO A 223 -24.09 13.39 4.79
C PRO A 223 -24.60 13.72 6.18
N ALA A 224 -25.07 12.74 6.94
CA ALA A 224 -25.55 12.99 8.29
C ALA A 224 -24.45 13.41 9.24
N ASP A 225 -23.18 13.22 8.88
CA ASP A 225 -22.07 13.68 9.70
C ASP A 225 -21.60 15.08 9.34
N LEU A 226 -22.29 15.76 8.43
CA LEU A 226 -21.87 17.06 7.92
C LEU A 226 -22.78 18.16 8.45
N ILE A 227 -22.46 19.39 8.05
CA ILE A 227 -23.12 20.60 8.57
C ILE A 227 -24.32 20.89 7.68
N PRO A 228 -25.54 20.90 8.23
CA PRO A 228 -26.71 21.16 7.38
C PRO A 228 -26.84 22.63 7.00
N LEU A 229 -27.21 22.86 5.75
CA LEU A 229 -27.51 24.17 5.21
C LEU A 229 -28.58 23.98 4.13
N GLU A 230 -28.77 24.99 3.29
CA GLU A 230 -29.71 24.93 2.18
C GLU A 230 -31.12 24.58 2.63
N GLU A 245 -31.52 30.07 -3.67
CA GLU A 245 -30.59 31.06 -4.16
C GLU A 245 -29.81 31.68 -3.01
N GLN A 246 -28.75 31.01 -2.57
CA GLN A 246 -28.00 31.38 -1.39
C GLN A 246 -26.53 31.61 -1.72
N LEU A 247 -25.93 32.56 -1.00
CA LEU A 247 -24.52 32.87 -1.10
C LEU A 247 -23.86 32.62 0.24
N VAL A 248 -22.72 31.93 0.23
CA VAL A 248 -21.95 31.68 1.44
C VAL A 248 -20.55 32.24 1.21
N VAL A 249 -20.14 33.16 2.06
CA VAL A 249 -18.84 33.79 1.98
C VAL A 249 -17.94 33.19 3.04
N GLY A 250 -16.65 33.12 2.73
CA GLY A 250 -15.69 32.66 3.71
C GLY A 250 -14.28 32.90 3.22
N HIS A 251 -13.34 32.56 4.08
CA HIS A 251 -11.92 32.55 3.74
C HIS A 251 -11.52 31.10 3.52
N ASN A 252 -11.15 30.77 2.29
CA ASN A 252 -10.95 29.39 1.86
C ASN A 252 -12.26 28.60 2.03
N VAL A 253 -13.31 29.09 1.37
CA VAL A 253 -14.65 28.55 1.53
C VAL A 253 -14.72 27.11 1.08
N SER A 254 -13.86 26.72 0.14
CA SER A 254 -13.88 25.35 -0.37
C SER A 254 -13.67 24.34 0.75
N PHE A 255 -12.87 24.69 1.75
CA PHE A 255 -12.76 23.85 2.94
C PHE A 255 -14.09 23.77 3.66
N ASP A 256 -14.78 24.90 3.79
CA ASP A 256 -16.08 24.93 4.46
C ASP A 256 -17.19 24.38 3.59
N ARG A 257 -17.05 24.50 2.27
CA ARG A 257 -18.01 23.87 1.36
C ARG A 257 -17.98 22.35 1.51
N ALA A 258 -16.78 21.78 1.67
CA ALA A 258 -16.63 20.34 1.78
C ALA A 258 -17.34 19.77 2.99
N HIS A 259 -17.71 20.60 3.95
CA HIS A 259 -18.34 20.16 5.19
C HIS A 259 -19.82 20.46 5.23
N ILE A 260 -20.43 20.78 4.10
CA ILE A 260 -21.87 21.07 4.03
C ILE A 260 -22.59 19.81 3.57
N ARG A 261 -23.67 19.47 4.27
CA ARG A 261 -24.33 18.19 4.06
C ARG A 261 -24.92 18.06 2.65
N GLU A 262 -25.55 19.12 2.16
CA GLU A 262 -26.30 19.04 0.91
C GLU A 262 -25.42 19.22 -0.33
N GLN A 263 -24.13 19.48 -0.14
CA GLN A 263 -23.27 19.74 -1.29
C GLN A 263 -22.91 18.47 -2.05
N TYR A 264 -22.95 17.32 -1.39
CA TYR A 264 -22.49 16.07 -1.99
C TYR A 264 -23.57 15.37 -2.79
N LEU A 265 -24.79 15.92 -2.85
CA LEU A 265 -25.83 15.33 -3.66
C LEU A 265 -25.47 15.39 -5.14
N ILE A 266 -25.84 14.34 -5.88
CA ILE A 266 -25.50 14.28 -7.30
C ILE A 266 -26.24 15.38 -8.07
N GLN A 267 -27.51 15.59 -7.76
CA GLN A 267 -28.23 16.72 -8.34
C GLN A 267 -27.65 18.02 -7.80
N GLY A 268 -27.62 19.04 -8.66
CA GLY A 268 -27.00 20.29 -8.29
C GLY A 268 -27.82 21.08 -7.29
N SER A 269 -27.18 22.10 -6.73
CA SER A 269 -27.81 23.01 -5.79
C SER A 269 -27.50 24.44 -6.20
N ARG A 270 -28.42 25.35 -5.88
CA ARG A 270 -28.29 26.74 -6.29
C ARG A 270 -27.35 27.55 -5.40
N MET A 271 -26.84 26.97 -4.32
CA MET A 271 -25.96 27.71 -3.43
C MET A 271 -24.60 27.94 -4.09
N ARG A 272 -24.12 29.17 -4.02
CA ARG A 272 -22.82 29.56 -4.55
C ARG A 272 -21.95 30.08 -3.41
N PHE A 273 -20.65 30.14 -3.67
CA PHE A 273 -19.67 30.47 -2.65
C PHE A 273 -18.72 31.55 -3.15
N LEU A 274 -18.43 32.51 -2.29
CA LEU A 274 -17.49 33.60 -2.58
C LEU A 274 -16.34 33.53 -1.60
N ASP A 275 -15.12 33.63 -2.10
CA ASP A 275 -13.91 33.42 -1.32
C ASP A 275 -13.12 34.71 -1.18
N THR A 276 -12.60 34.95 0.02
CA THR A 276 -11.83 36.15 0.28
C THR A 276 -10.41 36.06 -0.26
N MET A 277 -9.81 34.87 -0.26
CA MET A 277 -8.50 34.71 -0.91
C MET A 277 -8.61 34.97 -2.41
N SER A 278 -9.69 34.49 -3.04
CA SER A 278 -9.87 34.67 -4.47
C SER A 278 -10.01 36.16 -4.81
N MET A 279 -10.85 36.88 -4.08
CA MET A 279 -11.01 38.30 -4.34
C MET A 279 -9.74 39.08 -3.99
N HIS A 280 -9.00 38.63 -2.97
CA HIS A 280 -7.74 39.28 -2.66
C HIS A 280 -6.75 39.11 -3.80
N MET A 281 -6.69 37.92 -4.40
CA MET A 281 -5.80 37.73 -5.54
C MET A 281 -6.29 38.52 -6.76
N ALA A 282 -7.60 38.68 -6.90
CA ALA A 282 -8.13 39.49 -7.99
C ALA A 282 -7.78 40.97 -7.81
N ILE A 283 -7.82 41.47 -6.59
CA ILE A 283 -7.67 42.90 -6.34
C ILE A 283 -6.22 43.29 -6.09
N SER A 284 -5.63 42.75 -5.02
CA SER A 284 -4.30 43.14 -4.59
C SER A 284 -3.40 41.93 -4.39
N GLY A 285 -3.54 40.93 -5.25
CA GLY A 285 -2.85 39.68 -5.07
C GLY A 285 -1.35 39.80 -5.30
N LEU A 286 -0.65 38.76 -4.89
CA LEU A 286 0.80 38.69 -4.99
C LEU A 286 1.23 37.40 -5.67
N SER A 287 2.31 37.49 -6.45
CA SER A 287 2.93 36.32 -7.03
C SER A 287 3.70 35.54 -5.97
N SER A 288 4.11 34.33 -6.33
CA SER A 288 4.85 33.48 -5.39
C SER A 288 6.17 34.14 -5.00
N PHE A 289 6.92 34.63 -6.01
CA PHE A 289 8.11 35.41 -5.71
C PHE A 289 7.76 36.66 -4.94
N GLN A 290 6.63 37.29 -5.28
CA GLN A 290 6.17 38.45 -4.55
C GLN A 290 5.83 38.10 -3.10
N ARG A 291 5.21 36.94 -2.88
CA ARG A 291 4.92 36.52 -1.51
C ARG A 291 6.20 36.29 -0.72
N SER A 292 7.20 35.64 -1.33
CA SER A 292 8.47 35.44 -0.66
C SER A 292 9.11 36.77 -0.29
N LEU A 293 9.17 37.71 -1.23
CA LEU A 293 9.77 39.01 -0.95
C LEU A 293 8.99 39.77 0.11
N TRP A 294 7.66 39.68 0.07
CA TRP A 294 6.82 40.39 1.03
C TRP A 294 7.01 39.85 2.43
N ILE A 295 7.07 38.52 2.58
CA ILE A 295 7.29 37.93 3.89
C ILE A 295 8.70 38.26 4.40
N ALA A 296 9.68 38.29 3.50
CA ALA A 296 11.03 38.68 3.90
C ALA A 296 11.07 40.14 4.37
N ALA A 297 10.30 40.99 3.71
CA ALA A 297 10.25 42.39 4.10
C ALA A 297 9.44 42.61 5.38
N LYS A 298 8.29 41.97 5.48
CA LYS A 298 7.47 42.08 6.68
C LYS A 298 8.29 41.66 7.88
N GLN A 299 9.33 40.86 7.66
CA GLN A 299 10.18 40.44 8.76
C GLN A 299 11.52 41.18 8.73
N ILE A 324 14.89 43.80 -6.03
CA ILE A 324 14.22 44.71 -6.93
C ILE A 324 14.27 46.13 -6.37
N SER A 325 14.12 47.12 -7.25
CA SER A 325 14.20 48.52 -6.86
C SER A 325 12.83 49.14 -6.58
N SER A 326 11.76 48.38 -6.70
CA SER A 326 10.41 48.88 -6.48
C SER A 326 9.82 48.20 -5.26
N TRP A 327 9.29 49.00 -4.32
CA TRP A 327 8.73 48.44 -3.10
C TRP A 327 7.42 49.11 -2.70
N ASP A 328 6.83 49.95 -3.54
CA ASP A 328 5.55 50.58 -3.22
C ASP A 328 4.40 49.59 -3.25
N TRP A 329 4.60 48.41 -3.83
CA TRP A 329 3.54 47.41 -3.90
C TRP A 329 3.31 46.71 -2.56
N LEU A 330 4.27 46.79 -1.64
CA LEU A 330 4.11 46.14 -0.34
C LEU A 330 2.95 46.72 0.44
N ASP A 331 2.79 48.05 0.40
CA ASP A 331 1.78 48.72 1.19
C ASP A 331 0.37 48.51 0.68
N ILE A 332 0.19 47.91 -0.49
CA ILE A 332 -1.13 47.72 -1.07
C ILE A 332 -1.35 46.25 -1.40
N SER A 333 -0.72 45.36 -0.64
CA SER A 333 -0.82 43.93 -0.90
C SER A 333 -0.56 43.17 0.39
N SER A 334 -0.95 41.90 0.39
CA SER A 334 -0.73 41.02 1.54
C SER A 334 -0.80 39.57 1.06
N VAL A 335 -0.32 38.67 1.92
CA VAL A 335 -0.42 37.23 1.68
C VAL A 335 -1.85 36.80 2.01
N ASN A 336 -2.22 35.59 1.60
CA ASN A 336 -3.60 35.10 1.66
C ASN A 336 -4.06 34.80 3.08
N SER A 337 -3.21 34.95 4.09
CA SER A 337 -3.63 34.69 5.46
C SER A 337 -4.67 35.72 5.91
N LEU A 338 -5.64 35.26 6.69
CA LEU A 338 -6.77 36.12 7.07
C LEU A 338 -6.30 37.32 7.88
N ALA A 339 -5.32 37.12 8.76
CA ALA A 339 -4.81 38.25 9.55
C ALA A 339 -4.18 39.31 8.65
N GLU A 340 -3.39 38.86 7.68
CA GLU A 340 -2.72 39.78 6.76
C GLU A 340 -3.70 40.50 5.86
N VAL A 341 -4.75 39.84 5.44
CA VAL A 341 -5.78 40.46 4.61
C VAL A 341 -6.59 41.46 5.42
N HIS A 342 -6.93 41.12 6.66
CA HIS A 342 -7.65 42.05 7.52
C HIS A 342 -6.82 43.29 7.79
N ARG A 343 -5.52 43.13 8.00
CA ARG A 343 -4.70 44.29 8.19
C ARG A 343 -4.72 45.13 6.93
N LEU A 344 -4.57 44.49 5.77
CA LEU A 344 -4.48 45.25 4.52
C LEU A 344 -5.73 46.06 4.25
N TYR A 345 -6.90 45.45 4.41
CA TYR A 345 -8.11 46.14 3.98
C TYR A 345 -8.79 46.92 5.10
N VAL A 346 -9.02 46.30 6.25
CA VAL A 346 -9.79 46.96 7.30
C VAL A 346 -8.89 47.66 8.33
N GLY A 347 -7.69 47.13 8.56
CA GLY A 347 -6.86 47.72 9.60
C GLY A 347 -7.42 47.41 10.99
N GLY A 348 -7.04 48.27 11.94
CA GLY A 348 -7.50 48.14 13.29
C GLY A 348 -6.60 47.26 14.14
N PRO A 349 -7.14 46.78 15.27
CA PRO A 349 -6.33 45.94 16.14
C PRO A 349 -5.94 44.66 15.45
N PRO A 350 -4.75 44.13 15.74
CA PRO A 350 -4.32 42.88 15.09
C PRO A 350 -5.23 41.71 15.43
N LEU A 351 -5.31 40.77 14.50
CA LEU A 351 -6.11 39.56 14.68
C LEU A 351 -5.26 38.49 15.36
N GLU A 352 -5.81 37.87 16.40
CA GLU A 352 -5.06 36.95 17.25
C GLU A 352 -5.56 35.53 17.06
N LYS A 353 -4.64 34.58 17.06
CA LYS A 353 -4.92 33.16 16.89
C LYS A 353 -4.75 32.43 18.22
N GLU A 354 -5.45 31.31 18.37
CA GLU A 354 -5.33 30.49 19.56
C GLU A 354 -3.89 30.01 19.71
N PRO A 355 -3.23 30.29 20.83
CA PRO A 355 -1.81 29.90 20.96
C PRO A 355 -1.58 28.40 20.90
N ARG A 356 -2.54 27.60 21.36
CA ARG A 356 -2.33 26.16 21.52
C ARG A 356 -2.57 25.38 20.23
N GLU A 357 -3.40 25.91 19.32
CA GLU A 357 -3.76 25.23 18.08
C GLU A 357 -4.40 23.87 18.38
N LEU A 358 -5.52 23.91 19.09
CA LEU A 358 -6.15 22.68 19.55
C LEU A 358 -6.71 21.86 18.39
N PHE A 359 -7.33 22.51 17.42
CA PHE A 359 -8.01 21.77 16.36
C PHE A 359 -7.05 21.04 15.43
N VAL A 360 -5.76 21.33 15.50
CA VAL A 360 -4.76 20.66 14.69
C VAL A 360 -3.90 19.71 15.52
N LYS A 361 -3.47 20.14 16.70
CA LYS A 361 -2.60 19.33 17.54
C LYS A 361 -3.31 18.67 18.71
N GLY A 362 -4.37 19.28 19.23
CA GLY A 362 -5.05 18.77 20.40
C GLY A 362 -6.00 17.63 20.07
N THR A 363 -6.65 17.14 21.12
CA THR A 363 -7.61 16.05 21.03
C THR A 363 -9.00 16.56 21.34
N MET A 364 -9.98 15.66 21.24
CA MET A 364 -11.37 16.05 21.44
C MET A 364 -11.64 16.46 22.88
N LYS A 365 -10.93 15.85 23.84
CA LYS A 365 -11.07 16.25 25.23
C LYS A 365 -10.63 17.69 25.43
N ASP A 366 -9.54 18.10 24.78
CA ASP A 366 -9.12 19.49 24.84
C ASP A 366 -10.19 20.41 24.29
N ILE A 367 -10.85 19.99 23.22
CA ILE A 367 -11.89 20.82 22.61
C ILE A 367 -13.08 20.96 23.54
N ARG A 368 -13.47 19.87 24.19
CA ARG A 368 -14.57 19.96 25.15
C ARG A 368 -14.21 20.83 26.34
N GLU A 369 -12.96 20.75 26.80
CA GLU A 369 -12.52 21.59 27.91
C GLU A 369 -12.48 23.06 27.51
N ASN A 370 -11.98 23.36 26.31
CA ASN A 370 -11.75 24.73 25.86
C ASN A 370 -12.80 25.19 24.86
N PHE A 371 -14.07 24.81 25.06
CA PHE A 371 -15.09 25.12 24.07
C PHE A 371 -15.29 26.62 23.89
N GLN A 372 -15.33 27.37 25.00
CA GLN A 372 -15.65 28.80 24.91
C GLN A 372 -14.56 29.57 24.17
N ASP A 373 -13.29 29.30 24.47
CA ASP A 373 -12.21 30.00 23.80
C ASP A 373 -12.22 29.72 22.30
N LEU A 374 -12.37 28.46 21.92
CA LEU A 374 -12.33 28.10 20.51
C LEU A 374 -13.53 28.67 19.76
N MET A 375 -14.71 28.65 20.38
CA MET A 375 -15.87 29.26 19.76
C MET A 375 -15.69 30.76 19.58
N GLN A 376 -15.09 31.43 20.57
CA GLN A 376 -14.84 32.86 20.45
C GLN A 376 -13.84 33.14 19.35
N TYR A 377 -12.80 32.31 19.20
CA TYR A 377 -11.84 32.49 18.12
C TYR A 377 -12.50 32.30 16.76
N CYS A 378 -13.39 31.31 16.64
CA CYS A 378 -14.14 31.12 15.41
C CYS A 378 -14.98 32.35 15.09
N ALA A 379 -15.64 32.91 16.10
CA ALA A 379 -16.42 34.13 15.91
C ALA A 379 -15.54 35.29 15.47
N GLN A 380 -14.34 35.40 16.06
CA GLN A 380 -13.40 36.43 15.66
C GLN A 380 -13.01 36.29 14.19
N ASP A 381 -12.71 35.07 13.76
CA ASP A 381 -12.32 34.85 12.36
C ASP A 381 -13.46 35.18 11.41
N VAL A 382 -14.69 34.76 11.75
CA VAL A 382 -15.80 35.03 10.84
C VAL A 382 -16.10 36.53 10.79
N TRP A 383 -15.97 37.23 11.91
CA TRP A 383 -16.15 38.68 11.91
C TRP A 383 -15.08 39.37 11.07
N ALA A 384 -13.83 38.93 11.19
CA ALA A 384 -12.77 39.51 10.37
C ALA A 384 -13.02 39.28 8.89
N THR A 385 -13.50 38.08 8.54
CA THR A 385 -13.81 37.80 7.14
C THR A 385 -14.94 38.69 6.64
N HIS A 386 -15.97 38.92 7.46
CA HIS A 386 -17.04 39.82 7.08
C HIS A 386 -16.53 41.22 6.82
N GLU A 387 -15.70 41.73 7.73
CA GLU A 387 -15.16 43.07 7.57
C GLU A 387 -14.26 43.18 6.36
N VAL A 388 -13.52 42.13 6.02
CA VAL A 388 -12.67 42.15 4.83
C VAL A 388 -13.52 42.11 3.57
N PHE A 389 -14.57 41.29 3.55
CA PHE A 389 -15.45 41.20 2.39
C PHE A 389 -16.08 42.55 2.09
N GLN A 390 -16.49 43.27 3.15
CA GLN A 390 -17.06 44.60 2.94
C GLN A 390 -16.13 45.50 2.15
N GLN A 391 -14.84 45.48 2.45
CA GLN A 391 -13.89 46.31 1.73
C GLN A 391 -13.56 45.76 0.34
N GLN A 392 -13.52 44.43 0.20
CA GLN A 392 -13.06 43.85 -1.06
C GLN A 392 -14.12 43.91 -2.15
N LEU A 393 -15.40 43.72 -1.82
CA LEU A 393 -16.41 43.61 -2.87
C LEU A 393 -16.46 44.82 -3.79
N PRO A 394 -16.51 46.07 -3.31
CA PRO A 394 -16.50 47.20 -4.25
C PRO A 394 -15.23 47.30 -5.08
N LEU A 395 -14.06 47.06 -4.49
CA LEU A 395 -12.82 47.11 -5.26
C LEU A 395 -12.80 46.04 -6.34
N PHE A 396 -13.30 44.85 -6.01
CA PHE A 396 -13.37 43.78 -7.00
C PHE A 396 -14.33 44.12 -8.13
N LEU A 397 -15.52 44.62 -7.79
CA LEU A 397 -16.47 45.02 -8.83
C LEU A 397 -15.97 46.22 -9.64
N GLU A 398 -15.01 46.98 -9.10
CA GLU A 398 -14.43 48.08 -9.85
C GLU A 398 -13.36 47.59 -10.82
N ARG A 399 -12.40 46.80 -10.33
CA ARG A 399 -11.31 46.34 -11.19
C ARG A 399 -11.73 45.22 -12.14
N CYS A 400 -12.80 44.50 -11.83
CA CYS A 400 -13.30 43.40 -12.66
C CYS A 400 -14.78 43.66 -12.93
N PRO A 401 -15.09 44.58 -13.84
CA PRO A 401 -16.50 45.00 -14.01
C PRO A 401 -17.35 44.07 -14.84
N HIS A 402 -16.77 43.19 -15.64
CA HIS A 402 -17.57 42.33 -16.50
C HIS A 402 -18.32 41.30 -15.66
N PRO A 403 -19.63 41.14 -15.86
CA PRO A 403 -20.36 40.14 -15.05
C PRO A 403 -19.91 38.71 -15.29
N VAL A 404 -19.29 38.42 -16.44
CA VAL A 404 -18.84 37.08 -16.74
C VAL A 404 -17.77 36.64 -15.76
N THR A 405 -16.92 37.57 -15.31
CA THR A 405 -15.89 37.21 -14.35
C THR A 405 -16.49 36.68 -13.06
N LEU A 406 -17.46 37.40 -12.50
CA LEU A 406 -18.09 36.94 -11.27
C LEU A 406 -18.89 35.67 -11.48
N ALA A 407 -19.62 35.57 -12.60
CA ALA A 407 -20.41 34.36 -12.84
C ALA A 407 -19.51 33.14 -12.99
N GLY A 408 -18.39 33.28 -13.69
CA GLY A 408 -17.45 32.17 -13.81
C GLY A 408 -16.78 31.82 -12.50
N MET A 409 -16.40 32.83 -11.71
CA MET A 409 -15.82 32.55 -10.40
C MET A 409 -16.83 31.88 -9.48
N LEU A 410 -18.13 32.15 -9.68
CA LEU A 410 -19.15 31.43 -8.94
C LEU A 410 -19.29 29.99 -9.43
N GLU A 411 -19.23 29.79 -10.75
CA GLU A 411 -19.34 28.44 -11.29
C GLU A 411 -18.07 27.63 -11.10
N MET A 412 -16.91 28.28 -11.05
CA MET A 412 -15.65 27.57 -10.87
C MET A 412 -15.48 27.05 -9.45
N GLY A 413 -16.31 27.49 -8.50
CA GLY A 413 -16.19 27.05 -7.12
C GLY A 413 -17.20 26.01 -6.70
N VAL A 414 -17.83 25.33 -7.66
CA VAL A 414 -18.83 24.32 -7.36
C VAL A 414 -18.41 22.98 -7.97
N SER A 415 -17.11 22.73 -7.98
CA SER A 415 -16.57 21.49 -8.52
C SER A 415 -17.15 20.27 -7.80
N TYR A 416 -17.00 19.10 -8.44
CA TYR A 416 -17.65 17.88 -7.96
C TYR A 416 -17.01 16.68 -8.63
N LEU A 417 -16.57 15.72 -7.83
CA LEU A 417 -15.93 14.50 -8.34
C LEU A 417 -16.61 13.27 -7.74
N PRO A 418 -17.33 12.48 -8.54
CA PRO A 418 -17.97 11.28 -8.01
C PRO A 418 -17.02 10.10 -7.97
N VAL A 419 -17.19 9.26 -6.94
CA VAL A 419 -16.35 8.10 -6.70
C VAL A 419 -17.22 6.94 -6.26
N ASN A 420 -16.57 5.80 -5.99
CA ASN A 420 -17.26 4.58 -5.57
C ASN A 420 -16.30 3.73 -4.75
N GLN A 421 -16.68 2.46 -4.53
CA GLN A 421 -15.83 1.55 -3.78
C GLN A 421 -14.49 1.30 -4.45
N ASN A 422 -14.42 1.48 -5.77
CA ASN A 422 -13.15 1.42 -6.45
C ASN A 422 -12.17 2.45 -5.92
N TRP A 423 -12.65 3.54 -5.30
CA TRP A 423 -11.75 4.49 -4.67
C TRP A 423 -11.02 3.85 -3.49
N GLU A 424 -11.76 3.17 -2.63
CA GLU A 424 -11.14 2.47 -1.51
C GLU A 424 -10.20 1.39 -1.99
N ARG A 425 -10.62 0.63 -3.02
CA ARG A 425 -9.74 -0.40 -3.56
C ARG A 425 -8.48 0.20 -4.16
N TYR A 426 -8.60 1.34 -4.83
CA TYR A 426 -7.44 2.02 -5.40
C TYR A 426 -6.49 2.46 -4.30
N LEU A 427 -7.01 3.05 -3.23
CA LEU A 427 -6.14 3.47 -2.13
C LEU A 427 -5.40 2.28 -1.54
N ALA A 428 -6.13 1.18 -1.29
CA ALA A 428 -5.50 0.00 -0.70
C ALA A 428 -4.45 -0.59 -1.64
N GLU A 429 -4.77 -0.72 -2.92
CA GLU A 429 -3.84 -1.32 -3.87
C GLU A 429 -2.61 -0.45 -4.08
N ALA A 430 -2.80 0.87 -4.15
CA ALA A 430 -1.66 1.77 -4.34
C ALA A 430 -0.76 1.77 -3.12
N GLN A 431 -1.35 1.77 -1.92
CA GLN A 431 -0.54 1.70 -0.71
C GLN A 431 0.20 0.37 -0.62
N GLY A 432 -0.46 -0.73 -0.98
CA GLY A 432 0.21 -2.02 -0.98
C GLY A 432 1.37 -2.09 -1.95
N THR A 433 1.15 -1.59 -3.17
CA THR A 433 2.22 -1.59 -4.16
C THR A 433 3.38 -0.70 -3.72
N TYR A 434 3.06 0.46 -3.15
CA TYR A 434 4.10 1.35 -2.64
C TYR A 434 4.91 0.68 -1.54
N GLU A 435 4.22 -0.01 -0.62
CA GLU A 435 4.93 -0.69 0.46
C GLU A 435 5.78 -1.84 -0.07
N GLU A 436 5.27 -2.58 -1.06
CA GLU A 436 6.04 -3.68 -1.63
C GLU A 436 7.30 -3.17 -2.32
N LEU A 437 7.19 -2.11 -3.11
CA LEU A 437 8.38 -1.56 -3.74
C LEU A 437 9.31 -0.92 -2.72
N GLN A 438 8.76 -0.31 -1.68
CA GLN A 438 9.58 0.25 -0.61
C GLN A 438 10.40 -0.82 0.08
N ARG A 439 9.76 -1.96 0.36
CA ARG A 439 10.46 -3.05 0.99
C ARG A 439 11.52 -3.58 0.05
N GLU A 440 11.15 -3.74 -1.20
CA GLU A 440 12.10 -4.27 -2.18
C GLU A 440 13.35 -3.41 -2.25
N MET A 441 13.19 -2.08 -2.25
CA MET A 441 14.36 -1.20 -2.28
C MET A 441 15.12 -1.23 -0.97
N LYS A 442 14.39 -1.20 0.15
CA LYS A 442 15.04 -1.20 1.45
C LYS A 442 15.73 -2.51 1.76
N LYS A 443 15.30 -3.62 1.16
CA LYS A 443 16.04 -4.87 1.33
C LYS A 443 17.47 -4.72 0.82
N SER A 444 17.62 -4.20 -0.40
CA SER A 444 18.96 -3.99 -0.95
C SER A 444 19.73 -2.96 -0.14
N LEU A 445 19.05 -1.90 0.27
CA LEU A 445 19.68 -0.88 1.09
C LEU A 445 20.22 -1.45 2.38
N MET A 446 19.33 -2.02 3.18
CA MET A 446 19.72 -2.57 4.47
C MET A 446 20.83 -3.59 4.33
N ASP A 447 20.77 -4.41 3.28
CA ASP A 447 21.77 -5.43 3.09
C ASP A 447 23.17 -4.85 2.98
N LEU A 448 23.35 -3.85 2.12
CA LEU A 448 24.67 -3.27 1.92
C LEU A 448 25.19 -2.57 3.17
N THR A 449 24.31 -1.87 3.88
CA THR A 449 24.70 -1.19 5.10
C THR A 449 25.16 -2.19 6.13
N ASN A 450 24.39 -3.27 6.27
CA ASN A 450 24.74 -4.28 7.24
C ASN A 450 26.02 -4.94 6.80
N ASP A 451 26.32 -4.86 5.51
CA ASP A 451 27.53 -5.48 4.98
C ASP A 451 28.67 -4.50 4.87
N ALA A 452 28.49 -3.28 5.36
CA ALA A 452 29.55 -2.27 5.34
C ALA A 452 30.12 -2.07 6.72
N CYS A 453 29.42 -2.58 7.74
CA CYS A 453 29.89 -2.42 9.11
C CYS A 453 31.23 -3.09 9.36
N GLN A 454 31.67 -3.98 8.48
CA GLN A 454 32.96 -4.64 8.63
C GLN A 454 34.13 -3.71 8.39
N LEU A 455 33.91 -2.56 7.75
CA LEU A 455 34.98 -1.58 7.60
C LEU A 455 35.35 -0.95 8.94
N LEU A 456 34.46 -1.01 9.91
CA LEU A 456 34.79 -0.58 11.27
C LEU A 456 35.87 -1.46 11.87
N SER A 457 35.77 -2.77 11.66
CA SER A 457 36.77 -3.71 12.15
C SER A 457 38.09 -3.45 11.45
N GLY A 458 39.12 -3.10 12.20
CA GLY A 458 40.41 -2.85 11.64
C GLY A 458 40.62 -1.46 11.08
N GLU A 459 39.68 -0.55 11.28
CA GLU A 459 39.78 0.82 10.79
C GLU A 459 40.02 0.87 9.29
N ARG A 460 39.29 0.03 8.55
CA ARG A 460 39.46 -0.05 7.10
C ARG A 460 38.66 1.00 6.34
N TYR A 461 37.78 1.74 7.01
CA TYR A 461 36.99 2.75 6.32
C TYR A 461 37.86 3.88 5.77
N LYS A 462 39.03 4.11 6.36
CA LYS A 462 39.96 5.08 5.81
C LYS A 462 40.41 4.72 4.40
N GLU A 463 40.33 3.44 4.03
CA GLU A 463 40.65 2.99 2.69
C GLU A 463 39.44 2.85 1.80
N ASP A 464 38.25 3.20 2.29
CA ASP A 464 37.04 3.17 1.48
C ASP A 464 36.83 4.52 0.83
N PRO A 465 36.81 4.61 -0.50
CA PRO A 465 36.65 5.92 -1.16
C PRO A 465 35.35 6.62 -0.86
N TRP A 466 34.32 5.91 -0.41
CA TRP A 466 33.00 6.50 -0.19
C TRP A 466 32.74 6.85 1.28
N LEU A 467 32.85 5.87 2.17
CA LEU A 467 32.38 6.00 3.54
C LEU A 467 33.46 6.44 4.52
N TRP A 468 34.47 7.17 4.05
CA TRP A 468 35.54 7.60 4.94
C TRP A 468 35.11 8.76 5.84
N ASP A 469 34.20 9.62 5.37
CA ASP A 469 33.85 10.85 6.07
C ASP A 469 32.79 10.66 7.14
N LEU A 470 32.18 9.49 7.23
CA LEU A 470 31.06 9.29 8.15
C LEU A 470 31.57 9.03 9.56
N GLU A 471 30.64 8.98 10.51
CA GLU A 471 30.95 8.84 11.92
C GLU A 471 31.09 7.36 12.26
N TRP A 472 32.33 6.93 12.50
CA TRP A 472 32.62 5.55 12.88
C TRP A 472 32.86 5.39 14.38
N ASP A 473 32.78 6.46 15.15
CA ASP A 473 33.05 6.38 16.57
C ASP A 473 31.97 5.59 17.29
N LEU A 474 32.39 4.80 18.29
CA LEU A 474 31.48 3.98 19.07
C LEU A 474 31.33 4.54 20.48
N GLN A 475 30.13 4.38 21.04
CA GLN A 475 29.85 4.86 22.38
C GLN A 475 30.13 3.77 23.40
N GLU A 476 29.74 3.98 24.65
CA GLU A 476 29.90 3.01 25.71
C GLU A 476 28.60 2.89 26.49
N PHE A 477 28.36 1.69 27.03
CA PHE A 477 27.12 1.42 27.76
C PHE A 477 27.27 1.98 29.16
N LYS A 478 26.64 3.13 29.40
CA LYS A 478 26.78 3.83 30.67
C LYS A 478 25.85 3.26 31.71
N GLN A 479 26.38 3.09 32.93
CA GLN A 479 25.64 2.56 34.07
C GLN A 479 25.65 3.59 35.19
N LYS A 480 24.55 3.64 35.93
CA LYS A 480 24.43 4.55 37.08
C LYS A 480 25.52 4.30 38.10
N PRO A 514 19.56 -39.27 35.02
CA PRO A 514 18.12 -39.03 35.14
C PRO A 514 17.77 -38.34 36.45
N CYS A 515 16.60 -37.69 36.50
CA CYS A 515 16.15 -36.98 37.68
C CYS A 515 14.71 -37.33 37.97
N SER A 516 14.36 -37.35 39.26
CA SER A 516 13.00 -37.63 39.69
C SER A 516 12.10 -36.42 39.45
N GLU A 517 10.80 -36.62 39.66
CA GLU A 517 9.85 -35.53 39.46
C GLU A 517 10.11 -34.38 40.42
N GLU A 518 10.30 -34.69 41.70
CA GLU A 518 10.60 -33.65 42.68
C GLU A 518 11.92 -32.97 42.37
N GLU A 519 12.94 -33.74 42.00
CA GLU A 519 14.24 -33.16 41.69
C GLU A 519 14.16 -32.23 40.48
N GLU A 520 13.44 -32.67 39.43
CA GLU A 520 13.31 -31.83 38.25
C GLU A 520 12.53 -30.56 38.56
N PHE A 521 11.45 -30.68 39.34
CA PHE A 521 10.67 -29.49 39.70
C PHE A 521 11.51 -28.52 40.52
N GLN A 522 12.26 -29.03 41.48
CA GLN A 522 13.10 -28.17 42.30
C GLN A 522 14.18 -27.50 41.46
N GLN A 523 14.79 -28.23 40.53
CA GLN A 523 15.83 -27.63 39.70
C GLN A 523 15.26 -26.57 38.78
N ASP A 524 14.06 -26.82 38.24
CA ASP A 524 13.41 -25.81 37.41
C ASP A 524 13.12 -24.55 38.21
N VAL A 525 12.59 -24.70 39.43
CA VAL A 525 12.27 -23.54 40.24
C VAL A 525 13.54 -22.79 40.64
N MET A 526 14.61 -23.50 40.94
CA MET A 526 15.86 -22.84 41.30
C MET A 526 16.45 -22.09 40.11
N ALA A 527 16.45 -22.71 38.92
CA ALA A 527 16.97 -22.03 37.74
C ALA A 527 16.11 -20.83 37.37
N ARG A 528 14.82 -20.88 37.67
CA ARG A 528 13.96 -19.71 37.44
C ARG A 528 14.26 -18.60 38.44
N ALA A 529 14.40 -18.96 39.72
CA ALA A 529 14.67 -17.95 40.74
C ALA A 529 16.03 -17.31 40.56
N CYS A 530 17.00 -18.05 39.99
CA CYS A 530 18.31 -17.47 39.75
C CYS A 530 18.23 -16.24 38.86
N LEU A 531 17.44 -16.32 37.79
CA LEU A 531 17.23 -15.15 36.94
C LEU A 531 16.23 -14.17 37.54
N GLN A 532 15.25 -14.66 38.31
CA GLN A 532 14.30 -13.75 38.96
C GLN A 532 15.03 -12.78 39.88
N LYS A 533 16.07 -13.25 40.55
CA LYS A 533 16.93 -12.35 41.31
C LYS A 533 17.65 -11.38 40.38
N LEU A 534 18.12 -11.85 39.23
CA LEU A 534 18.83 -10.99 38.30
C LEU A 534 17.89 -10.03 37.58
N LYS A 535 16.63 -10.42 37.40
CA LYS A 535 15.68 -9.54 36.73
C LYS A 535 15.32 -8.30 37.54
N GLY A 536 15.69 -8.26 38.82
CA GLY A 536 15.42 -7.12 39.66
C GLY A 536 16.54 -6.12 39.79
N THR A 537 17.67 -6.33 39.13
CA THR A 537 18.81 -5.41 39.21
C THR A 537 18.71 -4.26 38.22
N THR A 538 17.50 -3.98 37.71
CA THR A 538 17.31 -2.90 36.74
C THR A 538 17.46 -1.52 37.34
N GLU A 539 17.56 -1.41 38.66
CA GLU A 539 17.64 -0.11 39.32
C GLU A 539 18.88 0.67 38.91
N LEU A 540 19.93 0.00 38.45
CA LEU A 540 21.16 0.65 38.06
C LEU A 540 21.16 1.10 36.60
N LEU A 541 20.03 0.98 35.92
CA LEU A 541 19.94 1.32 34.52
C LEU A 541 19.09 2.56 34.30
N PRO A 542 19.36 3.31 33.23
CA PRO A 542 18.52 4.48 32.92
C PRO A 542 17.11 4.06 32.51
N LYS A 543 16.19 5.02 32.65
CA LYS A 543 14.79 4.75 32.32
C LYS A 543 14.62 4.41 30.85
N ARG A 544 15.32 5.13 29.97
CA ARG A 544 15.29 4.87 28.54
C ARG A 544 16.65 4.38 28.07
N PRO A 545 16.71 3.19 27.45
CA PRO A 545 18.03 2.66 27.09
C PRO A 545 18.69 3.35 25.90
N GLN A 546 20.01 3.42 25.92
CA GLN A 546 20.73 4.02 24.81
C GLN A 546 20.43 3.27 23.53
N HIS A 547 20.25 4.01 22.43
CA HIS A 547 19.93 3.39 21.15
C HIS A 547 21.18 2.88 20.45
N LEU A 548 21.31 1.57 20.31
CA LEU A 548 22.42 0.98 19.61
C LEU A 548 23.74 1.66 19.92
N PRO A 549 24.13 1.64 21.19
CA PRO A 549 25.40 2.25 21.61
C PRO A 549 26.61 1.67 20.86
N GLY A 550 26.63 0.37 20.61
CA GLY A 550 27.77 -0.27 19.94
C GLY A 550 28.02 0.10 18.49
N HIS A 551 27.00 0.08 17.65
CA HIS A 551 27.16 0.41 16.24
C HIS A 551 27.58 1.83 16.00
N PRO A 552 28.19 2.12 14.85
CA PRO A 552 28.68 3.48 14.56
C PRO A 552 27.56 4.49 14.43
N GLY A 553 27.88 5.79 14.48
CA GLY A 553 26.86 6.81 14.43
C GLY A 553 26.02 6.77 13.17
N TRP A 554 26.66 6.54 12.03
CA TRP A 554 25.92 6.48 10.78
C TRP A 554 24.92 5.34 10.79
N TYR A 555 25.32 4.17 11.26
CA TYR A 555 24.40 3.04 11.35
C TYR A 555 23.31 3.37 12.34
N ARG A 556 23.69 4.01 13.44
CA ARG A 556 22.73 4.32 14.48
C ARG A 556 21.61 5.19 13.95
N LYS A 557 21.95 6.27 13.24
CA LYS A 557 20.92 7.19 12.76
C LYS A 557 19.91 6.50 11.86
N LEU A 558 20.32 5.44 11.18
CA LEU A 558 19.43 4.80 10.21
C LEU A 558 18.53 3.71 10.78
N CYS A 559 18.63 3.46 12.07
CA CYS A 559 17.77 2.46 12.69
C CYS A 559 16.66 3.11 13.51
N PRO A 560 15.43 2.67 13.28
CA PRO A 560 14.32 3.20 14.07
C PRO A 560 14.46 2.86 15.55
N ARG A 561 14.25 3.83 16.43
CA ARG A 561 14.35 3.60 17.87
C ARG A 561 13.30 2.62 18.34
N LEU A 562 13.55 1.96 19.47
CA LEU A 562 12.63 0.92 19.94
C LEU A 562 11.25 1.46 20.34
N ASP A 563 11.19 2.70 20.80
CA ASP A 563 9.92 3.29 21.22
C ASP A 563 9.06 3.67 20.03
N ASP A 564 9.68 3.82 18.86
CA ASP A 564 8.96 4.21 17.65
C ASP A 564 7.75 3.30 17.45
N PRO A 565 6.55 3.88 17.38
CA PRO A 565 5.35 3.04 17.26
C PRO A 565 5.53 2.03 16.15
N ALA A 566 5.89 2.50 14.97
CA ALA A 566 6.15 1.59 13.86
C ALA A 566 7.61 1.23 13.86
N TRP A 567 7.93 0.06 14.38
CA TRP A 567 9.31 -0.34 14.43
C TRP A 567 9.54 -1.54 13.56
N THR A 568 10.67 -1.53 12.85
CA THR A 568 11.02 -2.66 12.01
C THR A 568 12.52 -2.88 12.17
N PRO A 569 12.94 -4.15 12.19
CA PRO A 569 14.36 -4.41 12.43
C PRO A 569 15.30 -3.91 11.34
N GLY A 570 16.55 -3.65 11.69
CA GLY A 570 17.55 -3.23 10.73
C GLY A 570 17.56 -1.77 10.38
N PRO A 571 18.47 -1.36 9.49
CA PRO A 571 18.49 0.04 9.04
C PRO A 571 17.24 0.35 8.24
N SER A 572 16.08 0.43 8.90
CA SER A 572 14.82 0.65 8.21
C SER A 572 14.53 2.12 7.93
N LEU A 573 15.39 3.02 8.39
CA LEU A 573 15.26 4.45 8.10
C LEU A 573 16.20 4.91 6.99
N LEU A 574 16.49 4.03 6.04
CA LEU A 574 17.35 4.38 4.91
C LEU A 574 16.52 4.55 3.66
N SER A 575 16.89 5.53 2.85
CA SER A 575 16.18 5.83 1.61
C SER A 575 17.18 6.36 0.58
N LEU A 576 16.76 6.33 -0.68
CA LEU A 576 17.62 6.85 -1.74
C LEU A 576 17.82 8.35 -1.64
N GLN A 577 16.95 9.06 -0.92
CA GLN A 577 17.11 10.50 -0.74
C GLN A 577 18.14 10.86 0.31
N MET A 578 18.52 9.91 1.16
CA MET A 578 19.50 10.18 2.20
C MET A 578 20.85 10.51 1.58
N ARG A 579 21.59 11.38 2.25
CA ARG A 579 22.90 11.80 1.77
C ARG A 579 23.96 10.70 1.90
N VAL A 580 23.65 9.60 2.57
CA VAL A 580 24.58 8.50 2.70
C VAL A 580 24.36 7.39 1.67
N THR A 581 23.17 7.31 1.08
CA THR A 581 22.84 6.19 0.20
C THR A 581 23.75 6.09 -1.02
N PRO A 582 24.03 7.16 -1.77
CA PRO A 582 24.94 7.02 -2.90
C PRO A 582 26.32 6.53 -2.51
N LYS A 583 26.80 6.91 -1.32
CA LYS A 583 28.08 6.37 -0.85
C LYS A 583 27.95 4.90 -0.48
N LEU A 584 26.81 4.51 0.06
CA LEU A 584 26.58 3.12 0.40
C LEU A 584 26.51 2.28 -0.86
N MET A 585 25.77 2.74 -1.87
CA MET A 585 25.66 2.03 -3.14
C MET A 585 26.84 2.31 -4.06
N ALA A 586 27.81 3.11 -3.61
CA ALA A 586 29.08 3.31 -4.30
C ALA A 586 28.87 3.78 -5.74
N LEU A 587 28.00 4.76 -5.92
CA LEU A 587 27.71 5.26 -7.25
C LEU A 587 28.92 6.01 -7.80
N THR A 588 29.22 5.78 -9.07
CA THR A 588 30.34 6.41 -9.75
C THR A 588 29.86 7.10 -11.01
N TRP A 589 30.39 8.29 -11.27
CA TRP A 589 30.09 9.03 -12.50
C TRP A 589 31.34 9.07 -13.35
N ASP A 590 31.31 8.36 -14.49
CA ASP A 590 32.47 8.15 -15.35
C ASP A 590 33.59 7.42 -14.60
N GLY A 591 33.21 6.57 -13.64
CA GLY A 591 34.17 5.84 -12.84
C GLY A 591 34.66 6.56 -11.61
N PHE A 592 34.27 7.82 -11.41
CA PHE A 592 34.70 8.60 -10.25
C PHE A 592 33.66 8.52 -9.15
N PRO A 593 34.05 8.24 -7.91
CA PRO A 593 33.07 8.13 -6.82
C PRO A 593 32.33 9.44 -6.60
N LEU A 594 31.04 9.33 -6.28
CA LEU A 594 30.25 10.52 -6.00
C LEU A 594 30.63 11.12 -4.65
N HIS A 595 30.80 12.43 -4.62
CA HIS A 595 31.16 13.17 -3.42
C HIS A 595 30.19 14.34 -3.25
N TYR A 596 29.81 14.62 -2.01
CA TYR A 596 28.83 15.65 -1.72
C TYR A 596 29.53 16.88 -1.17
N SER A 597 29.25 18.04 -1.78
CA SER A 597 29.74 19.32 -1.31
C SER A 597 28.54 20.14 -0.85
N GLU A 598 28.57 20.61 0.40
CA GLU A 598 27.43 21.33 0.95
C GLU A 598 27.15 22.61 0.17
N ARG A 599 28.21 23.29 -0.27
CA ARG A 599 28.03 24.52 -1.03
C ARG A 599 27.52 24.26 -2.44
N HIS A 600 27.97 23.17 -3.07
CA HIS A 600 27.70 22.92 -4.48
C HIS A 600 26.92 21.65 -4.74
N GLY A 601 26.29 21.07 -3.72
CA GLY A 601 25.47 19.89 -3.96
C GLY A 601 26.30 18.63 -4.20
N TRP A 602 25.75 17.73 -5.02
CA TRP A 602 26.39 16.47 -5.31
C TRP A 602 27.54 16.68 -6.30
N GLY A 603 28.14 15.58 -6.75
CA GLY A 603 29.28 15.65 -7.63
C GLY A 603 30.04 14.34 -7.62
N TYR A 604 31.31 14.43 -8.01
CA TYR A 604 32.20 13.27 -8.01
C TYR A 604 33.64 13.75 -7.88
N LEU A 605 34.53 12.83 -7.53
CA LEU A 605 35.93 13.13 -7.29
C LEU A 605 36.79 12.50 -8.38
N VAL A 606 37.49 13.34 -9.14
CA VAL A 606 38.46 12.89 -10.13
C VAL A 606 39.82 12.81 -9.45
N PRO A 607 40.46 11.65 -9.42
CA PRO A 607 41.75 11.54 -8.73
C PRO A 607 42.80 12.42 -9.40
N GLY A 608 43.66 13.00 -8.57
CA GLY A 608 44.68 13.92 -9.03
C GLY A 608 44.82 15.14 -8.15
N PRO A 630 40.84 9.40 1.23
CA PRO A 630 41.38 8.21 0.59
C PRO A 630 41.66 8.44 -0.89
N TYR A 631 42.43 9.49 -1.20
CA TYR A 631 42.73 9.79 -2.59
C TYR A 631 43.47 8.66 -3.27
N ARG A 632 44.29 7.92 -2.52
CA ARG A 632 44.96 6.75 -3.08
C ARG A 632 43.95 5.68 -3.45
N ALA A 633 42.92 5.48 -2.64
CA ALA A 633 41.93 4.45 -2.92
C ALA A 633 40.97 4.85 -4.03
N ILE A 634 40.70 6.15 -4.17
CA ILE A 634 39.83 6.62 -5.24
C ILE A 634 40.45 6.34 -6.60
N GLU A 635 41.75 6.60 -6.73
CA GLU A 635 42.44 6.35 -8.00
C GLU A 635 42.46 4.86 -8.33
N SER A 636 42.61 4.01 -7.31
CA SER A 636 42.64 2.57 -7.55
C SER A 636 41.33 2.07 -8.15
N LEU A 637 40.20 2.58 -7.65
CA LEU A 637 38.92 2.23 -8.25
C LEU A 637 38.83 2.73 -9.69
N TYR A 638 39.29 3.96 -9.93
CA TYR A 638 39.24 4.51 -11.29
C TYR A 638 40.16 3.73 -12.22
N ARG A 639 41.33 3.32 -11.74
CA ARG A 639 42.23 2.51 -12.55
C ARG A 639 41.59 1.19 -12.94
N LYS A 640 40.89 0.56 -11.99
CA LYS A 640 40.18 -0.68 -12.30
C LYS A 640 39.06 -0.44 -13.30
N HIS A 641 38.38 0.71 -13.19
CA HIS A 641 37.29 1.01 -14.11
C HIS A 641 37.79 1.15 -15.54
N CYS A 642 38.96 1.78 -15.72
CA CYS A 642 39.51 1.96 -17.06
C CYS A 642 39.82 0.61 -17.70
N LEU A 643 40.34 -0.35 -16.91
CA LEU A 643 40.63 -1.67 -17.44
C LEU A 643 39.34 -2.37 -17.90
N GLU A 644 38.27 -2.24 -17.13
CA GLU A 644 37.00 -2.85 -17.49
C GLU A 644 36.29 -2.04 -18.56
N SER A 713 43.30 19.18 -15.28
CA SER A 713 42.31 18.12 -15.31
C SER A 713 42.13 17.55 -16.72
N TYR A 714 42.18 16.23 -16.83
CA TYR A 714 41.95 15.54 -18.08
C TYR A 714 40.47 15.25 -18.32
N HIS A 715 39.60 15.63 -17.40
CA HIS A 715 38.16 15.43 -17.51
C HIS A 715 37.49 16.79 -17.51
N HIS A 716 36.57 16.98 -18.44
CA HIS A 716 35.90 18.26 -18.62
C HIS A 716 34.46 18.17 -18.13
N GLY A 717 34.05 19.18 -17.36
CA GLY A 717 32.72 19.21 -16.79
C GLY A 717 32.43 20.55 -16.15
N ASN A 718 31.84 20.53 -14.96
CA ASN A 718 31.49 21.76 -14.25
C ASN A 718 32.69 22.42 -13.60
N GLY A 719 33.90 22.02 -13.95
CA GLY A 719 35.09 22.70 -13.51
C GLY A 719 35.51 22.28 -12.12
N PRO A 720 36.81 22.28 -11.88
CA PRO A 720 37.29 21.93 -10.54
C PRO A 720 36.99 23.01 -9.52
N TYR A 721 36.00 22.76 -8.66
CA TYR A 721 35.67 23.70 -7.59
C TYR A 721 36.76 23.61 -6.52
N ASN A 722 37.51 24.70 -6.36
CA ASN A 722 38.62 24.72 -5.43
C ASN A 722 38.18 24.89 -3.98
N ASP A 723 36.90 25.12 -3.73
CA ASP A 723 36.43 25.36 -2.36
C ASP A 723 36.39 24.08 -1.55
N VAL A 724 36.21 22.92 -2.19
CA VAL A 724 35.97 21.69 -1.46
C VAL A 724 37.23 21.27 -0.69
N ASP A 725 38.41 21.46 -1.28
CA ASP A 725 39.68 21.19 -0.61
C ASP A 725 39.79 19.75 -0.14
N ILE A 726 39.30 18.81 -0.95
CA ILE A 726 39.51 17.39 -0.70
C ILE A 726 40.91 17.03 -1.20
N PRO A 727 41.78 16.50 -0.35
CA PRO A 727 43.17 16.29 -0.76
C PRO A 727 43.29 15.31 -1.92
N GLY A 728 44.18 15.64 -2.85
CA GLY A 728 44.49 14.76 -3.96
C GLY A 728 43.33 14.43 -4.88
N CYS A 729 42.34 15.32 -4.98
CA CYS A 729 41.19 15.07 -5.83
C CYS A 729 40.62 16.39 -6.34
N TRP A 730 39.83 16.29 -7.41
CA TRP A 730 39.07 17.40 -7.96
C TRP A 730 37.59 17.13 -7.76
N PHE A 731 36.80 18.20 -7.68
CA PHE A 731 35.36 18.10 -7.51
C PHE A 731 34.66 18.62 -8.75
N PHE A 732 33.74 17.82 -9.28
CA PHE A 732 32.93 18.21 -10.42
C PHE A 732 31.47 17.92 -10.08
N LYS A 733 30.62 18.94 -10.21
CA LYS A 733 29.21 18.75 -9.95
C LYS A 733 28.58 17.86 -11.01
N LEU A 734 27.60 17.09 -10.58
CA LEU A 734 26.82 16.33 -11.54
C LEU A 734 26.09 17.29 -12.46
N PRO A 735 26.12 17.09 -13.78
CA PRO A 735 25.40 17.98 -14.68
C PRO A 735 23.92 18.02 -14.37
N HIS A 736 23.44 19.16 -13.92
CA HIS A 736 22.03 19.34 -13.63
C HIS A 736 21.28 19.78 -14.88
N LYS A 737 20.02 19.36 -14.99
CA LYS A 737 19.25 19.64 -16.18
C LYS A 737 18.94 21.12 -16.36
N ASP A 738 19.06 21.92 -15.31
CA ASP A 738 18.70 23.33 -15.36
C ASP A 738 19.91 24.25 -15.25
N GLY A 739 21.10 23.76 -15.57
CA GLY A 739 22.26 24.61 -15.73
C GLY A 739 23.29 24.40 -14.63
N ASN A 740 24.42 25.08 -14.82
CA ASN A 740 25.55 24.96 -13.91
C ASN A 740 25.35 25.71 -12.60
N SER A 741 24.42 26.67 -12.57
CA SER A 741 24.16 27.40 -11.34
C SER A 741 23.36 26.59 -10.34
N CYS A 742 22.70 25.52 -10.77
CA CYS A 742 21.88 24.70 -9.89
C CYS A 742 22.72 23.59 -9.26
N ASN A 743 22.24 23.11 -8.12
CA ASN A 743 22.89 22.05 -7.36
C ASN A 743 22.04 20.78 -7.39
N VAL A 744 22.71 19.63 -7.48
CA VAL A 744 22.04 18.34 -7.47
C VAL A 744 21.80 17.93 -6.02
N GLY A 745 20.58 17.51 -5.73
CA GLY A 745 20.24 17.10 -4.38
C GLY A 745 20.31 15.60 -4.17
N SER A 746 20.14 14.84 -5.24
CA SER A 746 20.20 13.39 -5.15
C SER A 746 20.51 12.81 -6.52
N PRO A 747 21.48 11.89 -6.62
CA PRO A 747 21.77 11.25 -7.90
C PRO A 747 20.71 10.26 -8.35
N PHE A 748 19.63 10.09 -7.59
CA PHE A 748 18.58 9.15 -7.94
C PHE A 748 17.37 9.85 -8.56
N ALA A 749 17.60 11.00 -9.20
CA ALA A 749 16.53 11.69 -9.89
C ALA A 749 16.19 10.98 -11.20
N LYS A 750 15.08 11.40 -11.80
CA LYS A 750 14.68 10.82 -13.09
C LYS A 750 15.68 11.16 -14.17
N ASP A 751 16.25 12.37 -14.15
CA ASP A 751 17.14 12.81 -15.20
C ASP A 751 18.41 11.98 -15.29
N PHE A 752 18.73 11.23 -14.24
CA PHE A 752 19.92 10.39 -14.23
C PHE A 752 19.65 8.95 -14.66
N LEU A 753 18.40 8.61 -14.96
CA LEU A 753 18.11 7.29 -15.50
C LEU A 753 18.78 7.05 -16.86
N PRO A 754 18.71 7.97 -17.83
CA PRO A 754 19.44 7.74 -19.09
C PRO A 754 20.94 7.57 -18.90
N LYS A 755 21.53 8.31 -17.95
CA LYS A 755 22.97 8.21 -17.75
C LYS A 755 23.34 6.91 -17.06
N MET A 756 22.44 6.36 -16.23
CA MET A 756 22.67 5.06 -15.63
C MET A 756 22.51 3.95 -16.66
N GLU A 757 21.54 4.08 -17.56
CA GLU A 757 21.38 3.09 -18.62
C GLU A 757 22.52 3.16 -19.62
N ASP A 758 23.08 4.34 -19.83
CA ASP A 758 24.23 4.49 -20.73
C ASP A 758 25.51 3.96 -20.10
N GLY A 759 25.60 3.97 -18.78
CA GLY A 759 26.77 3.47 -18.08
C GLY A 759 27.72 4.52 -17.58
N THR A 760 27.44 5.81 -17.77
CA THR A 760 28.29 6.84 -17.19
C THR A 760 28.09 6.91 -15.67
N LEU A 761 26.86 6.72 -15.21
CA LEU A 761 26.57 6.53 -13.80
C LEU A 761 26.45 5.04 -13.54
N GLN A 762 27.17 4.55 -12.53
CA GLN A 762 27.22 3.12 -12.24
C GLN A 762 27.08 2.90 -10.75
N ALA A 763 26.63 1.70 -10.38
CA ALA A 763 26.55 1.28 -8.99
C ALA A 763 27.68 0.33 -8.66
N GLY A 764 28.15 0.41 -7.43
CA GLY A 764 29.23 -0.44 -6.96
C GLY A 764 28.94 -1.92 -7.05
N PRO A 765 27.78 -2.34 -6.55
CA PRO A 765 27.37 -3.75 -6.76
C PRO A 765 27.26 -4.12 -8.22
N GLY A 766 26.96 -3.16 -9.10
CA GLY A 766 26.84 -3.45 -10.51
C GLY A 766 25.54 -4.18 -10.83
N GLY A 767 25.51 -4.73 -12.04
CA GLY A 767 24.32 -5.44 -12.48
C GLY A 767 23.13 -4.52 -12.60
N ALA A 768 21.98 -5.02 -12.19
CA ALA A 768 20.73 -4.26 -12.26
C ALA A 768 20.41 -3.53 -10.95
N SER A 769 21.31 -3.56 -9.96
CA SER A 769 21.00 -2.98 -8.66
C SER A 769 20.76 -1.47 -8.76
N GLY A 770 21.61 -0.77 -9.52
CA GLY A 770 21.48 0.65 -9.70
C GLY A 770 20.26 1.04 -10.52
N PRO A 771 20.19 0.55 -11.76
CA PRO A 771 19.02 0.84 -12.60
C PRO A 771 17.71 0.46 -11.97
N ARG A 772 17.65 -0.66 -11.25
CA ARG A 772 16.40 -1.04 -10.59
C ARG A 772 16.05 -0.06 -9.48
N ALA A 773 17.05 0.43 -8.76
CA ALA A 773 16.80 1.43 -7.72
C ALA A 773 16.23 2.71 -8.33
N LEU A 774 16.83 3.19 -9.42
CA LEU A 774 16.30 4.39 -10.07
C LEU A 774 14.90 4.14 -10.62
N GLU A 775 14.67 2.96 -11.18
CA GLU A 775 13.34 2.65 -11.72
C GLU A 775 12.29 2.62 -10.62
N ILE A 776 12.60 2.02 -9.47
CA ILE A 776 11.66 1.99 -8.36
C ILE A 776 11.42 3.41 -7.85
N ASN A 777 12.48 4.22 -7.80
CA ASN A 777 12.32 5.60 -7.36
C ASN A 777 11.38 6.37 -8.30
N LYS A 778 11.53 6.16 -9.61
CA LYS A 778 10.62 6.79 -10.57
C LYS A 778 9.20 6.27 -10.39
N MET A 779 9.06 4.98 -10.06
CA MET A 779 7.74 4.40 -9.88
C MET A 779 7.02 5.01 -8.68
N ILE A 780 7.75 5.28 -7.59
CA ILE A 780 7.11 5.66 -6.34
C ILE A 780 7.31 7.13 -5.99
N SER A 781 7.92 7.91 -6.89
CA SER A 781 8.16 9.32 -6.58
C SER A 781 6.86 10.09 -6.40
N PHE A 782 5.87 9.83 -7.25
CA PHE A 782 4.60 10.55 -7.17
C PHE A 782 3.83 10.17 -5.92
N TRP A 783 3.69 8.87 -5.65
CA TRP A 783 2.92 8.43 -4.49
C TRP A 783 3.60 8.86 -3.20
N ARG A 784 4.94 8.82 -3.16
CA ARG A 784 5.67 9.26 -1.97
C ARG A 784 5.33 10.70 -1.61
N ASN A 785 5.07 11.55 -2.61
CA ASN A 785 4.77 12.95 -2.36
C ASN A 785 3.28 13.26 -2.29
N ALA A 786 2.41 12.36 -2.76
CA ALA A 786 1.00 12.68 -2.87
C ALA A 786 0.07 11.71 -2.16
N HIS A 787 0.61 10.70 -1.47
CA HIS A 787 -0.27 9.71 -0.84
C HIS A 787 -0.98 10.29 0.38
N LYS A 788 -0.34 11.23 1.07
CA LYS A 788 -1.01 11.89 2.19
C LYS A 788 -2.23 12.66 1.71
N ARG A 789 -2.09 13.38 0.59
CA ARG A 789 -3.23 14.10 0.01
C ARG A 789 -4.30 13.14 -0.49
N ILE A 790 -3.89 12.15 -1.29
CA ILE A 790 -4.86 11.29 -1.96
C ILE A 790 -5.61 10.43 -0.94
N SER A 791 -4.89 9.86 0.02
CA SER A 791 -5.52 9.00 1.02
C SER A 791 -6.48 9.77 1.90
N SER A 792 -6.07 10.98 2.29
CA SER A 792 -6.86 11.82 3.19
C SER A 792 -8.02 12.53 2.55
N GLN A 793 -8.24 12.31 1.28
CA GLN A 793 -9.29 13.02 0.58
C GLN A 793 -10.62 12.80 1.28
N MET A 794 -11.35 13.90 1.49
CA MET A 794 -12.61 13.86 2.21
C MET A 794 -13.67 13.26 1.30
N VAL A 795 -13.86 11.95 1.43
CA VAL A 795 -14.87 11.22 0.66
C VAL A 795 -16.10 11.07 1.54
N VAL A 796 -17.26 11.39 0.99
CA VAL A 796 -18.53 11.26 1.68
C VAL A 796 -19.41 10.35 0.83
N TRP A 797 -19.88 9.25 1.43
CA TRP A 797 -20.59 8.21 0.72
C TRP A 797 -22.09 8.43 0.87
N LEU A 798 -22.80 8.43 -0.24
CA LEU A 798 -24.22 8.69 -0.24
C LEU A 798 -25.00 7.41 -0.01
N PRO A 799 -25.96 7.39 0.92
CA PRO A 799 -26.80 6.22 1.07
C PRO A 799 -27.71 6.03 -0.13
N ARG A 800 -28.36 4.86 -0.17
CA ARG A 800 -29.23 4.54 -1.29
C ARG A 800 -30.41 5.51 -1.38
N SER A 801 -30.83 6.07 -0.25
CA SER A 801 -31.95 7.00 -0.26
C SER A 801 -31.59 8.29 -0.99
N ALA A 802 -30.36 8.78 -0.80
CA ALA A 802 -29.94 10.04 -1.39
C ALA A 802 -29.54 9.92 -2.85
N LEU A 803 -29.38 8.71 -3.37
CA LEU A 803 -29.00 8.54 -4.76
C LEU A 803 -30.18 8.79 -5.69
N PRO A 804 -29.93 9.24 -6.91
CA PRO A 804 -31.01 9.42 -7.88
C PRO A 804 -31.57 8.07 -8.33
N ARG A 805 -32.82 8.10 -8.79
CA ARG A 805 -33.46 6.88 -9.25
C ARG A 805 -32.81 6.33 -10.51
N ALA A 806 -32.23 7.20 -11.34
CA ALA A 806 -31.53 6.72 -12.53
C ALA A 806 -30.33 5.86 -12.15
N VAL A 807 -29.58 6.26 -11.13
CA VAL A 807 -28.45 5.45 -10.69
C VAL A 807 -28.93 4.12 -10.13
N ILE A 808 -29.99 4.13 -9.33
CA ILE A 808 -30.48 2.91 -8.70
C ILE A 808 -30.99 1.92 -9.74
N ARG A 809 -31.78 2.41 -10.71
CA ARG A 809 -32.43 1.52 -11.66
C ARG A 809 -31.53 1.07 -12.80
N HIS A 810 -30.31 1.57 -12.89
CA HIS A 810 -29.47 1.25 -14.03
C HIS A 810 -28.95 -0.17 -13.94
N PRO A 811 -28.70 -0.83 -15.09
CA PRO A 811 -28.15 -2.18 -15.05
C PRO A 811 -26.81 -2.30 -14.35
N ASP A 812 -25.95 -1.30 -14.44
CA ASP A 812 -24.64 -1.38 -13.82
C ASP A 812 -24.65 -1.02 -12.34
N TYR A 813 -25.80 -0.67 -11.78
CA TYR A 813 -25.90 -0.40 -10.35
C TYR A 813 -25.59 -1.66 -9.56
N ASP A 814 -24.75 -1.51 -8.53
CA ASP A 814 -24.35 -2.62 -7.67
C ASP A 814 -24.94 -2.40 -6.29
N GLU A 815 -25.73 -3.37 -5.81
CA GLU A 815 -26.37 -3.24 -4.51
C GLU A 815 -25.35 -3.25 -3.37
N GLU A 816 -24.24 -3.96 -3.55
CA GLU A 816 -23.22 -4.09 -2.52
C GLU A 816 -22.10 -3.06 -2.69
N GLY A 817 -22.25 -2.12 -3.60
CA GLY A 817 -21.24 -1.12 -3.84
C GLY A 817 -21.54 0.20 -3.15
N LEU A 818 -20.49 1.00 -2.99
CA LEU A 818 -20.58 2.32 -2.40
C LEU A 818 -20.57 3.37 -3.51
N TYR A 819 -21.32 4.44 -3.29
CA TYR A 819 -21.34 5.58 -4.20
C TYR A 819 -21.13 6.85 -3.38
N GLY A 820 -20.15 7.65 -3.77
CA GLY A 820 -19.86 8.85 -3.03
C GLY A 820 -19.41 10.01 -3.90
N ALA A 821 -18.81 11.02 -3.28
CA ALA A 821 -18.28 12.15 -4.02
C ALA A 821 -17.10 12.75 -3.28
N ILE A 822 -16.25 13.43 -4.02
CA ILE A 822 -15.18 14.26 -3.47
C ILE A 822 -15.36 15.66 -4.02
N LEU A 823 -15.53 16.63 -3.13
CA LEU A 823 -15.63 18.03 -3.55
C LEU A 823 -14.22 18.61 -3.52
N PRO A 824 -13.63 18.94 -4.67
CA PRO A 824 -12.31 19.54 -4.65
C PRO A 824 -12.31 20.85 -3.90
N GLN A 825 -11.27 21.07 -3.10
CA GLN A 825 -11.16 22.29 -2.30
C GLN A 825 -10.41 23.32 -3.13
N VAL A 826 -11.14 23.93 -4.06
CA VAL A 826 -10.56 24.78 -5.08
C VAL A 826 -10.58 26.23 -4.61
N VAL A 827 -9.42 26.88 -4.66
CA VAL A 827 -9.32 28.32 -4.51
C VAL A 827 -9.56 28.92 -5.90
N THR A 828 -10.70 29.61 -6.05
CA THR A 828 -11.16 30.00 -7.38
C THR A 828 -10.15 30.90 -8.08
N ALA A 829 -9.59 31.88 -7.37
CA ALA A 829 -8.55 32.76 -7.91
C ALA A 829 -7.37 32.67 -6.96
N GLY A 830 -6.51 31.68 -7.16
CA GLY A 830 -5.36 31.49 -6.30
C GLY A 830 -4.08 31.95 -6.96
N THR A 831 -4.22 32.74 -8.02
CA THR A 831 -3.10 33.13 -8.87
C THR A 831 -3.27 34.59 -9.27
N ILE A 832 -2.15 35.27 -9.51
CA ILE A 832 -2.21 36.62 -10.05
C ILE A 832 -2.87 36.62 -11.42
N THR A 833 -2.76 35.51 -12.15
CA THR A 833 -3.52 35.32 -13.38
C THR A 833 -4.95 34.89 -13.13
N ARG A 834 -5.37 34.87 -11.87
CA ARG A 834 -6.73 34.53 -11.45
C ARG A 834 -7.10 33.10 -11.83
N ARG A 835 -6.13 32.20 -11.81
CA ARG A 835 -6.37 30.79 -12.03
C ARG A 835 -6.87 30.11 -10.76
N ALA A 836 -7.43 28.92 -10.92
CA ALA A 836 -7.83 28.11 -9.79
C ALA A 836 -6.62 27.45 -9.15
N VAL A 837 -6.77 27.05 -7.89
CA VAL A 837 -5.72 26.41 -7.13
C VAL A 837 -6.32 25.27 -6.31
N GLU A 838 -5.69 24.09 -6.37
CA GLU A 838 -6.11 22.93 -5.61
C GLU A 838 -4.87 22.10 -5.32
N PRO A 839 -4.63 21.70 -4.08
CA PRO A 839 -3.42 20.93 -3.77
C PRO A 839 -3.33 19.59 -4.47
N THR A 840 -4.45 18.93 -4.74
CA THR A 840 -4.46 17.55 -5.20
C THR A 840 -4.92 17.41 -6.65
N TRP A 841 -6.12 17.91 -6.97
CA TRP A 841 -6.72 17.64 -8.26
C TRP A 841 -6.22 18.54 -9.38
N LEU A 842 -5.52 19.62 -9.06
CA LEU A 842 -4.81 20.38 -10.07
C LEU A 842 -3.35 19.97 -10.19
N THR A 843 -2.93 18.98 -9.40
CA THR A 843 -1.61 18.38 -9.51
C THR A 843 -1.69 16.88 -9.73
N ALA A 844 -2.89 16.35 -9.98
CA ALA A 844 -3.09 14.91 -10.13
C ALA A 844 -2.43 14.42 -11.40
N SER A 845 -1.49 13.48 -11.26
CA SER A 845 -0.73 13.01 -12.40
C SER A 845 -1.59 12.19 -13.35
N ASN A 846 -1.20 12.21 -14.62
CA ASN A 846 -1.84 11.39 -15.63
C ASN A 846 -1.37 9.94 -15.50
N ALA A 847 -2.21 9.02 -15.98
CA ALA A 847 -1.88 7.60 -15.89
C ALA A 847 -0.67 7.30 -16.76
N ARG A 848 0.36 6.73 -16.14
CA ARG A 848 1.57 6.32 -16.83
C ARG A 848 1.86 4.87 -16.51
N PRO A 849 2.43 4.14 -17.47
CA PRO A 849 2.65 2.70 -17.24
C PRO A 849 3.64 2.39 -16.12
N ASP A 850 4.46 3.36 -15.71
CA ASP A 850 5.49 3.12 -14.71
C ASP A 850 5.19 3.73 -13.35
N ARG A 851 4.23 4.64 -13.25
CA ARG A 851 4.00 5.35 -12.00
C ARG A 851 2.95 4.67 -11.15
N VAL A 852 3.29 4.44 -9.88
CA VAL A 852 2.36 3.85 -8.94
C VAL A 852 1.30 4.88 -8.56
N GLY A 853 0.03 4.48 -8.58
CA GLY A 853 -1.03 5.36 -8.17
C GLY A 853 -1.34 6.48 -9.14
N SER A 854 -0.82 6.41 -10.35
CA SER A 854 -1.06 7.46 -11.34
C SER A 854 -2.39 7.32 -12.04
N GLU A 855 -3.16 6.29 -11.74
CA GLU A 855 -4.52 6.17 -12.21
C GLU A 855 -5.50 6.93 -11.34
N LEU A 856 -5.00 7.94 -10.62
CA LEU A 856 -5.82 8.70 -9.67
C LEU A 856 -7.06 9.27 -10.33
N LYS A 857 -6.90 9.99 -11.44
CA LYS A 857 -8.04 10.60 -12.10
C LYS A 857 -8.98 9.56 -12.68
N ALA A 858 -8.45 8.40 -13.09
CA ALA A 858 -9.30 7.35 -13.61
C ALA A 858 -10.25 6.80 -12.57
N MET A 859 -10.00 7.09 -11.29
CA MET A 859 -10.91 6.69 -10.23
C MET A 859 -12.07 7.66 -10.05
N VAL A 860 -12.06 8.79 -10.74
CA VAL A 860 -13.21 9.68 -10.78
C VAL A 860 -14.17 9.10 -11.79
N GLN A 861 -15.08 8.27 -11.33
CA GLN A 861 -15.91 7.45 -12.20
C GLN A 861 -17.37 7.87 -12.07
N ALA A 862 -18.02 8.09 -13.20
CA ALA A 862 -19.40 8.50 -13.21
C ALA A 862 -20.28 7.39 -12.62
N PRO A 863 -21.33 7.75 -11.90
CA PRO A 863 -22.25 6.74 -11.36
C PRO A 863 -22.96 6.00 -12.47
N PRO A 864 -23.65 4.90 -12.16
CA PRO A 864 -24.50 4.27 -13.16
C PRO A 864 -25.52 5.26 -13.71
N GLY A 865 -25.71 5.21 -15.02
CA GLY A 865 -26.59 6.14 -15.69
C GLY A 865 -25.97 7.49 -16.01
N TYR A 866 -24.69 7.69 -15.72
CA TYR A 866 -24.03 8.96 -15.95
C TYR A 866 -22.71 8.73 -16.68
N THR A 867 -22.30 9.75 -17.42
CA THR A 867 -21.02 9.76 -18.10
C THR A 867 -20.37 11.12 -17.94
N LEU A 868 -19.06 11.17 -18.12
CA LEU A 868 -18.32 12.42 -18.07
C LEU A 868 -18.07 12.91 -19.49
N VAL A 869 -18.63 14.07 -19.82
CA VAL A 869 -18.51 14.66 -21.15
C VAL A 869 -17.71 15.96 -21.00
N GLY A 870 -16.62 16.07 -21.75
CA GLY A 870 -15.79 17.24 -21.65
C GLY A 870 -14.84 17.34 -22.81
N ALA A 871 -14.07 18.43 -22.82
CA ALA A 871 -13.13 18.69 -23.89
C ALA A 871 -12.02 19.59 -23.38
N ASP A 872 -10.92 19.61 -24.12
CA ASP A 872 -9.76 20.45 -23.84
C ASP A 872 -9.50 21.36 -25.03
N VAL A 873 -9.27 22.64 -24.75
CA VAL A 873 -9.03 23.61 -25.82
C VAL A 873 -7.69 23.31 -26.50
N ASP A 874 -7.59 23.68 -27.77
CA ASP A 874 -6.45 23.33 -28.61
C ASP A 874 -5.60 24.58 -28.83
N SER A 875 -4.33 24.51 -28.42
CA SER A 875 -3.38 25.62 -28.56
C SER A 875 -4.01 26.93 -28.11
N GLN A 876 -4.50 26.94 -26.87
CA GLN A 876 -5.29 28.06 -26.38
C GLN A 876 -4.47 29.35 -26.37
N GLU A 877 -3.38 29.37 -25.60
CA GLU A 877 -2.62 30.60 -25.47
C GLU A 877 -1.89 30.96 -26.75
N LEU A 878 -1.50 29.96 -27.55
CA LEU A 878 -0.97 30.24 -28.88
C LEU A 878 -1.96 31.05 -29.70
N TRP A 879 -3.22 30.60 -29.73
CA TRP A 879 -4.23 31.31 -30.52
C TRP A 879 -4.54 32.67 -29.93
N ILE A 880 -4.60 32.79 -28.61
CA ILE A 880 -4.90 34.08 -28.00
C ILE A 880 -3.81 35.09 -28.35
N ALA A 881 -2.55 34.67 -28.23
CA ALA A 881 -1.44 35.55 -28.58
C ALA A 881 -1.45 35.91 -30.06
N ALA A 882 -1.70 34.92 -30.93
CA ALA A 882 -1.74 35.18 -32.36
C ALA A 882 -2.87 36.14 -32.73
N VAL A 883 -4.05 35.96 -32.13
CA VAL A 883 -5.17 36.82 -32.48
C VAL A 883 -4.95 38.23 -31.94
N LEU A 884 -4.29 38.38 -30.79
CA LEU A 884 -3.92 39.71 -30.33
C LEU A 884 -2.96 40.37 -31.31
N GLY A 885 -1.94 39.62 -31.75
CA GLY A 885 -1.01 40.18 -32.72
C GLY A 885 -1.67 40.55 -34.03
N ASP A 886 -2.63 39.73 -34.47
CA ASP A 886 -3.37 40.03 -35.69
C ASP A 886 -4.17 41.32 -35.52
N ALA A 887 -4.97 41.41 -34.46
CA ALA A 887 -5.75 42.62 -34.24
C ALA A 887 -4.87 43.85 -34.11
N HIS A 888 -3.64 43.68 -33.63
CA HIS A 888 -2.73 44.82 -33.57
C HIS A 888 -2.23 45.21 -34.94
N PHE A 889 -1.91 44.23 -35.80
CA PHE A 889 -1.35 44.54 -37.11
C PHE A 889 -2.43 45.03 -38.07
N ALA A 890 -3.44 44.20 -38.32
CA ALA A 890 -4.56 44.59 -39.17
C ALA A 890 -5.76 43.75 -38.80
N GLY A 891 -6.95 44.31 -38.98
CA GLY A 891 -8.14 43.67 -38.46
C GLY A 891 -8.61 42.45 -39.22
N MET A 892 -7.71 41.49 -39.43
CA MET A 892 -8.06 40.24 -40.09
C MET A 892 -7.39 39.09 -39.37
N HIS A 893 -7.80 37.88 -39.72
CA HIS A 893 -7.22 36.66 -39.19
C HIS A 893 -6.14 36.16 -40.14
N GLY A 894 -4.97 35.88 -39.60
CA GLY A 894 -3.85 35.45 -40.42
C GLY A 894 -3.01 36.58 -40.98
N CYS A 895 -3.13 37.78 -40.42
CA CYS A 895 -2.31 38.89 -40.90
C CYS A 895 -0.83 38.62 -40.65
N THR A 896 -0.49 38.10 -39.49
CA THR A 896 0.88 37.90 -39.08
C THR A 896 1.36 36.49 -39.45
N ALA A 897 2.67 36.32 -39.45
CA ALA A 897 3.24 35.02 -39.75
C ALA A 897 2.89 34.00 -38.68
N PHE A 898 2.94 34.41 -37.40
CA PHE A 898 2.58 33.51 -36.32
C PHE A 898 1.11 33.12 -36.40
N GLY A 899 0.24 34.09 -36.67
CA GLY A 899 -1.17 33.78 -36.81
C GLY A 899 -1.48 32.92 -38.00
N TRP A 900 -0.73 33.07 -39.09
CA TRP A 900 -0.92 32.23 -40.25
C TRP A 900 -0.45 30.80 -39.98
N MET A 901 0.71 30.65 -39.34
CA MET A 901 1.20 29.32 -38.99
C MET A 901 0.25 28.63 -38.02
N THR A 902 -0.28 29.36 -37.05
CA THR A 902 -1.20 28.78 -36.09
C THR A 902 -2.47 28.29 -36.77
N LEU A 903 -3.01 29.07 -37.69
CA LEU A 903 -4.23 28.67 -38.38
C LEU A 903 -3.97 27.55 -39.38
N GLN A 904 -2.82 27.59 -40.06
CA GLN A 904 -2.48 26.57 -41.05
C GLN A 904 -1.99 25.33 -40.32
N GLY A 905 -2.87 24.35 -40.17
CA GLY A 905 -2.51 23.10 -39.53
C GLY A 905 -3.59 22.55 -38.62
N ARG A 906 -3.78 21.23 -38.66
CA ARG A 906 -4.77 20.56 -37.84
C ARG A 906 -4.09 19.56 -36.93
N LYS A 907 -4.65 19.39 -35.73
CA LYS A 907 -4.06 18.46 -34.77
C LYS A 907 -4.17 17.02 -35.24
N SER A 908 -5.29 16.68 -35.89
CA SER A 908 -5.44 15.33 -36.45
C SER A 908 -4.41 15.06 -37.53
N ARG A 909 -4.16 16.05 -38.39
CA ARG A 909 -3.18 15.92 -39.46
C ARG A 909 -1.74 16.02 -38.97
N GLY A 910 -1.53 16.36 -37.70
CA GLY A 910 -0.19 16.46 -37.15
C GLY A 910 0.67 17.56 -37.74
N THR A 911 0.08 18.73 -38.00
CA THR A 911 0.80 19.86 -38.55
C THR A 911 0.71 21.12 -37.70
N ASP A 912 0.09 21.05 -36.52
CA ASP A 912 0.03 22.21 -35.65
C ASP A 912 1.42 22.52 -35.09
N LEU A 913 1.50 23.66 -34.38
CA LEU A 913 2.81 24.16 -33.95
C LEU A 913 3.50 23.20 -32.99
N HIS A 914 2.75 22.62 -32.05
CA HIS A 914 3.34 21.66 -31.12
C HIS A 914 3.84 20.42 -31.86
N SER A 915 3.00 19.85 -32.73
CA SER A 915 3.41 18.66 -33.47
C SER A 915 4.53 18.97 -34.45
N LYS A 916 4.48 20.13 -35.10
CA LYS A 916 5.54 20.51 -36.02
C LYS A 916 6.87 20.65 -35.28
N THR A 917 6.86 21.28 -34.11
CA THR A 917 8.07 21.39 -33.31
C THR A 917 8.56 20.01 -32.87
N ALA A 918 7.63 19.13 -32.48
CA ALA A 918 8.01 17.79 -32.05
C ALA A 918 8.67 17.02 -33.18
N THR A 919 8.16 17.17 -34.40
CA THR A 919 8.79 16.53 -35.56
C THR A 919 10.14 17.16 -35.86
N THR A 920 10.25 18.49 -35.76
CA THR A 920 11.46 19.18 -36.19
C THR A 920 12.63 18.91 -35.25
N VAL A 921 12.39 18.92 -33.94
CA VAL A 921 13.47 18.72 -32.97
C VAL A 921 13.47 17.33 -32.35
N GLY A 922 12.46 16.51 -32.60
CA GLY A 922 12.45 15.13 -32.20
C GLY A 922 11.87 14.84 -30.84
N ILE A 923 11.56 15.85 -30.05
CA ILE A 923 11.03 15.63 -28.71
C ILE A 923 9.55 15.26 -28.81
N SER A 924 8.97 14.79 -27.71
CA SER A 924 7.55 14.48 -27.69
C SER A 924 6.73 15.74 -27.85
N ARG A 925 5.41 15.56 -27.95
CA ARG A 925 4.52 16.70 -28.16
C ARG A 925 4.36 17.53 -26.90
N GLU A 926 4.25 16.88 -25.74
CA GLU A 926 4.19 17.63 -24.49
C GLU A 926 5.49 18.39 -24.23
N HIS A 927 6.62 17.76 -24.55
CA HIS A 927 7.89 18.47 -24.52
C HIS A 927 7.88 19.66 -25.47
N ALA A 928 7.23 19.51 -26.62
CA ALA A 928 7.08 20.64 -27.53
C ALA A 928 6.19 21.72 -26.95
N LYS A 929 5.18 21.35 -26.16
CA LYS A 929 4.38 22.35 -25.45
C LYS A 929 5.27 23.15 -24.50
N ILE A 930 6.07 22.46 -23.70
CA ILE A 930 6.99 23.14 -22.79
C ILE A 930 7.90 24.08 -23.57
N PHE A 931 8.46 23.58 -24.68
CA PHE A 931 9.41 24.36 -25.47
C PHE A 931 8.76 25.61 -26.06
N ASN A 932 7.62 25.45 -26.72
CA ASN A 932 6.96 26.56 -27.39
C ASN A 932 6.48 27.61 -26.39
N TYR A 933 5.81 27.18 -25.32
CA TYR A 933 5.29 28.13 -24.36
C TYR A 933 6.41 28.79 -23.56
N GLY A 934 7.54 28.11 -23.40
CA GLY A 934 8.70 28.77 -22.83
C GLY A 934 9.25 29.85 -23.74
N ARG A 935 9.37 29.54 -25.03
CA ARG A 935 9.91 30.52 -25.97
C ARG A 935 9.02 31.74 -26.07
N ILE A 936 7.69 31.54 -26.03
CA ILE A 936 6.78 32.68 -26.13
C ILE A 936 7.00 33.65 -24.98
N TYR A 937 7.11 33.12 -23.76
CA TYR A 937 7.01 33.94 -22.56
C TYR A 937 8.37 34.30 -21.96
N GLY A 938 9.46 34.08 -22.67
CA GLY A 938 10.71 34.66 -22.22
C GLY A 938 11.93 33.76 -22.24
N ALA A 939 11.77 32.48 -22.57
CA ALA A 939 12.92 31.58 -22.55
C ALA A 939 13.94 31.99 -23.60
N GLY A 940 15.21 32.04 -23.18
CA GLY A 940 16.28 32.36 -24.09
C GLY A 940 16.82 31.13 -24.80
N GLN A 941 17.85 31.35 -25.59
CA GLN A 941 18.50 30.23 -26.28
C GLN A 941 19.09 29.21 -25.32
N PRO A 942 19.79 29.57 -24.24
CA PRO A 942 20.27 28.53 -23.31
C PRO A 942 19.17 27.66 -22.73
N PHE A 943 18.02 28.26 -22.40
CA PHE A 943 16.91 27.47 -21.89
C PHE A 943 16.41 26.47 -22.92
N ALA A 944 16.29 26.91 -24.18
CA ALA A 944 15.86 26.01 -25.24
C ALA A 944 16.86 24.89 -25.45
N GLU A 945 18.16 25.21 -25.43
CA GLU A 945 19.18 24.19 -25.62
C GLU A 945 19.14 23.16 -24.50
N ARG A 946 19.01 23.62 -23.25
CA ARG A 946 18.95 22.68 -22.13
C ARG A 946 17.71 21.83 -22.19
N LEU A 947 16.56 22.41 -22.55
CA LEU A 947 15.34 21.62 -22.67
C LEU A 947 15.44 20.58 -23.78
N LEU A 948 16.05 20.95 -24.91
CA LEU A 948 16.24 20.00 -26.00
C LEU A 948 17.16 18.87 -25.59
N MET A 949 18.28 19.18 -24.93
CA MET A 949 19.19 18.14 -24.50
C MET A 949 18.54 17.24 -23.46
N GLN A 950 17.68 17.81 -22.61
CA GLN A 950 17.00 17.02 -21.60
C GLN A 950 15.99 16.06 -22.22
N PHE A 951 15.14 16.56 -23.12
CA PHE A 951 14.07 15.75 -23.68
C PHE A 951 14.48 14.97 -24.91
N ASN A 952 15.67 15.21 -25.46
CA ASN A 952 16.19 14.46 -26.61
C ASN A 952 17.62 14.04 -26.27
N HIS A 953 17.78 12.78 -25.89
CA HIS A 953 19.05 12.31 -25.35
C HIS A 953 20.12 12.13 -26.43
N ARG A 954 19.73 12.02 -27.70
CA ARG A 954 20.69 11.78 -28.77
C ARG A 954 21.42 13.03 -29.23
N LEU A 955 20.93 14.21 -28.88
CA LEU A 955 21.54 15.45 -29.33
C LEU A 955 22.84 15.74 -28.58
N THR A 956 23.73 16.45 -29.25
CA THR A 956 24.96 16.93 -28.64
C THR A 956 24.81 18.41 -28.30
N GLN A 957 25.87 19.00 -27.75
CA GLN A 957 25.83 20.42 -27.38
C GLN A 957 25.68 21.30 -28.61
N GLN A 958 26.43 21.00 -29.68
CA GLN A 958 26.35 21.81 -30.88
C GLN A 958 25.03 21.60 -31.61
N GLU A 959 24.56 20.36 -31.69
CA GLU A 959 23.33 20.06 -32.42
C GLU A 959 22.12 20.71 -31.75
N ALA A 960 22.07 20.70 -30.42
CA ALA A 960 20.96 21.33 -29.72
C ALA A 960 20.94 22.84 -29.95
N ALA A 961 22.12 23.47 -29.98
CA ALA A 961 22.18 24.91 -30.19
C ALA A 961 21.63 25.29 -31.56
N GLU A 962 21.98 24.52 -32.59
CA GLU A 962 21.52 24.84 -33.94
C GLU A 962 20.01 24.69 -34.05
N LYS A 963 19.44 23.62 -33.47
CA LYS A 963 18.00 23.42 -33.52
C LYS A 963 17.25 24.45 -32.67
N ALA A 964 17.94 25.12 -31.75
CA ALA A 964 17.31 26.22 -31.01
C ALA A 964 17.15 27.44 -31.90
N GLN A 965 18.20 27.80 -32.65
CA GLN A 965 18.11 28.97 -33.52
C GLN A 965 17.12 28.76 -34.65
N GLN A 966 16.88 27.52 -35.06
CA GLN A 966 15.87 27.26 -36.07
C GLN A 966 14.48 27.63 -35.57
N MET A 967 14.19 27.33 -34.30
CA MET A 967 12.94 27.74 -33.70
C MET A 967 12.98 29.19 -33.21
N TYR A 968 14.16 29.80 -33.15
CA TYR A 968 14.34 31.18 -32.70
C TYR A 968 14.72 32.11 -33.84
N ALA A 969 14.42 31.74 -35.09
CA ALA A 969 14.87 32.52 -36.23
C ALA A 969 14.20 33.89 -36.28
N ALA A 970 12.88 33.93 -36.18
CA ALA A 970 12.15 35.19 -36.25
C ALA A 970 11.75 35.67 -34.86
N GLY A 1033 10.97 43.51 -36.84
CA GLY A 1033 10.46 42.82 -38.01
C GLY A 1033 10.66 41.32 -37.96
N GLY A 1034 9.64 40.61 -37.50
CA GLY A 1034 9.72 39.17 -37.38
C GLY A 1034 8.35 38.55 -37.32
N THR A 1035 8.34 37.21 -37.25
CA THR A 1035 7.09 36.47 -37.20
C THR A 1035 6.30 36.81 -35.94
N GLU A 1036 6.99 36.91 -34.81
CA GLU A 1036 6.37 37.07 -33.50
C GLU A 1036 6.38 38.52 -33.01
N SER A 1037 6.66 39.48 -33.91
CA SER A 1037 6.85 40.86 -33.48
C SER A 1037 5.55 41.50 -33.01
N GLU A 1038 4.45 41.29 -33.73
CA GLU A 1038 3.23 42.03 -33.43
C GLU A 1038 2.59 41.57 -32.13
N MET A 1039 2.58 40.26 -31.87
CA MET A 1039 2.06 39.77 -30.60
C MET A 1039 2.88 40.30 -29.43
N PHE A 1040 4.21 40.28 -29.57
CA PHE A 1040 5.06 40.82 -28.52
C PHE A 1040 4.79 42.29 -28.29
N ASN A 1041 4.64 43.06 -29.37
CA ASN A 1041 4.34 44.49 -29.24
C ASN A 1041 3.02 44.71 -28.51
N LYS A 1042 1.99 43.94 -28.86
CA LYS A 1042 0.70 44.10 -28.21
C LYS A 1042 0.76 43.77 -26.73
N LEU A 1043 1.45 42.67 -26.39
CA LEU A 1043 1.56 42.29 -24.98
C LEU A 1043 2.36 43.31 -24.19
N GLU A 1044 3.45 43.83 -24.76
CA GLU A 1044 4.25 44.83 -24.06
C GLU A 1044 3.53 46.17 -23.97
N SER A 1045 2.63 46.45 -24.91
CA SER A 1045 1.85 47.69 -24.83
C SER A 1045 0.77 47.60 -23.75
N ILE A 1046 0.08 46.45 -23.67
CA ILE A 1046 -0.96 46.30 -22.66
C ILE A 1046 -0.34 46.19 -21.26
N ALA A 1047 0.79 45.48 -21.14
CA ALA A 1047 1.41 45.29 -19.84
C ALA A 1047 1.90 46.60 -19.26
N THR A 1048 2.44 47.49 -20.10
CA THR A 1048 2.96 48.77 -19.63
C THR A 1048 1.90 49.85 -19.51
N SER A 1049 0.65 49.54 -19.84
CA SER A 1049 -0.43 50.50 -19.69
C SER A 1049 -0.56 50.93 -18.22
N ASP A 1050 -1.13 52.12 -18.02
CA ASP A 1050 -1.26 52.65 -16.66
C ASP A 1050 -2.07 51.72 -15.77
N ILE A 1051 -3.17 51.20 -16.30
CA ILE A 1051 -3.93 50.16 -15.60
C ILE A 1051 -4.06 48.98 -16.56
N PRO A 1052 -3.14 48.01 -16.54
CA PRO A 1052 -3.25 46.86 -17.44
C PRO A 1052 -4.55 46.11 -17.22
N ARG A 1053 -5.18 45.70 -18.32
CA ARG A 1053 -6.48 45.07 -18.28
C ARG A 1053 -6.53 43.93 -19.29
N THR A 1054 -7.44 42.99 -19.05
CA THR A 1054 -7.64 41.90 -19.99
C THR A 1054 -8.34 42.40 -21.24
N PRO A 1055 -7.83 42.08 -22.43
CA PRO A 1055 -8.43 42.64 -23.65
C PRO A 1055 -9.87 42.25 -23.90
N VAL A 1056 -10.37 41.18 -23.29
CA VAL A 1056 -11.71 40.70 -23.61
C VAL A 1056 -12.71 41.13 -22.55
N LEU A 1057 -12.53 40.69 -21.32
CA LEU A 1057 -13.47 41.02 -20.24
C LEU A 1057 -13.06 42.26 -19.45
N GLY A 1058 -11.90 42.84 -19.74
CA GLY A 1058 -11.53 44.11 -19.13
C GLY A 1058 -11.16 44.05 -17.66
N CYS A 1059 -10.70 42.89 -17.20
CA CYS A 1059 -10.34 42.74 -15.78
C CYS A 1059 -8.93 43.26 -15.54
N CYS A 1060 -8.79 44.13 -14.55
CA CYS A 1060 -7.54 44.79 -14.28
C CYS A 1060 -6.55 43.87 -13.58
N ILE A 1061 -5.27 44.21 -13.69
CA ILE A 1061 -4.25 43.48 -12.96
C ILE A 1061 -4.31 43.86 -11.48
N SER A 1062 -3.68 43.01 -10.65
CA SER A 1062 -3.57 43.30 -9.23
C SER A 1062 -2.80 44.60 -9.01
N ARG A 1063 -3.19 45.33 -7.97
CA ARG A 1063 -2.56 46.61 -7.67
C ARG A 1063 -1.07 46.46 -7.37
N ALA A 1064 -0.62 45.26 -7.02
CA ALA A 1064 0.79 45.03 -6.73
C ALA A 1064 1.64 44.92 -7.99
N LEU A 1065 1.02 44.79 -9.16
CA LEU A 1065 1.76 44.62 -10.41
C LEU A 1065 1.54 45.75 -11.39
N GLU A 1066 0.85 46.82 -11.00
CA GLU A 1066 0.70 47.96 -11.87
C GLU A 1066 2.04 48.69 -12.03
N PRO A 1067 2.24 49.40 -13.15
CA PRO A 1067 3.53 50.05 -13.38
C PRO A 1067 3.91 51.05 -12.31
N SER A 1068 2.94 51.76 -11.74
CA SER A 1068 3.24 52.68 -10.65
C SER A 1068 3.78 51.94 -9.43
N ALA A 1069 3.16 50.80 -9.09
CA ALA A 1069 3.61 50.02 -7.94
C ALA A 1069 4.98 49.39 -8.20
N VAL A 1070 5.14 48.75 -9.35
CA VAL A 1070 6.41 48.16 -9.76
C VAL A 1070 6.76 48.75 -11.12
N GLN A 1071 7.88 49.48 -11.18
CA GLN A 1071 8.33 50.11 -12.41
C GLN A 1071 9.45 49.26 -13.01
N GLU A 1072 9.24 48.78 -14.24
CA GLU A 1072 10.22 47.96 -14.95
C GLU A 1072 10.62 46.72 -14.16
N GLU A 1073 9.69 46.17 -13.39
CA GLU A 1073 9.92 44.97 -12.60
C GLU A 1073 8.80 43.97 -12.83
N PHE A 1074 9.15 42.69 -12.72
CA PHE A 1074 8.20 41.60 -12.97
C PHE A 1074 7.60 41.69 -14.36
N MET A 1075 8.44 42.05 -15.33
CA MET A 1075 7.95 42.26 -16.70
C MET A 1075 7.43 40.96 -17.29
N THR A 1076 8.18 39.86 -17.10
CA THR A 1076 7.73 38.57 -17.61
C THR A 1076 6.40 38.17 -16.99
N SER A 1077 6.23 38.44 -15.70
CA SER A 1077 4.98 38.11 -15.03
C SER A 1077 3.80 38.85 -15.65
N ARG A 1078 3.95 40.15 -15.91
CA ARG A 1078 2.83 40.92 -16.48
C ARG A 1078 2.55 40.53 -17.92
N VAL A 1079 3.60 40.35 -18.74
CA VAL A 1079 3.36 40.00 -20.14
C VAL A 1079 2.71 38.63 -20.24
N ASN A 1080 3.15 37.67 -19.43
CA ASN A 1080 2.48 36.38 -19.41
C ASN A 1080 1.09 36.50 -18.79
N TRP A 1081 0.90 37.45 -17.88
CA TRP A 1081 -0.39 37.64 -17.25
C TRP A 1081 -1.43 38.03 -18.28
N VAL A 1082 -1.06 38.85 -19.25
CA VAL A 1082 -2.01 39.24 -20.29
C VAL A 1082 -2.69 38.01 -20.88
N VAL A 1083 -1.89 37.10 -21.46
CA VAL A 1083 -2.43 35.94 -22.15
C VAL A 1083 -3.06 34.95 -21.17
N GLN A 1084 -2.43 34.74 -20.01
CA GLN A 1084 -2.94 33.72 -19.09
C GLN A 1084 -4.27 34.16 -18.45
N SER A 1085 -4.39 35.43 -18.09
CA SER A 1085 -5.67 35.93 -17.61
C SER A 1085 -6.70 36.00 -18.73
N SER A 1086 -6.26 36.21 -19.97
CA SER A 1086 -7.19 36.05 -21.09
C SER A 1086 -7.69 34.61 -21.19
N ALA A 1087 -6.83 33.65 -20.92
CA ALA A 1087 -7.25 32.25 -20.89
C ALA A 1087 -8.24 32.00 -19.76
N VAL A 1088 -8.03 32.64 -18.62
CA VAL A 1088 -9.00 32.54 -17.53
C VAL A 1088 -10.33 33.17 -17.95
N ASP A 1089 -10.28 34.27 -18.71
CA ASP A 1089 -11.50 34.84 -19.28
C ASP A 1089 -12.19 33.86 -20.22
N TYR A 1090 -11.39 33.15 -21.03
CA TYR A 1090 -11.92 32.10 -21.88
C TYR A 1090 -12.66 31.05 -21.06
N LEU A 1091 -12.05 30.62 -19.94
CA LEU A 1091 -12.68 29.63 -19.09
C LEU A 1091 -13.98 30.16 -18.47
N HIS A 1092 -13.98 31.42 -18.04
CA HIS A 1092 -15.19 32.01 -17.49
C HIS A 1092 -16.30 32.06 -18.52
N LEU A 1093 -15.96 32.46 -19.76
CA LEU A 1093 -16.94 32.49 -20.84
C LEU A 1093 -17.48 31.09 -21.12
N MET A 1094 -16.60 30.08 -21.14
CA MET A 1094 -17.04 28.72 -21.39
C MET A 1094 -17.99 28.24 -20.30
N LEU A 1095 -17.66 28.51 -19.04
CA LEU A 1095 -18.54 28.08 -17.95
C LEU A 1095 -19.89 28.79 -18.02
N VAL A 1096 -19.88 30.09 -18.33
CA VAL A 1096 -21.12 30.84 -18.43
C VAL A 1096 -21.99 30.29 -19.55
N ALA A 1097 -21.40 30.09 -20.74
CA ALA A 1097 -22.16 29.61 -21.87
C ALA A 1097 -22.65 28.19 -21.66
N MET A 1098 -21.83 27.34 -21.05
CA MET A 1098 -22.27 25.97 -20.79
C MET A 1098 -23.42 25.94 -19.81
N LYS A 1099 -23.37 26.78 -18.76
CA LYS A 1099 -24.50 26.86 -17.83
C LYS A 1099 -25.74 27.36 -18.53
N TRP A 1100 -25.59 28.36 -19.42
CA TRP A 1100 -26.73 28.89 -20.15
C TRP A 1100 -27.36 27.83 -21.03
N LEU A 1101 -26.54 27.06 -21.76
CA LEU A 1101 -27.07 26.05 -22.65
C LEU A 1101 -27.69 24.88 -21.87
N PHE A 1102 -27.09 24.52 -20.74
CA PHE A 1102 -27.65 23.46 -19.92
C PHE A 1102 -28.99 23.87 -19.32
N GLU A 1103 -29.12 25.14 -18.91
CA GLU A 1103 -30.37 25.59 -18.31
C GLU A 1103 -31.45 25.83 -19.36
N GLU A 1104 -31.07 26.31 -20.54
CA GLU A 1104 -32.07 26.67 -21.54
C GLU A 1104 -32.72 25.44 -22.17
N PHE A 1105 -31.91 24.44 -22.51
CA PHE A 1105 -32.39 23.26 -23.20
C PHE A 1105 -32.60 22.06 -22.28
N ALA A 1106 -32.48 22.26 -20.97
CA ALA A 1106 -32.73 21.21 -19.98
C ALA A 1106 -31.84 20.00 -20.21
N ILE A 1107 -30.54 20.24 -20.35
CA ILE A 1107 -29.57 19.16 -20.45
C ILE A 1107 -29.25 18.71 -19.03
N ASP A 1108 -29.63 17.47 -18.70
CA ASP A 1108 -29.44 16.96 -17.34
C ASP A 1108 -27.96 16.71 -17.09
N GLY A 1109 -27.39 17.48 -16.17
CA GLY A 1109 -25.97 17.37 -15.87
C GLY A 1109 -25.53 18.57 -15.07
N ARG A 1110 -24.23 18.57 -14.77
CA ARG A 1110 -23.66 19.63 -13.95
C ARG A 1110 -22.17 19.70 -14.20
N PHE A 1111 -21.57 20.82 -13.79
CA PHE A 1111 -20.14 21.01 -13.90
C PHE A 1111 -19.42 20.08 -12.94
N CYS A 1112 -18.40 19.38 -13.44
CA CYS A 1112 -17.68 18.40 -12.65
C CYS A 1112 -16.36 18.96 -12.12
N ILE A 1113 -15.46 19.37 -13.00
CA ILE A 1113 -14.20 19.95 -12.59
C ILE A 1113 -13.55 20.63 -13.79
N SER A 1114 -12.86 21.74 -13.55
CA SER A 1114 -12.14 22.47 -14.58
C SER A 1114 -10.68 22.51 -14.22
N ILE A 1115 -9.83 22.06 -15.12
CA ILE A 1115 -8.42 22.37 -15.08
C ILE A 1115 -8.18 23.50 -16.07
N HIS A 1116 -7.01 24.14 -15.96
CA HIS A 1116 -6.79 25.47 -16.52
C HIS A 1116 -7.14 25.57 -18.00
N ASP A 1117 -7.44 24.48 -18.68
CA ASP A 1117 -7.92 24.62 -20.07
C ASP A 1117 -8.83 23.46 -20.42
N GLU A 1118 -9.33 22.77 -19.38
CA GLU A 1118 -10.22 21.66 -19.59
C GLU A 1118 -11.49 21.84 -18.81
N VAL A 1119 -12.60 21.37 -19.34
CA VAL A 1119 -13.89 21.46 -18.66
C VAL A 1119 -14.53 20.09 -18.68
N ARG A 1120 -15.02 19.64 -17.53
CA ARG A 1120 -15.67 18.34 -17.40
C ARG A 1120 -17.07 18.54 -16.87
N TYR A 1121 -18.02 17.77 -17.42
CA TYR A 1121 -19.42 17.88 -17.05
C TYR A 1121 -19.99 16.50 -16.79
N LEU A 1122 -20.54 16.30 -15.60
CA LEU A 1122 -21.18 15.04 -15.25
C LEU A 1122 -22.57 15.05 -15.86
N VAL A 1123 -22.65 14.53 -17.08
CA VAL A 1123 -23.91 14.48 -17.82
C VAL A 1123 -24.53 13.12 -17.62
N ARG A 1124 -25.85 13.07 -17.73
CA ARG A 1124 -26.53 11.79 -17.73
C ARG A 1124 -26.26 11.06 -19.03
N GLU A 1125 -26.48 9.74 -19.02
CA GLU A 1125 -26.13 8.92 -20.17
C GLU A 1125 -26.90 9.33 -21.42
N GLU A 1126 -28.19 9.60 -21.27
CA GLU A 1126 -29.05 9.91 -22.41
C GLU A 1126 -28.72 11.24 -23.06
N ASP A 1127 -27.93 12.10 -22.42
CA ASP A 1127 -27.69 13.45 -22.89
C ASP A 1127 -26.21 13.71 -23.18
N ARG A 1128 -25.45 12.66 -23.48
CA ARG A 1128 -24.02 12.86 -23.70
C ARG A 1128 -23.75 13.62 -25.00
N TYR A 1129 -24.48 13.29 -26.07
CA TYR A 1129 -24.28 13.94 -27.35
C TYR A 1129 -24.83 15.36 -27.38
N ARG A 1130 -25.94 15.59 -26.68
CA ARG A 1130 -26.42 16.96 -26.50
C ARG A 1130 -25.39 17.80 -25.76
N ALA A 1131 -24.77 17.22 -24.74
CA ALA A 1131 -23.70 17.92 -24.03
C ALA A 1131 -22.51 18.19 -24.95
N ALA A 1132 -22.20 17.23 -25.84
CA ALA A 1132 -21.11 17.44 -26.78
C ALA A 1132 -21.39 18.61 -27.72
N LEU A 1133 -22.61 18.66 -28.27
CA LEU A 1133 -22.97 19.77 -29.14
C LEU A 1133 -22.98 21.09 -28.39
N ALA A 1134 -23.46 21.08 -27.15
CA ALA A 1134 -23.43 22.29 -26.33
C ALA A 1134 -22.01 22.77 -26.10
N LEU A 1135 -21.07 21.85 -25.84
CA LEU A 1135 -19.67 22.21 -25.72
C LEU A 1135 -19.09 22.79 -26.99
N GLN A 1136 -19.40 22.20 -28.15
CA GLN A 1136 -18.93 22.76 -29.41
C GLN A 1136 -19.48 24.16 -29.66
N ILE A 1137 -20.78 24.36 -29.40
CA ILE A 1137 -21.38 25.68 -29.54
C ILE A 1137 -20.73 26.67 -28.59
N THR A 1138 -20.45 26.24 -27.36
CA THR A 1138 -19.78 27.11 -26.39
C THR A 1138 -18.41 27.54 -26.88
N ASN A 1139 -17.62 26.58 -27.39
CA ASN A 1139 -16.30 26.92 -27.91
C ASN A 1139 -16.41 27.89 -29.08
N LEU A 1140 -17.36 27.64 -29.98
CA LEU A 1140 -17.58 28.53 -31.11
C LEU A 1140 -17.87 29.95 -30.65
N LEU A 1141 -18.83 30.09 -29.73
CA LEU A 1141 -19.22 31.42 -29.26
C LEU A 1141 -18.09 32.11 -28.53
N THR A 1142 -17.31 31.35 -27.75
CA THR A 1142 -16.19 31.96 -27.03
C THR A 1142 -15.11 32.46 -27.98
N ARG A 1143 -14.79 31.67 -29.00
CA ARG A 1143 -13.79 32.13 -29.98
C ARG A 1143 -14.29 33.36 -30.74
N CYS A 1144 -15.58 33.37 -31.12
CA CYS A 1144 -16.12 34.54 -31.79
C CYS A 1144 -16.14 35.76 -30.88
N MET A 1145 -16.37 35.56 -29.58
CA MET A 1145 -16.29 36.67 -28.63
C MET A 1145 -14.87 37.21 -28.53
N PHE A 1146 -13.88 36.33 -28.48
CA PHE A 1146 -12.48 36.77 -28.47
C PHE A 1146 -12.18 37.59 -29.73
N ALA A 1147 -12.66 37.12 -30.88
CA ALA A 1147 -12.46 37.89 -32.11
C ALA A 1147 -13.19 39.22 -32.07
N TYR A 1148 -14.40 39.24 -31.52
CA TYR A 1148 -15.23 40.43 -31.55
C TYR A 1148 -14.69 41.54 -30.67
N LYS A 1149 -14.23 41.20 -29.47
CA LYS A 1149 -13.68 42.24 -28.59
C LYS A 1149 -12.46 42.89 -29.22
N LEU A 1150 -11.61 42.10 -29.86
CA LEU A 1150 -10.48 42.66 -30.59
C LEU A 1150 -10.92 43.34 -31.89
N GLY A 1151 -12.17 43.16 -32.30
CA GLY A 1151 -12.70 43.88 -33.45
C GLY A 1151 -12.43 43.26 -34.80
N LEU A 1152 -12.05 41.98 -34.86
CA LEU A 1152 -11.73 41.36 -36.14
C LEU A 1152 -12.97 41.05 -36.96
N ASN A 1153 -14.11 40.84 -36.31
CA ASN A 1153 -15.40 40.65 -36.98
C ASN A 1153 -15.40 39.41 -37.89
N ASP A 1154 -14.59 38.41 -37.57
CA ASP A 1154 -14.65 37.14 -38.27
C ASP A 1154 -13.93 36.08 -37.43
N LEU A 1155 -14.19 34.81 -37.75
CA LEU A 1155 -13.51 33.70 -37.10
C LEU A 1155 -13.12 32.65 -38.14
N PRO A 1156 -11.87 32.20 -38.14
CA PRO A 1156 -11.48 31.10 -39.02
C PRO A 1156 -12.25 29.82 -38.70
N GLN A 1157 -12.56 29.05 -39.74
CA GLN A 1157 -13.17 27.74 -39.55
C GLN A 1157 -12.21 26.73 -38.94
N SER A 1158 -10.91 26.99 -39.02
CA SER A 1158 -9.93 26.06 -38.47
C SER A 1158 -10.08 25.92 -36.96
N VAL A 1159 -10.32 27.03 -36.27
CA VAL A 1159 -10.39 27.03 -34.80
C VAL A 1159 -11.82 27.24 -34.31
N ALA A 1160 -12.81 26.98 -35.16
CA ALA A 1160 -14.19 27.24 -34.78
C ALA A 1160 -14.70 26.25 -33.75
N PHE A 1161 -14.27 25.00 -33.82
CA PHE A 1161 -14.80 23.96 -32.96
C PHE A 1161 -13.65 23.18 -32.31
N PHE A 1162 -14.02 22.29 -31.40
CA PHE A 1162 -13.06 21.40 -30.76
C PHE A 1162 -12.58 20.32 -31.74
N SER A 1163 -11.37 19.83 -31.50
CA SER A 1163 -10.90 18.68 -32.25
C SER A 1163 -11.71 17.44 -31.90
N ALA A 1164 -12.04 17.25 -30.63
CA ALA A 1164 -12.84 16.12 -30.19
C ALA A 1164 -13.40 16.40 -28.81
N VAL A 1165 -14.59 15.86 -28.55
CA VAL A 1165 -15.25 15.95 -27.25
C VAL A 1165 -15.25 14.56 -26.64
N ASP A 1166 -14.61 14.42 -25.49
CA ASP A 1166 -14.47 13.12 -24.84
C ASP A 1166 -15.75 12.74 -24.11
N ILE A 1167 -16.19 11.51 -24.32
CA ILE A 1167 -17.38 10.97 -23.67
C ILE A 1167 -16.93 9.67 -22.98
N ASP A 1168 -16.69 9.74 -21.67
CA ASP A 1168 -16.08 8.65 -20.95
C ASP A 1168 -16.76 8.49 -19.60
N ARG A 1169 -16.60 7.31 -19.01
CA ARG A 1169 -17.09 7.05 -17.66
C ARG A 1169 -16.03 7.29 -16.59
N CYS A 1170 -14.85 7.76 -16.97
CA CYS A 1170 -13.80 8.09 -16.01
C CYS A 1170 -12.97 9.22 -16.56
N LEU A 1171 -12.24 9.88 -15.67
CA LEU A 1171 -11.44 11.05 -16.02
C LEU A 1171 -10.05 10.58 -16.45
N ARG A 1172 -9.77 10.67 -17.75
CA ARG A 1172 -8.44 10.35 -18.26
C ARG A 1172 -8.15 11.25 -19.45
N LYS A 1173 -6.85 11.44 -19.71
CA LYS A 1173 -6.43 12.37 -20.75
C LYS A 1173 -6.97 11.97 -22.12
N GLU A 1174 -6.91 10.69 -22.44
CA GLU A 1174 -7.38 10.16 -23.72
C GLU A 1174 -8.46 9.13 -23.47
N VAL A 1175 -9.45 9.09 -24.37
CA VAL A 1175 -10.56 8.16 -24.22
C VAL A 1175 -10.13 6.72 -24.47
N THR A 1176 -9.05 6.51 -25.21
CA THR A 1176 -8.63 5.17 -25.62
C THR A 1176 -7.56 4.58 -24.72
N MET A 1177 -6.74 5.41 -24.07
CA MET A 1177 -5.68 4.89 -23.23
C MET A 1177 -6.26 4.11 -22.06
N ASP A 1178 -5.61 3.00 -21.73
CA ASP A 1178 -5.98 2.19 -20.58
C ASP A 1178 -4.94 2.42 -19.49
N CYS A 1179 -5.41 2.71 -18.28
CA CYS A 1179 -4.54 3.10 -17.18
C CYS A 1179 -3.94 1.84 -16.55
N LYS A 1180 -2.93 1.31 -17.23
CA LYS A 1180 -2.18 0.14 -16.77
C LYS A 1180 -0.91 0.64 -16.11
N THR A 1181 -0.99 0.83 -14.80
CA THR A 1181 0.09 1.28 -13.95
C THR A 1181 0.57 0.14 -13.06
N PRO A 1182 1.70 0.30 -12.37
CA PRO A 1182 2.14 -0.78 -11.48
C PRO A 1182 1.11 -1.18 -10.43
N SER A 1183 0.34 -0.22 -9.92
CA SER A 1183 -0.74 -0.54 -9.00
C SER A 1183 -2.00 -1.00 -9.70
N ASN A 1184 -2.06 -0.88 -11.02
CA ASN A 1184 -3.23 -1.27 -11.82
C ASN A 1184 -2.76 -2.02 -13.05
N PRO A 1185 -2.21 -3.23 -12.88
CA PRO A 1185 -1.56 -3.92 -13.99
C PRO A 1185 -2.53 -4.52 -14.99
N THR A 1186 -3.67 -5.02 -14.49
CA THR A 1186 -4.68 -5.58 -15.38
C THR A 1186 -5.27 -4.51 -16.30
N GLY A 1187 -5.51 -3.31 -15.78
CA GLY A 1187 -6.12 -2.24 -16.53
C GLY A 1187 -7.50 -1.89 -16.01
N MET A 1188 -7.99 -0.72 -16.44
CA MET A 1188 -9.31 -0.28 -16.03
C MET A 1188 -10.41 -1.19 -16.55
N GLU A 1189 -10.23 -1.75 -17.75
CA GLU A 1189 -11.27 -2.61 -18.33
C GLU A 1189 -11.37 -3.94 -17.59
N ARG A 1190 -10.22 -4.58 -17.33
CA ARG A 1190 -10.26 -5.90 -16.71
C ARG A 1190 -10.60 -5.81 -15.23
N ARG A 1191 -10.02 -4.84 -14.52
CA ARG A 1191 -10.19 -4.79 -13.08
C ARG A 1191 -11.53 -4.18 -12.69
N TYR A 1192 -11.77 -2.93 -13.09
CA TYR A 1192 -12.97 -2.20 -12.66
C TYR A 1192 -14.09 -2.24 -13.68
N GLY A 1193 -13.86 -2.85 -14.84
CA GLY A 1193 -14.90 -2.93 -15.86
C GLY A 1193 -15.28 -1.60 -16.48
N ILE A 1194 -14.30 -0.77 -16.82
CA ILE A 1194 -14.54 0.55 -17.38
C ILE A 1194 -14.23 0.48 -18.88
N PRO A 1195 -15.23 0.52 -19.76
CA PRO A 1195 -14.95 0.47 -21.19
C PRO A 1195 -14.32 1.77 -21.67
N GLN A 1196 -13.71 1.69 -22.85
CA GLN A 1196 -13.16 2.88 -23.48
C GLN A 1196 -14.28 3.84 -23.89
N GLY A 1197 -13.97 5.13 -23.88
CA GLY A 1197 -14.89 6.15 -24.32
C GLY A 1197 -14.73 6.43 -25.80
N GLU A 1198 -15.42 7.48 -26.25
CA GLU A 1198 -15.35 7.91 -27.63
C GLU A 1198 -15.04 9.40 -27.72
N ALA A 1199 -14.18 9.76 -28.65
CA ALA A 1199 -13.85 11.14 -28.97
C ALA A 1199 -14.53 11.50 -30.27
N LEU A 1200 -15.38 12.52 -30.24
CA LEU A 1200 -16.20 12.91 -31.39
C LEU A 1200 -15.93 14.36 -31.74
N ASP A 1201 -15.74 14.62 -33.03
CA ASP A 1201 -15.59 15.99 -33.51
C ASP A 1201 -16.97 16.53 -33.90
N ILE A 1202 -16.99 17.72 -34.53
CA ILE A 1202 -18.24 18.44 -34.71
C ILE A 1202 -19.20 17.68 -35.62
N TYR A 1203 -18.69 17.12 -36.72
CA TYR A 1203 -19.56 16.48 -37.70
C TYR A 1203 -20.26 15.25 -37.12
N GLN A 1204 -19.51 14.44 -36.37
CA GLN A 1204 -20.09 13.25 -35.76
C GLN A 1204 -21.17 13.63 -34.74
N ILE A 1205 -20.92 14.68 -33.95
CA ILE A 1205 -21.93 15.14 -32.99
C ILE A 1205 -23.17 15.64 -33.71
N ILE A 1206 -22.97 16.37 -34.81
CA ILE A 1206 -24.11 16.85 -35.61
C ILE A 1206 -24.94 15.68 -36.10
N GLU A 1207 -24.28 14.64 -36.60
CA GLU A 1207 -25.00 13.46 -37.06
C GLU A 1207 -25.76 12.80 -35.92
N LEU A 1208 -25.15 12.72 -34.75
CA LEU A 1208 -25.76 11.98 -33.65
C LEU A 1208 -26.92 12.72 -32.99
N THR A 1209 -26.89 14.06 -32.97
CA THR A 1209 -27.94 14.83 -32.32
C THR A 1209 -28.74 15.68 -33.31
N LYS A 1210 -28.60 15.44 -34.60
CA LYS A 1210 -29.33 16.15 -35.65
C LYS A 1210 -29.05 17.65 -35.66
N GLY A 1211 -27.91 18.06 -35.10
CA GLY A 1211 -27.56 19.47 -35.10
C GLY A 1211 -28.42 20.35 -34.21
N SER A 1212 -29.04 19.78 -33.17
CA SER A 1212 -29.87 20.53 -32.26
C SER A 1212 -29.59 20.10 -30.83
N LEU A 1213 -29.80 21.04 -29.90
CA LEU A 1213 -29.69 20.76 -28.48
C LEU A 1213 -31.02 20.39 -27.84
N GLU A 1214 -32.09 20.36 -28.62
CA GLU A 1214 -33.41 20.08 -28.07
C GLU A 1214 -33.63 18.57 -27.95
N LYS A 1215 -34.79 18.21 -27.40
CA LYS A 1215 -35.13 16.81 -27.18
C LYS A 1215 -36.30 16.38 -28.04
N GLU B 43 28.17 -25.31 -5.45
CA GLU B 43 27.97 -26.54 -4.70
C GLU B 43 28.41 -26.36 -3.26
N ALA B 44 29.10 -25.26 -2.98
CA ALA B 44 29.53 -24.97 -1.61
C ALA B 44 28.34 -24.80 -0.68
N LEU B 45 27.20 -24.38 -1.22
CA LEU B 45 26.00 -24.26 -0.40
C LEU B 45 25.57 -25.60 0.16
N LEU B 46 25.57 -26.64 -0.68
CA LEU B 46 25.21 -27.97 -0.20
C LEU B 46 26.27 -28.54 0.73
N GLU B 47 27.54 -28.20 0.50
CA GLU B 47 28.59 -28.59 1.43
C GLU B 47 28.34 -28.02 2.82
N ILE B 48 28.03 -26.73 2.89
CA ILE B 48 27.74 -26.10 4.18
C ILE B 48 26.45 -26.68 4.76
N CYS B 49 25.47 -26.97 3.91
CA CYS B 49 24.19 -27.49 4.39
C CYS B 49 24.36 -28.85 5.03
N GLN B 50 25.14 -29.74 4.40
CA GLN B 50 25.37 -31.06 5.00
C GLN B 50 26.33 -30.96 6.18
N ARG B 51 27.25 -29.99 6.16
CA ARG B 51 28.11 -29.78 7.32
C ARG B 51 27.29 -29.31 8.52
N ARG B 52 26.30 -28.45 8.30
CA ARG B 52 25.47 -27.93 9.37
C ARG B 52 24.14 -28.64 9.45
N HIS B 53 24.05 -29.84 8.91
CA HIS B 53 22.89 -30.72 9.09
C HIS B 53 21.61 -30.14 8.51
N PHE B 54 21.73 -29.34 7.45
CA PHE B 54 20.57 -29.08 6.62
C PHE B 54 20.26 -30.25 5.71
N LEU B 55 21.31 -30.90 5.20
CA LEU B 55 21.19 -32.02 4.27
C LEU B 55 21.77 -33.29 4.90
N SER B 56 21.56 -34.41 4.21
CA SER B 56 21.98 -35.71 4.68
C SER B 56 22.72 -36.44 3.57
N GLY B 57 23.33 -37.57 3.93
CA GLY B 57 23.98 -38.42 2.95
C GLY B 57 25.31 -37.86 2.49
N SER B 58 25.90 -38.56 1.53
CA SER B 58 27.20 -38.19 0.98
C SER B 58 27.01 -37.26 -0.21
N LYS B 59 28.10 -36.98 -0.93
CA LYS B 59 28.01 -36.09 -2.09
C LYS B 59 27.26 -36.74 -3.23
N GLN B 60 27.23 -38.07 -3.30
CA GLN B 60 26.56 -38.76 -4.40
C GLN B 60 25.06 -38.47 -4.40
N GLN B 61 24.44 -38.47 -3.23
CA GLN B 61 23.00 -38.23 -3.15
C GLN B 61 22.64 -36.76 -3.10
N LEU B 62 23.62 -35.87 -3.00
CA LEU B 62 23.36 -34.44 -2.86
C LEU B 62 23.67 -33.66 -4.13
N SER B 63 23.75 -34.33 -5.28
CA SER B 63 23.82 -33.62 -6.54
C SER B 63 22.49 -32.90 -6.80
N ARG B 64 22.59 -31.73 -7.43
CA ARG B 64 21.40 -30.89 -7.59
C ARG B 64 20.30 -31.60 -8.35
N ASP B 65 20.65 -32.52 -9.24
CA ASP B 65 19.65 -33.33 -9.91
C ASP B 65 18.86 -34.17 -8.91
N SER B 66 19.57 -34.76 -7.93
CA SER B 66 18.89 -35.57 -6.92
C SER B 66 17.98 -34.73 -6.04
N LEU B 67 18.44 -33.53 -5.66
CA LEU B 67 17.62 -32.64 -4.85
C LEU B 67 16.36 -32.22 -5.60
N LEU B 68 16.52 -31.77 -6.84
CA LEU B 68 15.36 -31.34 -7.62
C LEU B 68 14.40 -32.49 -7.86
N SER B 69 14.93 -33.67 -8.19
CA SER B 69 14.07 -34.80 -8.53
C SER B 69 13.26 -35.26 -7.32
N GLY B 70 13.89 -35.31 -6.15
CA GLY B 70 13.27 -35.88 -4.97
C GLY B 70 13.83 -37.22 -4.55
N CYS B 71 14.94 -37.66 -5.13
CA CYS B 71 15.58 -38.93 -4.79
C CYS B 71 16.63 -38.78 -3.71
N HIS B 72 16.81 -37.58 -3.16
CA HIS B 72 17.70 -37.39 -2.04
C HIS B 72 17.13 -38.09 -0.80
N PRO B 73 17.97 -38.41 0.17
CA PRO B 73 17.44 -38.91 1.45
C PRO B 73 16.72 -37.80 2.20
N GLY B 74 16.25 -38.10 3.41
CA GLY B 74 15.48 -37.10 4.14
C GLY B 74 16.29 -35.87 4.48
N PHE B 75 15.58 -34.78 4.72
CA PHE B 75 16.22 -33.53 5.12
C PHE B 75 16.77 -33.64 6.54
N GLY B 76 17.89 -32.96 6.78
CA GLY B 76 18.50 -32.97 8.09
C GLY B 76 17.67 -32.21 9.10
N PRO B 77 18.13 -32.21 10.35
CA PRO B 77 17.33 -31.59 11.42
C PRO B 77 17.11 -30.10 11.23
N LEU B 78 18.17 -29.36 10.93
CA LEU B 78 18.00 -27.95 10.59
C LEU B 78 17.19 -27.78 9.32
N GLY B 79 17.31 -28.72 8.38
CA GLY B 79 16.44 -28.71 7.22
C GLY B 79 14.98 -28.90 7.60
N VAL B 80 14.73 -29.80 8.55
CA VAL B 80 13.37 -29.98 9.05
C VAL B 80 12.86 -28.68 9.66
N GLU B 81 13.71 -28.00 10.44
CA GLU B 81 13.28 -26.76 11.09
C GLU B 81 13.01 -25.65 10.06
N LEU B 82 13.87 -25.54 9.05
CA LEU B 82 13.67 -24.53 8.02
C LEU B 82 12.40 -24.81 7.22
N ARG B 83 12.14 -26.08 6.90
CA ARG B 83 10.91 -26.43 6.20
C ARG B 83 9.70 -26.17 7.08
N LYS B 84 9.80 -26.44 8.38
CA LYS B 84 8.71 -26.14 9.30
C LYS B 84 8.43 -24.66 9.34
N ASN B 85 9.48 -23.84 9.33
CA ASN B 85 9.28 -22.39 9.33
C ASN B 85 8.64 -21.92 8.03
N LEU B 86 9.06 -22.48 6.89
CA LEU B 86 8.42 -22.14 5.62
C LEU B 86 6.95 -22.52 5.64
N ALA B 87 6.64 -23.71 6.15
CA ALA B 87 5.26 -24.15 6.22
C ALA B 87 4.44 -23.28 7.18
N ALA B 88 5.06 -22.83 8.27
CA ALA B 88 4.37 -21.97 9.23
C ALA B 88 4.06 -20.61 8.62
N GLU B 89 5.04 -20.02 7.92
CA GLU B 89 4.79 -18.75 7.24
C GLU B 89 3.71 -18.89 6.17
N TRP B 90 3.79 -19.97 5.39
CA TRP B 90 2.78 -20.23 4.36
C TRP B 90 1.40 -20.36 4.98
N TRP B 91 1.30 -21.13 6.08
CA TRP B 91 0.03 -21.34 6.73
C TRP B 91 -0.52 -20.04 7.28
N THR B 92 0.34 -19.25 7.93
CA THR B 92 -0.08 -17.92 8.38
C THR B 92 -0.71 -17.14 7.24
N SER B 93 0.08 -16.90 6.19
CA SER B 93 -0.36 -16.00 5.11
C SER B 93 -1.62 -16.50 4.42
N VAL B 94 -1.70 -17.80 4.14
CA VAL B 94 -2.82 -18.31 3.35
C VAL B 94 -4.04 -18.55 4.23
N VAL B 95 -3.88 -19.28 5.32
CA VAL B 95 -5.01 -19.79 6.08
C VAL B 95 -5.33 -18.94 7.30
N VAL B 96 -4.32 -18.50 8.04
CA VAL B 96 -4.58 -17.98 9.39
C VAL B 96 -5.38 -16.69 9.32
N PHE B 97 -4.99 -15.77 8.45
CA PHE B 97 -5.57 -14.44 8.40
C PHE B 97 -6.75 -14.33 7.44
N ARG B 98 -7.20 -15.44 6.86
CA ARG B 98 -8.32 -15.43 5.94
C ARG B 98 -9.47 -16.23 6.53
N GLU B 99 -10.67 -15.64 6.52
CA GLU B 99 -11.83 -16.24 7.17
C GLU B 99 -12.41 -17.40 6.37
N GLN B 100 -11.98 -17.62 5.13
CA GLN B 100 -12.61 -18.61 4.27
C GLN B 100 -11.62 -19.63 3.72
N VAL B 101 -10.45 -19.77 4.35
CA VAL B 101 -9.49 -20.81 4.01
C VAL B 101 -9.42 -21.78 5.19
N PHE B 102 -9.65 -23.05 4.93
CA PHE B 102 -9.75 -24.08 5.96
C PHE B 102 -8.78 -25.22 5.66
N PRO B 103 -8.30 -25.90 6.68
CA PRO B 103 -7.44 -27.06 6.46
C PRO B 103 -8.25 -28.27 5.98
N VAL B 104 -7.58 -29.17 5.29
CA VAL B 104 -8.19 -30.38 4.76
C VAL B 104 -7.21 -31.53 4.97
N ASP B 105 -7.75 -32.71 5.28
CA ASP B 105 -6.95 -33.92 5.49
C ASP B 105 -7.17 -34.84 4.29
N ALA B 106 -6.20 -34.88 3.38
CA ALA B 106 -6.21 -35.77 2.24
C ALA B 106 -5.26 -36.93 2.49
N LEU B 107 -5.73 -38.14 2.25
CA LEU B 107 -4.92 -39.32 2.51
C LEU B 107 -3.76 -39.43 1.53
N HIS B 108 -2.70 -40.11 1.96
CA HIS B 108 -1.52 -40.26 1.14
C HIS B 108 -1.71 -41.26 0.01
N HIS B 109 -2.71 -42.13 0.11
CA HIS B 109 -2.94 -43.16 -0.89
C HIS B 109 -4.31 -42.97 -1.52
N LYS B 110 -4.43 -43.39 -2.78
CA LYS B 110 -5.68 -43.32 -3.49
C LYS B 110 -6.29 -44.71 -3.53
N PRO B 111 -7.34 -44.99 -2.76
CA PRO B 111 -7.89 -46.35 -2.74
C PRO B 111 -8.64 -46.69 -4.02
N GLY B 112 -8.69 -47.98 -4.33
CA GLY B 112 -9.51 -48.49 -5.40
C GLY B 112 -8.98 -48.17 -6.78
N PRO B 113 -9.80 -48.40 -7.81
CA PRO B 113 -9.48 -48.19 -9.22
C PRO B 113 -9.05 -46.76 -9.54
N THR B 153 -7.22 -52.56 -9.51
CA THR B 153 -7.64 -53.11 -8.22
C THR B 153 -6.79 -52.57 -7.07
N SER B 154 -5.50 -52.38 -7.33
CA SER B 154 -4.58 -51.89 -6.33
C SER B 154 -4.52 -50.37 -6.35
N GLY B 155 -4.38 -49.79 -5.16
CA GLY B 155 -4.35 -48.35 -5.01
C GLY B 155 -3.01 -47.76 -5.39
N LYS B 156 -2.96 -46.42 -5.34
CA LYS B 156 -1.75 -45.70 -5.72
C LYS B 156 -1.48 -44.58 -4.73
N LEU B 157 -0.20 -44.24 -4.62
CA LEU B 157 0.20 -43.09 -3.83
C LEU B 157 -0.19 -41.81 -4.53
N ARG B 158 -0.57 -40.81 -3.75
CA ARG B 158 -1.04 -39.55 -4.32
C ARG B 158 0.10 -38.81 -5.00
N GLU B 159 -0.22 -38.16 -6.12
CA GLU B 159 0.73 -37.32 -6.83
C GLU B 159 0.43 -35.84 -6.67
N ASN B 160 -0.80 -35.48 -6.30
CA ASN B 160 -1.16 -34.09 -6.06
C ASN B 160 -2.21 -34.05 -4.95
N LEU B 161 -2.22 -32.94 -4.21
CA LEU B 161 -3.17 -32.71 -3.14
C LEU B 161 -4.48 -32.11 -3.63
N LEU B 162 -4.55 -31.77 -4.91
CA LEU B 162 -5.75 -31.15 -5.46
C LEU B 162 -6.94 -32.10 -5.42
N HIS B 163 -6.69 -33.39 -5.64
CA HIS B 163 -7.77 -34.36 -5.73
C HIS B 163 -8.52 -34.52 -4.41
N GLY B 164 -7.79 -34.65 -3.30
CA GLY B 164 -8.45 -34.77 -2.01
C GLY B 164 -9.23 -33.53 -1.62
N ALA B 165 -8.70 -32.36 -1.95
CA ALA B 165 -9.42 -31.11 -1.68
C ALA B 165 -10.70 -31.04 -2.51
N LEU B 166 -10.64 -31.46 -3.77
CA LEU B 166 -11.86 -31.51 -4.57
C LEU B 166 -12.85 -32.52 -4.00
N GLU B 167 -12.34 -33.58 -3.36
CA GLU B 167 -13.22 -34.55 -2.73
C GLU B 167 -13.87 -33.97 -1.47
N HIS B 168 -13.19 -33.07 -0.79
CA HIS B 168 -13.74 -32.42 0.41
C HIS B 168 -14.48 -31.12 0.10
N TYR B 169 -14.56 -30.72 -1.17
CA TYR B 169 -15.28 -29.50 -1.55
C TYR B 169 -16.70 -29.48 -1.00
N VAL B 170 -17.47 -30.53 -1.25
CA VAL B 170 -18.87 -30.54 -0.83
C VAL B 170 -18.97 -30.49 0.69
N ASN B 171 -18.14 -31.26 1.38
CA ASN B 171 -18.19 -31.30 2.84
C ASN B 171 -17.86 -29.93 3.44
N CYS B 172 -16.85 -29.25 2.90
CA CYS B 172 -16.45 -27.96 3.42
C CYS B 172 -17.25 -26.81 2.85
N LEU B 173 -18.20 -27.07 1.94
CA LEU B 173 -19.15 -26.03 1.54
C LEU B 173 -20.03 -25.61 2.71
N ASP B 174 -20.25 -26.49 3.68
CA ASP B 174 -21.14 -26.18 4.81
C ASP B 174 -20.50 -25.26 5.83
N LEU B 175 -19.17 -25.16 5.85
CA LEU B 175 -18.51 -24.29 6.82
C LEU B 175 -18.79 -22.82 6.51
N VAL B 176 -18.62 -22.42 5.26
CA VAL B 176 -18.75 -21.02 4.86
C VAL B 176 -20.21 -20.70 4.55
N ASN B 177 -21.10 -21.62 4.89
CA ASN B 177 -22.53 -21.49 4.61
C ASN B 177 -22.78 -21.27 3.12
N LYS B 178 -22.08 -22.07 2.29
CA LYS B 178 -22.26 -22.08 0.84
C LYS B 178 -21.99 -20.70 0.22
N ARG B 179 -21.00 -20.00 0.75
CA ARG B 179 -20.63 -18.68 0.25
C ARG B 179 -19.25 -18.75 -0.39
N LEU B 180 -19.18 -18.38 -1.64
CA LEU B 180 -17.94 -18.32 -2.39
C LEU B 180 -17.37 -16.91 -2.37
N PRO B 181 -16.05 -16.75 -2.47
CA PRO B 181 -15.02 -17.78 -2.58
C PRO B 181 -14.61 -18.39 -1.25
N TYR B 182 -14.19 -19.65 -1.25
CA TYR B 182 -13.60 -20.25 -0.06
C TYR B 182 -12.58 -21.28 -0.51
N GLY B 183 -11.66 -21.60 0.40
CA GLY B 183 -10.51 -22.41 0.04
C GLY B 183 -10.32 -23.58 0.98
N LEU B 184 -9.61 -24.58 0.47
CA LEU B 184 -9.19 -25.73 1.24
C LEU B 184 -7.68 -25.89 1.08
N ALA B 185 -6.95 -25.62 2.14
CA ALA B 185 -5.50 -25.62 2.09
C ALA B 185 -4.95 -26.84 2.82
N GLN B 186 -3.78 -27.29 2.37
CA GLN B 186 -3.15 -28.46 2.95
C GLN B 186 -1.66 -28.42 2.61
N ILE B 187 -0.84 -28.86 3.55
CA ILE B 187 0.56 -29.15 3.31
C ILE B 187 0.75 -30.64 3.52
N GLY B 188 1.32 -31.31 2.52
CA GLY B 188 1.49 -32.74 2.58
C GLY B 188 2.60 -33.18 1.66
N VAL B 189 2.86 -34.48 1.67
CA VAL B 189 3.90 -35.08 0.85
C VAL B 189 3.23 -35.81 -0.32
N CYS B 190 3.78 -35.63 -1.51
CA CYS B 190 3.28 -36.27 -2.72
C CYS B 190 4.42 -37.05 -3.39
N PHE B 191 4.05 -38.11 -4.08
CA PHE B 191 4.99 -39.09 -4.60
C PHE B 191 5.05 -38.99 -6.12
N HIS B 192 6.19 -38.55 -6.65
CA HIS B 192 6.38 -38.35 -8.07
C HIS B 192 7.30 -39.42 -8.63
N PRO B 193 6.87 -40.16 -9.66
CA PRO B 193 7.78 -41.12 -10.29
C PRO B 193 8.98 -40.42 -10.91
N VAL B 194 10.16 -40.99 -10.71
CA VAL B 194 11.39 -40.42 -11.23
C VAL B 194 12.17 -41.45 -12.03
N LYS B 205 12.87 -47.45 -11.58
CA LYS B 205 11.83 -46.44 -11.40
C LYS B 205 11.73 -46.00 -9.94
N SER B 206 12.51 -44.99 -9.58
CA SER B 206 12.53 -44.51 -8.22
C SER B 206 11.27 -43.69 -7.91
N ILE B 207 11.11 -43.37 -6.63
CA ILE B 207 10.00 -42.54 -6.15
C ILE B 207 10.58 -41.33 -5.45
N GLY B 208 10.19 -40.14 -5.92
CA GLY B 208 10.62 -38.90 -5.32
C GLY B 208 9.49 -38.27 -4.51
N GLU B 209 9.78 -38.00 -3.23
CA GLU B 209 8.81 -37.43 -2.31
C GLU B 209 8.99 -35.92 -2.27
N LYS B 210 7.90 -35.18 -2.44
CA LYS B 210 7.94 -33.72 -2.42
C LYS B 210 6.88 -33.20 -1.47
N THR B 211 7.28 -32.30 -0.58
CA THR B 211 6.34 -31.63 0.30
C THR B 211 5.72 -30.45 -0.45
N GLU B 212 4.40 -30.47 -0.59
CA GLU B 212 3.70 -29.48 -1.38
C GLU B 212 2.64 -28.78 -0.55
N ALA B 213 2.53 -27.47 -0.75
CA ALA B 213 1.52 -26.64 -0.10
C ALA B 213 0.47 -26.27 -1.14
N SER B 214 -0.77 -26.70 -0.91
CA SER B 214 -1.83 -26.52 -1.89
C SER B 214 -2.91 -25.60 -1.34
N LEU B 215 -3.55 -24.88 -2.25
CA LEU B 215 -4.73 -24.08 -1.95
C LEU B 215 -5.71 -24.23 -3.10
N VAL B 216 -6.80 -24.94 -2.87
CA VAL B 216 -7.86 -25.10 -3.85
C VAL B 216 -8.91 -24.05 -3.55
N TRP B 217 -9.03 -23.08 -4.44
CA TRP B 217 -9.73 -21.83 -4.18
C TRP B 217 -10.96 -21.76 -5.10
N PHE B 218 -12.10 -22.18 -4.58
CA PHE B 218 -13.33 -22.17 -5.36
C PHE B 218 -13.82 -20.75 -5.53
N THR B 219 -14.03 -20.32 -6.78
CA THR B 219 -14.36 -18.95 -7.08
C THR B 219 -15.57 -18.87 -8.01
N PRO B 220 -16.32 -17.78 -7.94
CA PRO B 220 -17.36 -17.54 -8.93
C PRO B 220 -16.76 -17.42 -10.31
N PRO B 221 -17.43 -17.93 -11.35
CA PRO B 221 -16.84 -17.92 -12.69
C PRO B 221 -16.53 -16.54 -13.22
N ARG B 222 -17.30 -15.52 -12.86
CA ARG B 222 -17.10 -14.21 -13.47
C ARG B 222 -15.82 -13.56 -12.98
N THR B 223 -15.47 -13.75 -11.71
CA THR B 223 -14.30 -13.12 -11.11
C THR B 223 -13.08 -14.04 -11.09
N SER B 224 -13.11 -15.13 -11.86
CA SER B 224 -12.04 -16.12 -11.78
C SER B 224 -10.70 -15.54 -12.20
N ASN B 225 -10.68 -14.76 -13.28
CA ASN B 225 -9.43 -14.15 -13.71
C ASN B 225 -8.92 -13.15 -12.67
N GLN B 226 -9.83 -12.39 -12.07
CA GLN B 226 -9.43 -11.44 -11.03
C GLN B 226 -8.83 -12.16 -9.83
N TRP B 227 -9.46 -13.25 -9.38
CA TRP B 227 -8.92 -13.99 -8.26
C TRP B 227 -7.60 -14.66 -8.62
N LEU B 228 -7.46 -15.12 -9.86
CA LEU B 228 -6.20 -15.71 -10.28
C LEU B 228 -5.08 -14.69 -10.26
N ASP B 229 -5.35 -13.48 -10.74
CA ASP B 229 -4.31 -12.43 -10.70
C ASP B 229 -4.01 -12.02 -9.27
N PHE B 230 -5.04 -11.93 -8.42
CA PHE B 230 -4.81 -11.61 -7.02
C PHE B 230 -3.95 -12.66 -6.34
N TRP B 231 -4.22 -13.94 -6.58
CA TRP B 231 -3.44 -14.99 -5.96
C TRP B 231 -2.04 -15.07 -6.54
N LEU B 232 -1.88 -14.80 -7.83
CA LEU B 232 -0.55 -14.73 -8.40
C LEU B 232 0.28 -13.63 -7.70
N ARG B 233 -0.30 -12.44 -7.58
CA ARG B 233 0.40 -11.35 -6.92
C ARG B 233 0.68 -11.67 -5.46
N HIS B 234 -0.30 -12.27 -4.76
CA HIS B 234 -0.11 -12.58 -3.35
C HIS B 234 0.97 -13.62 -3.15
N ARG B 235 0.97 -14.67 -3.97
CA ARG B 235 1.96 -15.71 -3.82
C ARG B 235 3.35 -15.20 -4.19
N LEU B 236 3.46 -14.41 -5.25
CA LEU B 236 4.76 -13.85 -5.63
C LEU B 236 5.28 -12.91 -4.55
N GLN B 237 4.40 -12.09 -3.97
CA GLN B 237 4.79 -11.23 -2.86
C GLN B 237 5.21 -12.06 -1.65
N TRP B 238 4.55 -13.18 -1.41
CA TRP B 238 4.92 -14.05 -0.30
C TRP B 238 6.31 -14.65 -0.51
N TRP B 239 6.60 -15.11 -1.72
CA TRP B 239 7.92 -15.67 -1.98
C TRP B 239 9.00 -14.59 -1.94
N ARG B 240 8.70 -13.38 -2.38
CA ARG B 240 9.65 -12.27 -2.33
C ARG B 240 9.74 -11.65 -0.95
N LYS B 241 8.83 -11.98 -0.04
CA LYS B 241 8.81 -11.36 1.29
C LYS B 241 10.02 -11.78 2.10
N PHE B 242 10.42 -13.03 2.00
CA PHE B 242 11.55 -13.57 2.75
C PHE B 242 12.82 -13.64 1.93
N ALA B 243 12.85 -12.99 0.77
CA ALA B 243 13.94 -13.14 -0.19
C ALA B 243 14.91 -11.97 -0.06
N MET B 244 16.20 -12.30 -0.02
CA MET B 244 17.22 -11.25 -0.06
C MET B 244 17.31 -10.62 -1.44
N SER B 245 16.96 -11.37 -2.48
CA SER B 245 16.93 -10.87 -3.86
C SER B 245 15.57 -11.22 -4.45
N PRO B 246 14.56 -10.39 -4.19
CA PRO B 246 13.20 -10.72 -4.67
C PRO B 246 13.09 -10.81 -6.17
N SER B 247 14.00 -10.17 -6.92
CA SER B 247 13.92 -10.20 -8.37
C SER B 247 14.11 -11.61 -8.93
N ASN B 248 14.77 -12.50 -8.18
CA ASN B 248 14.98 -13.87 -8.64
C ASN B 248 13.70 -14.70 -8.60
N PHE B 249 12.64 -14.19 -7.99
CA PHE B 249 11.33 -14.85 -8.03
C PHE B 249 10.51 -14.17 -9.11
N SER B 250 10.07 -14.93 -10.10
CA SER B 250 9.41 -14.40 -11.27
C SER B 250 8.12 -15.16 -11.52
N SER B 251 7.37 -14.70 -12.51
CA SER B 251 6.14 -15.35 -12.92
C SER B 251 6.09 -15.42 -14.44
N SER B 252 5.34 -16.40 -14.95
CA SER B 252 5.12 -16.54 -16.38
C SER B 252 3.65 -16.87 -16.61
N ASP B 253 3.07 -16.26 -17.63
CA ASP B 253 1.69 -16.51 -17.99
C ASP B 253 1.66 -17.64 -19.00
N CYS B 254 1.04 -18.75 -18.63
CA CYS B 254 1.05 -19.96 -19.44
C CYS B 254 -0.37 -20.39 -19.75
N GLN B 255 -0.52 -21.17 -20.82
CA GLN B 255 -1.79 -21.73 -21.23
C GLN B 255 -1.68 -23.24 -21.29
N ASP B 256 -2.72 -23.92 -20.81
CA ASP B 256 -2.74 -25.37 -20.81
C ASP B 256 -2.94 -25.89 -22.23
N GLU B 257 -2.71 -27.20 -22.40
CA GLU B 257 -2.98 -27.83 -23.69
C GLU B 257 -4.44 -27.73 -24.07
N GLU B 258 -5.34 -27.59 -23.10
CA GLU B 258 -6.75 -27.36 -23.36
C GLU B 258 -7.10 -25.88 -23.43
N GLY B 259 -6.12 -25.00 -23.32
CA GLY B 259 -6.33 -23.57 -23.40
C GLY B 259 -6.71 -22.89 -22.12
N ARG B 260 -6.66 -23.58 -20.98
CA ARG B 260 -7.01 -22.97 -19.71
C ARG B 260 -5.92 -22.02 -19.26
N LYS B 261 -6.34 -20.86 -18.73
CA LYS B 261 -5.39 -19.85 -18.29
C LYS B 261 -4.73 -20.26 -16.98
N GLY B 262 -3.50 -19.79 -16.80
CA GLY B 262 -2.76 -20.12 -15.60
C GLY B 262 -1.45 -19.36 -15.56
N ASN B 263 -0.82 -19.41 -14.39
CA ASN B 263 0.44 -18.72 -14.15
C ASN B 263 1.41 -19.66 -13.47
N LYS B 264 2.69 -19.44 -13.71
CA LYS B 264 3.76 -20.27 -13.14
C LYS B 264 4.79 -19.38 -12.47
N LEU B 265 5.08 -19.68 -11.21
CA LEU B 265 6.10 -18.94 -10.50
C LEU B 265 7.40 -19.67 -10.65
N TYR B 266 8.50 -18.99 -10.43
CA TYR B 266 9.82 -19.55 -10.63
C TYR B 266 10.79 -18.97 -9.63
N TYR B 267 11.89 -19.68 -9.43
CA TYR B 267 13.05 -19.12 -8.76
C TYR B 267 14.27 -19.34 -9.66
N ASN B 268 15.04 -18.28 -9.86
CA ASN B 268 16.20 -18.35 -10.73
C ASN B 268 17.37 -18.93 -9.95
N PHE B 269 17.50 -20.25 -10.02
CA PHE B 269 18.65 -20.92 -9.42
C PHE B 269 19.91 -20.60 -10.22
N PRO B 270 21.09 -20.83 -9.64
CA PRO B 270 22.33 -20.55 -10.40
C PRO B 270 22.40 -21.30 -11.72
N TRP B 271 21.91 -22.53 -11.77
CA TRP B 271 21.95 -23.30 -13.01
C TRP B 271 20.88 -22.86 -13.99
N GLY B 272 19.73 -22.42 -13.51
CA GLY B 272 18.66 -22.03 -14.41
C GLY B 272 17.45 -21.50 -13.66
N LYS B 273 16.30 -21.74 -14.24
CA LYS B 273 15.02 -21.22 -13.73
C LYS B 273 14.08 -22.39 -13.51
N GLU B 274 13.84 -22.72 -12.25
CA GLU B 274 13.06 -23.90 -11.89
C GLU B 274 11.70 -23.48 -11.36
N LEU B 275 10.72 -24.36 -11.55
CA LEU B 275 9.35 -24.08 -11.16
C LEU B 275 9.16 -24.37 -9.67
N ILE B 276 8.66 -23.37 -8.93
CA ILE B 276 8.38 -23.55 -7.52
C ILE B 276 6.89 -23.48 -7.20
N GLU B 277 6.10 -22.88 -8.08
CA GLU B 277 4.68 -22.83 -7.86
C GLU B 277 3.91 -22.74 -9.15
N THR B 278 2.65 -23.13 -9.13
CA THR B 278 1.83 -23.11 -10.33
C THR B 278 0.38 -22.85 -9.95
N LEU B 279 -0.27 -21.95 -10.68
CA LEU B 279 -1.68 -21.67 -10.51
C LEU B 279 -2.42 -21.99 -11.79
N TRP B 280 -3.60 -22.59 -11.67
CA TRP B 280 -4.40 -22.97 -12.82
C TRP B 280 -5.85 -22.59 -12.57
N ASN B 281 -6.45 -21.92 -13.55
CA ASN B 281 -7.88 -21.66 -13.55
C ASN B 281 -8.57 -22.83 -14.23
N LEU B 282 -8.75 -23.91 -13.47
CA LEU B 282 -9.23 -25.17 -14.03
C LEU B 282 -10.66 -25.05 -14.55
N GLY B 283 -11.53 -24.40 -13.81
CA GLY B 283 -12.94 -24.39 -14.14
C GLY B 283 -13.70 -25.46 -13.37
N ASP B 284 -14.85 -25.83 -13.93
CA ASP B 284 -15.72 -26.81 -13.32
C ASP B 284 -15.58 -28.20 -13.92
N HIS B 285 -14.54 -28.43 -14.73
CA HIS B 285 -14.37 -29.73 -15.36
C HIS B 285 -14.15 -30.82 -14.32
N GLU B 286 -13.20 -30.60 -13.40
CA GLU B 286 -12.88 -31.61 -12.40
C GLU B 286 -14.03 -31.80 -11.42
N LEU B 287 -14.69 -30.73 -11.01
CA LEU B 287 -15.82 -30.85 -10.10
C LEU B 287 -16.96 -31.63 -10.74
N LEU B 288 -17.26 -31.34 -12.01
CA LEU B 288 -18.34 -32.06 -12.68
C LEU B 288 -17.97 -33.50 -12.96
N HIS B 289 -16.71 -33.78 -13.27
CA HIS B 289 -16.30 -35.17 -13.49
C HIS B 289 -16.34 -35.96 -12.19
N MET B 290 -15.86 -35.37 -11.10
CA MET B 290 -15.83 -36.05 -9.81
C MET B 290 -17.21 -36.13 -9.17
N TYR B 291 -18.14 -35.26 -9.57
CA TYR B 291 -19.50 -35.23 -9.03
C TYR B 291 -20.48 -35.26 -10.20
N PRO B 292 -20.62 -36.41 -10.87
CA PRO B 292 -21.55 -36.48 -12.00
C PRO B 292 -22.99 -36.40 -11.54
N GLY B 293 -23.84 -35.92 -12.42
CA GLY B 293 -25.28 -35.89 -12.18
C GLY B 293 -25.76 -34.48 -11.85
N ASN B 294 -26.51 -34.36 -10.76
CA ASN B 294 -27.04 -33.06 -10.37
C ASN B 294 -25.92 -32.10 -10.01
N VAL B 295 -26.08 -30.84 -10.42
CA VAL B 295 -25.12 -29.79 -10.09
C VAL B 295 -25.62 -28.87 -9.00
N SER B 296 -26.81 -29.13 -8.43
CA SER B 296 -27.32 -28.29 -7.35
C SER B 296 -26.42 -28.40 -6.11
N LYS B 297 -25.89 -29.60 -5.85
CA LYS B 297 -24.99 -29.76 -4.71
C LYS B 297 -23.72 -28.95 -4.87
N LEU B 298 -23.27 -28.75 -6.10
CA LEU B 298 -22.04 -28.01 -6.36
C LEU B 298 -22.23 -26.50 -6.32
N HIS B 299 -23.46 -26.02 -6.21
CA HIS B 299 -23.72 -24.59 -6.32
C HIS B 299 -23.20 -23.83 -5.10
N GLY B 300 -22.51 -22.74 -5.35
CA GLY B 300 -22.07 -21.84 -4.30
C GLY B 300 -22.69 -20.47 -4.49
N ARG B 301 -23.16 -19.88 -3.39
CA ARG B 301 -23.91 -18.62 -3.45
C ARG B 301 -22.93 -17.47 -3.65
N ASP B 302 -22.78 -17.03 -4.89
CA ASP B 302 -22.00 -15.85 -5.22
C ASP B 302 -22.93 -14.64 -5.24
N GLY B 303 -22.77 -13.74 -4.29
CA GLY B 303 -23.69 -12.62 -4.18
C GLY B 303 -25.08 -13.10 -3.81
N ARG B 304 -26.01 -13.00 -4.77
CA ARG B 304 -27.36 -13.48 -4.58
C ARG B 304 -27.74 -14.62 -5.51
N LYS B 305 -26.78 -15.15 -6.28
CA LYS B 305 -27.04 -16.17 -7.28
C LYS B 305 -26.22 -17.41 -6.99
N ASN B 306 -26.83 -18.58 -7.14
CA ASN B 306 -26.11 -19.84 -7.07
C ASN B 306 -25.32 -20.07 -8.34
N VAL B 307 -24.11 -20.62 -8.21
CA VAL B 307 -23.25 -20.85 -9.35
C VAL B 307 -22.28 -21.97 -9.01
N VAL B 308 -21.81 -22.68 -10.03
CA VAL B 308 -20.81 -23.73 -9.88
C VAL B 308 -19.43 -23.08 -9.88
N PRO B 309 -18.63 -23.27 -8.84
CA PRO B 309 -17.34 -22.57 -8.76
C PRO B 309 -16.34 -23.04 -9.80
N CYS B 310 -15.50 -22.11 -10.22
CA CYS B 310 -14.35 -22.43 -11.05
C CYS B 310 -13.15 -22.69 -10.15
N VAL B 311 -12.64 -23.92 -10.20
CA VAL B 311 -11.59 -24.32 -9.28
C VAL B 311 -10.28 -23.64 -9.66
N LEU B 312 -9.68 -22.96 -8.70
CA LEU B 312 -8.36 -22.37 -8.84
C LEU B 312 -7.40 -23.18 -7.98
N SER B 313 -6.38 -23.74 -8.61
CA SER B 313 -5.45 -24.66 -7.95
C SER B 313 -4.10 -23.98 -7.83
N VAL B 314 -3.66 -23.75 -6.58
CA VAL B 314 -2.34 -23.22 -6.29
C VAL B 314 -1.54 -24.34 -5.63
N ASN B 315 -0.34 -24.59 -6.14
CA ASN B 315 0.47 -25.72 -5.68
C ASN B 315 1.93 -25.28 -5.65
N GLY B 316 2.50 -25.20 -4.45
CA GLY B 316 3.89 -24.82 -4.30
C GLY B 316 4.75 -25.97 -3.83
N ASP B 317 6.04 -25.92 -4.10
CA ASP B 317 6.99 -26.95 -3.71
C ASP B 317 7.81 -26.43 -2.54
N LEU B 318 7.53 -26.95 -1.35
CA LEU B 318 8.23 -26.51 -0.15
C LEU B 318 9.62 -27.11 -0.03
N ASP B 319 9.88 -28.25 -0.67
CA ASP B 319 11.25 -28.76 -0.70
C ASP B 319 12.12 -27.93 -1.63
N ARG B 320 11.67 -27.71 -2.87
CA ARG B 320 12.40 -26.83 -3.76
C ARG B 320 12.31 -25.38 -3.30
N GLY B 321 11.24 -25.03 -2.57
CA GLY B 321 11.20 -23.71 -1.96
C GLY B 321 12.24 -23.54 -0.87
N MET B 322 12.44 -24.58 -0.07
CA MET B 322 13.50 -24.58 0.93
C MET B 322 14.87 -24.45 0.27
N LEU B 323 15.08 -25.20 -0.81
CA LEU B 323 16.33 -25.08 -1.55
C LEU B 323 16.48 -23.68 -2.16
N ALA B 324 15.37 -23.12 -2.63
CA ALA B 324 15.38 -21.78 -3.20
C ALA B 324 15.82 -20.76 -2.16
N TYR B 325 15.30 -20.88 -0.93
CA TYR B 325 15.66 -19.95 0.11
C TYR B 325 17.06 -20.19 0.63
N LEU B 326 17.54 -21.43 0.58
CA LEU B 326 18.95 -21.69 0.93
C LEU B 326 19.89 -21.05 -0.08
N TYR B 327 19.56 -21.14 -1.37
CA TYR B 327 20.37 -20.48 -2.39
C TYR B 327 20.25 -18.97 -2.30
N ASP B 328 19.04 -18.47 -2.03
CA ASP B 328 18.83 -17.03 -1.90
C ASP B 328 19.61 -16.47 -0.74
N SER B 329 19.64 -17.19 0.38
CA SER B 329 20.45 -16.76 1.52
C SER B 329 21.93 -16.71 1.14
N PHE B 330 22.44 -17.79 0.59
CA PHE B 330 23.86 -17.89 0.28
C PHE B 330 24.19 -17.12 -1.00
N ARG B 345 33.19 -14.14 3.92
CA ARG B 345 32.41 -14.53 5.09
C ARG B 345 31.27 -15.48 4.69
N LYS B 346 31.40 -16.74 5.07
CA LYS B 346 30.41 -17.76 4.72
C LYS B 346 29.24 -17.67 5.70
N VAL B 347 28.19 -16.97 5.29
CA VAL B 347 27.01 -16.77 6.11
C VAL B 347 25.78 -17.03 5.27
N LEU B 348 24.79 -17.71 5.85
CA LEU B 348 23.57 -17.97 5.12
C LEU B 348 22.71 -16.72 5.01
N LYS B 349 22.26 -16.17 6.14
CA LYS B 349 21.36 -15.00 6.19
C LYS B 349 19.96 -15.35 5.72
N LEU B 350 19.43 -16.48 6.17
CA LEU B 350 18.01 -16.73 6.03
C LEU B 350 17.21 -15.70 6.82
N HIS B 351 15.91 -15.64 6.54
CA HIS B 351 15.05 -14.66 7.18
C HIS B 351 14.89 -14.97 8.67
N PRO B 352 14.74 -13.94 9.50
CA PRO B 352 14.46 -14.18 10.92
C PRO B 352 13.21 -15.02 11.16
N CYS B 353 12.18 -14.88 10.32
CA CYS B 353 10.98 -15.71 10.47
C CYS B 353 11.16 -17.10 9.89
N LEU B 354 12.27 -17.37 9.21
CA LEU B 354 12.54 -18.67 8.63
C LEU B 354 13.76 -19.36 9.20
N ALA B 355 14.68 -18.63 9.83
CA ALA B 355 15.92 -19.24 10.30
C ALA B 355 15.61 -20.37 11.27
N PRO B 356 16.21 -21.55 11.10
CA PRO B 356 15.82 -22.69 11.94
C PRO B 356 16.10 -22.47 13.42
N ILE B 357 17.32 -22.05 13.75
CA ILE B 357 17.72 -21.82 15.14
C ILE B 357 17.91 -20.32 15.34
N LYS B 358 17.21 -19.78 16.33
CA LYS B 358 17.18 -18.34 16.56
C LYS B 358 18.36 -17.84 17.40
N VAL B 359 18.58 -18.43 18.58
CA VAL B 359 19.52 -17.90 19.55
C VAL B 359 20.54 -18.98 19.89
N ALA B 360 21.81 -18.57 19.93
CA ALA B 360 22.89 -19.41 20.43
C ALA B 360 23.34 -18.89 21.79
N LEU B 361 23.32 -19.76 22.80
CA LEU B 361 23.57 -19.37 24.17
C LEU B 361 24.90 -19.95 24.65
N ASP B 362 25.72 -19.12 25.28
CA ASP B 362 27.05 -19.51 25.71
C ASP B 362 27.32 -19.15 27.18
N VAL B 363 28.57 -19.24 27.61
CA VAL B 363 28.99 -18.94 28.97
C VAL B 363 30.28 -18.13 28.92
N GLY B 364 30.84 -17.84 30.10
CA GLY B 364 32.05 -17.09 30.20
C GLY B 364 33.20 -17.81 30.89
N ARG B 365 33.75 -17.21 31.95
CA ARG B 365 34.92 -17.77 32.63
C ARG B 365 34.55 -18.59 33.86
N GLY B 366 33.91 -17.97 34.84
CA GLY B 366 33.58 -18.64 36.09
C GLY B 366 32.91 -17.69 37.07
N PRO B 367 32.24 -18.24 38.09
CA PRO B 367 32.12 -19.66 38.46
C PRO B 367 31.18 -20.43 37.54
N THR B 368 31.53 -21.68 37.21
CA THR B 368 30.75 -22.44 36.26
C THR B 368 29.36 -22.75 36.77
N LEU B 369 29.24 -23.12 38.05
CA LEU B 369 27.97 -23.61 38.58
C LEU B 369 26.89 -22.55 38.52
N GLU B 370 27.21 -21.32 38.93
CA GLU B 370 26.20 -20.26 38.94
C GLU B 370 25.83 -19.83 37.54
N LEU B 371 26.82 -19.71 36.65
CA LEU B 371 26.53 -19.37 35.26
C LEU B 371 25.70 -20.45 34.60
N ARG B 372 25.91 -21.71 34.97
CA ARG B 372 25.07 -22.79 34.46
C ARG B 372 23.62 -22.60 34.86
N GLN B 373 23.37 -22.22 36.11
CA GLN B 373 22.00 -21.94 36.55
C GLN B 373 21.42 -20.76 35.79
N VAL B 374 22.21 -19.71 35.57
CA VAL B 374 21.73 -18.54 34.83
C VAL B 374 21.32 -18.95 33.43
N CYS B 375 22.19 -19.70 32.75
CA CYS B 375 21.90 -20.14 31.39
C CYS B 375 20.69 -21.07 31.36
N GLN B 376 20.52 -21.92 32.38
CA GLN B 376 19.38 -22.81 32.43
C GLN B 376 18.08 -22.02 32.54
N GLY B 377 18.06 -21.01 33.42
CA GLY B 377 16.87 -20.18 33.53
C GLY B 377 16.57 -19.44 32.24
N LEU B 378 17.60 -18.86 31.61
CA LEU B 378 17.39 -18.13 30.37
C LEU B 378 16.94 -19.04 29.24
N PHE B 379 17.52 -20.25 29.18
CA PHE B 379 17.13 -21.25 28.19
C PHE B 379 15.66 -21.61 28.35
N ASN B 380 15.23 -21.90 29.57
CA ASN B 380 13.83 -22.24 29.79
C ASN B 380 12.92 -21.07 29.45
N GLU B 381 13.36 -19.84 29.76
CA GLU B 381 12.53 -18.67 29.44
C GLU B 381 12.34 -18.54 27.94
N LEU B 382 13.43 -18.56 27.18
CA LEU B 382 13.32 -18.41 25.73
C LEU B 382 12.55 -19.57 25.11
N LEU B 383 12.63 -20.76 25.70
CA LEU B 383 11.86 -21.89 25.20
C LEU B 383 10.37 -21.68 25.46
N GLU B 384 10.02 -21.25 26.68
CA GLU B 384 8.62 -21.00 26.99
C GLU B 384 8.05 -19.85 26.19
N ASN B 385 8.89 -18.97 25.65
CA ASN B 385 8.42 -17.84 24.86
C ASN B 385 8.44 -18.10 23.37
N GLY B 386 8.59 -19.36 22.95
CA GLY B 386 8.49 -19.71 21.56
C GLY B 386 9.74 -19.48 20.72
N ILE B 387 10.87 -19.20 21.36
CA ILE B 387 12.12 -18.91 20.67
C ILE B 387 13.02 -20.13 20.80
N SER B 388 13.32 -20.76 19.67
CA SER B 388 14.22 -21.92 19.67
C SER B 388 15.65 -21.46 19.96
N VAL B 389 16.34 -22.23 20.82
CA VAL B 389 17.66 -21.86 21.29
C VAL B 389 18.61 -23.02 21.05
N TRP B 390 19.85 -22.69 20.69
CA TRP B 390 20.92 -23.68 20.58
C TRP B 390 21.78 -23.61 21.82
N PRO B 391 21.78 -24.63 22.67
CA PRO B 391 22.56 -24.61 23.91
C PRO B 391 24.05 -24.85 23.70
N GLY B 392 24.77 -23.79 23.36
CA GLY B 392 26.20 -23.89 23.21
C GLY B 392 26.95 -23.93 24.52
N TYR B 393 26.28 -23.64 25.63
CA TYR B 393 26.92 -23.74 26.94
C TYR B 393 27.12 -25.18 27.37
N LEU B 394 26.39 -26.12 26.77
CA LEU B 394 26.51 -27.53 27.07
C LEU B 394 27.69 -28.19 26.36
N GLU B 395 28.34 -27.49 25.44
CA GLU B 395 29.46 -28.06 24.71
C GLU B 395 30.67 -28.20 25.63
N THR B 396 31.45 -29.27 25.40
CA THR B 396 32.64 -29.54 26.19
C THR B 396 33.93 -29.13 25.50
N MET B 397 33.95 -29.08 24.17
CA MET B 397 35.17 -28.72 23.44
C MET B 397 35.60 -27.29 23.76
N GLN B 398 34.64 -26.35 23.76
CA GLN B 398 34.88 -24.96 24.15
C GLN B 398 35.97 -24.31 23.29
N SER B 399 35.63 -24.16 22.01
CA SER B 399 36.53 -23.55 21.03
C SER B 399 36.59 -22.03 21.23
N SER B 400 37.29 -21.34 20.34
CA SER B 400 37.46 -19.90 20.44
C SER B 400 36.19 -19.17 19.96
N LEU B 401 36.18 -17.86 20.18
CA LEU B 401 35.03 -17.05 19.81
C LEU B 401 34.88 -16.94 18.30
N GLU B 402 35.99 -16.80 17.57
CA GLU B 402 35.90 -16.67 16.12
C GLU B 402 35.36 -17.93 15.48
N GLN B 403 35.82 -19.11 15.94
CA GLN B 403 35.31 -20.37 15.40
C GLN B 403 33.82 -20.52 15.68
N LEU B 404 33.38 -20.19 16.89
CA LEU B 404 31.97 -20.22 17.20
C LEU B 404 31.19 -19.26 16.32
N TYR B 405 31.74 -18.07 16.09
CA TYR B 405 31.06 -17.08 15.26
C TYR B 405 30.84 -17.60 13.84
N SER B 406 31.89 -18.18 13.25
CA SER B 406 31.74 -18.74 11.91
C SER B 406 30.77 -19.91 11.88
N LYS B 407 30.88 -20.80 12.87
CA LYS B 407 29.97 -21.94 12.95
C LYS B 407 28.52 -21.49 13.03
N TYR B 408 28.24 -20.48 13.84
CA TYR B 408 26.88 -19.99 13.97
C TYR B 408 26.44 -19.21 12.75
N ASP B 409 27.38 -18.56 12.06
CA ASP B 409 27.03 -17.88 10.81
C ASP B 409 26.54 -18.86 9.76
N GLU B 410 27.22 -20.00 9.63
CA GLU B 410 26.77 -20.99 8.64
C GLU B 410 25.41 -21.59 8.97
N MET B 411 24.98 -21.51 10.24
CA MET B 411 23.73 -22.11 10.67
C MET B 411 22.58 -21.12 10.67
N SER B 412 22.79 -19.91 10.16
CA SER B 412 21.78 -18.85 10.19
C SER B 412 21.31 -18.58 11.62
N ILE B 413 22.28 -18.46 12.53
CA ILE B 413 21.99 -18.11 13.92
C ILE B 413 21.79 -16.60 13.99
N LEU B 414 20.61 -16.18 14.47
CA LEU B 414 20.30 -14.77 14.53
C LEU B 414 21.09 -14.03 15.61
N PHE B 415 21.21 -14.62 16.81
CA PHE B 415 21.89 -13.94 17.90
C PHE B 415 22.75 -14.84 18.80
N THR B 416 23.84 -14.30 19.33
CA THR B 416 24.72 -15.06 20.22
C THR B 416 24.75 -14.45 21.62
N VAL B 417 24.04 -15.05 22.56
CA VAL B 417 23.98 -14.54 23.92
C VAL B 417 25.19 -15.07 24.69
N LEU B 418 25.86 -14.18 25.42
CA LEU B 418 27.09 -14.51 26.14
C LEU B 418 26.93 -14.10 27.59
N VAL B 419 26.57 -15.05 28.44
CA VAL B 419 26.42 -14.81 29.88
C VAL B 419 27.80 -14.99 30.51
N THR B 420 28.41 -13.89 30.95
CA THR B 420 29.70 -13.92 31.58
C THR B 420 29.54 -13.86 33.09
N GLU B 421 30.66 -13.71 33.81
CA GLU B 421 30.59 -13.52 35.25
C GLU B 421 29.87 -12.23 35.60
N THR B 422 30.04 -11.19 34.77
CA THR B 422 29.44 -9.88 35.05
C THR B 422 27.92 -9.90 34.97
N THR B 423 27.33 -10.91 34.32
CA THR B 423 25.87 -11.04 34.33
C THR B 423 25.35 -11.24 35.75
N LEU B 424 26.17 -11.83 36.63
CA LEU B 424 25.80 -11.91 38.03
C LEU B 424 25.83 -10.53 38.70
N GLU B 425 26.88 -9.75 38.42
CA GLU B 425 27.04 -8.46 39.09
C GLU B 425 25.94 -7.48 38.71
N ASN B 426 25.72 -7.29 37.40
CA ASN B 426 24.82 -6.24 36.94
C ASN B 426 23.69 -6.72 36.04
N GLY B 427 23.67 -7.98 35.62
CA GLY B 427 22.62 -8.47 34.76
C GLY B 427 22.77 -8.17 33.29
N LEU B 428 23.94 -7.69 32.87
CA LEU B 428 24.16 -7.37 31.47
C LEU B 428 24.73 -8.57 30.74
N ILE B 429 24.21 -8.82 29.53
CA ILE B 429 24.62 -9.95 28.70
C ILE B 429 25.00 -9.42 27.33
N HIS B 430 26.01 -10.00 26.72
CA HIS B 430 26.47 -9.54 25.43
C HIS B 430 25.72 -10.18 24.28
N LEU B 431 25.55 -9.46 23.17
CA LEU B 431 24.85 -10.02 22.02
C LEU B 431 25.47 -9.62 20.69
N ARG B 432 25.85 -10.61 19.87
CA ARG B 432 26.40 -10.32 18.56
C ARG B 432 25.34 -10.54 17.50
N SER B 433 25.22 -9.64 16.55
CA SER B 433 24.19 -9.77 15.54
C SER B 433 24.79 -10.30 14.29
N ARG B 434 24.12 -11.27 13.70
CA ARG B 434 24.62 -11.84 12.45
C ARG B 434 24.55 -10.79 11.37
N ASP B 435 23.57 -9.90 11.44
CA ASP B 435 23.40 -8.91 10.39
C ASP B 435 24.60 -8.00 10.24
N THR B 436 25.22 -7.60 11.35
CA THR B 436 26.33 -6.65 11.27
C THR B 436 27.60 -7.06 11.99
N THR B 437 27.60 -8.23 12.61
CA THR B 437 28.79 -8.72 13.31
C THR B 437 29.25 -7.69 14.34
N MET B 438 28.30 -7.04 15.01
CA MET B 438 28.62 -6.04 16.02
C MET B 438 28.10 -6.49 17.37
N LYS B 439 28.84 -6.15 18.43
CA LYS B 439 28.45 -6.58 19.77
C LYS B 439 27.73 -5.48 20.54
N GLU B 440 26.70 -5.84 21.26
CA GLU B 440 25.94 -4.88 22.04
C GLU B 440 25.68 -5.45 23.42
N MET B 441 25.34 -4.61 24.38
CA MET B 441 25.04 -5.09 25.73
C MET B 441 23.64 -4.73 26.16
N MET B 442 22.86 -5.73 26.54
CA MET B 442 21.51 -5.50 27.00
C MET B 442 21.34 -6.24 28.32
N HIS B 443 20.44 -5.75 29.16
CA HIS B 443 20.21 -6.37 30.45
C HIS B 443 19.47 -7.70 30.30
N ILE B 444 19.59 -8.57 31.30
CA ILE B 444 18.97 -9.89 31.23
C ILE B 444 17.45 -9.82 31.32
N SER B 445 16.90 -8.72 31.82
CA SER B 445 15.45 -8.58 31.90
C SER B 445 14.80 -8.25 30.57
N LYS B 446 15.60 -7.72 29.64
CA LYS B 446 15.04 -7.27 28.37
C LYS B 446 15.47 -8.06 27.16
N LEU B 447 15.90 -9.30 27.35
CA LEU B 447 16.30 -10.13 26.22
C LEU B 447 15.09 -10.75 25.54
N LYS B 448 14.16 -11.30 26.32
CA LYS B 448 13.04 -12.03 25.75
C LYS B 448 12.12 -11.10 24.96
N ASP B 449 11.80 -9.96 25.52
CA ASP B 449 10.91 -9.03 24.86
C ASP B 449 11.50 -8.52 23.54
N PHE B 450 12.80 -8.22 23.53
CA PHE B 450 13.42 -7.75 22.30
C PHE B 450 13.45 -8.84 21.24
N LEU B 451 13.84 -10.05 21.62
CA LEU B 451 13.87 -11.15 20.67
C LEU B 451 12.48 -11.35 20.08
N ILE B 452 11.43 -11.31 20.90
CA ILE B 452 10.09 -11.40 20.35
C ILE B 452 9.82 -10.25 19.39
N LYS B 453 10.30 -9.06 19.75
CA LYS B 453 10.12 -7.89 18.89
C LYS B 453 10.84 -8.03 17.55
N TYR B 454 12.12 -8.37 17.58
CA TYR B 454 12.90 -8.46 16.35
C TYR B 454 12.31 -9.44 15.38
N ILE B 455 11.81 -10.54 15.92
CA ILE B 455 11.22 -11.57 15.09
C ILE B 455 9.87 -11.12 14.56
N SER B 456 8.98 -10.70 15.44
CA SER B 456 7.65 -10.33 14.96
C SER B 456 7.71 -9.20 13.94
N SER B 457 8.50 -8.16 14.21
CA SER B 457 8.55 -7.00 13.34
C SER B 457 9.34 -7.24 12.05
N ALA B 458 10.00 -8.39 11.93
CA ALA B 458 10.77 -8.69 10.73
C ALA B 458 9.85 -9.02 9.56
N GLU C 43 -21.07 -43.22 20.61
CA GLU C 43 -21.63 -43.20 19.26
C GLU C 43 -22.11 -41.79 18.89
N ALA C 44 -22.80 -41.15 19.83
CA ALA C 44 -23.26 -39.78 19.60
C ALA C 44 -22.09 -38.83 19.43
N LEU C 45 -20.96 -39.11 20.08
CA LEU C 45 -19.79 -38.27 19.92
C LEU C 45 -19.29 -38.32 18.48
N LEU C 46 -19.30 -39.50 17.86
CA LEU C 46 -18.87 -39.60 16.47
C LEU C 46 -19.81 -38.83 15.55
N GLU C 47 -21.11 -38.87 15.83
CA GLU C 47 -22.05 -38.07 15.05
C GLU C 47 -21.76 -36.59 15.20
N ILE C 48 -21.49 -36.14 16.42
CA ILE C 48 -21.14 -34.74 16.64
C ILE C 48 -19.86 -34.38 15.90
N CYS C 49 -18.87 -35.26 15.95
CA CYS C 49 -17.60 -34.99 15.30
C CYS C 49 -17.74 -34.90 13.79
N GLN C 50 -18.53 -35.79 13.19
CA GLN C 50 -18.79 -35.72 11.77
C GLN C 50 -19.57 -34.45 11.42
N ARG C 51 -20.55 -34.09 12.24
CA ARG C 51 -21.39 -32.93 11.95
C ARG C 51 -20.66 -31.63 12.16
N ARG C 52 -19.83 -31.54 13.20
CA ARG C 52 -19.10 -30.33 13.52
C ARG C 52 -17.73 -30.26 12.87
N HIS C 53 -17.51 -31.07 11.83
CA HIS C 53 -16.29 -31.03 11.03
C HIS C 53 -15.06 -31.39 11.85
N PHE C 54 -15.20 -32.36 12.75
CA PHE C 54 -14.03 -33.00 13.33
C PHE C 54 -13.55 -34.16 12.48
N LEU C 55 -14.47 -34.99 12.00
CA LEU C 55 -14.18 -36.06 11.08
C LEU C 55 -14.67 -35.67 9.69
N SER C 56 -14.54 -36.60 8.75
CA SER C 56 -15.00 -36.37 7.38
C SER C 56 -15.69 -37.62 6.87
N GLY C 57 -16.55 -37.42 5.88
CA GLY C 57 -17.22 -38.52 5.20
C GLY C 57 -18.66 -38.67 5.63
N SER C 58 -19.32 -39.64 5.01
CA SER C 58 -20.72 -39.90 5.28
C SER C 58 -20.89 -40.48 6.68
N LYS C 59 -22.12 -40.36 7.20
CA LYS C 59 -22.41 -40.89 8.53
C LYS C 59 -22.23 -42.39 8.59
N GLN C 60 -22.68 -43.10 7.55
CA GLN C 60 -22.49 -44.54 7.49
C GLN C 60 -21.06 -44.94 7.15
N GLN C 61 -20.22 -43.98 6.79
CA GLN C 61 -18.86 -44.28 6.38
C GLN C 61 -17.88 -44.35 7.54
N LEU C 62 -18.18 -43.68 8.66
CA LEU C 62 -17.29 -43.66 9.82
C LEU C 62 -17.73 -44.75 10.80
N SER C 63 -16.79 -45.62 11.16
CA SER C 63 -17.03 -46.67 12.14
C SER C 63 -15.88 -46.69 13.13
N ARG C 64 -16.12 -47.35 14.26
CA ARG C 64 -15.10 -47.42 15.30
C ARG C 64 -13.85 -48.12 14.80
N ASP C 65 -14.02 -49.25 14.12
CA ASP C 65 -12.86 -50.00 13.64
C ASP C 65 -12.09 -49.21 12.60
N SER C 66 -12.80 -48.54 11.69
CA SER C 66 -12.13 -47.74 10.68
C SER C 66 -11.35 -46.57 11.29
N LEU C 67 -11.82 -46.07 12.44
CA LEU C 67 -11.11 -45.01 13.14
C LEU C 67 -9.90 -45.54 13.89
N LEU C 68 -10.03 -46.74 14.46
CA LEU C 68 -8.91 -47.32 15.20
C LEU C 68 -7.82 -47.86 14.29
N SER C 69 -8.16 -48.25 13.07
CA SER C 69 -7.21 -48.89 12.17
C SER C 69 -6.45 -47.89 11.29
N GLY C 70 -7.14 -46.88 10.78
CA GLY C 70 -6.55 -45.95 9.85
C GLY C 70 -7.22 -45.88 8.49
N CYS C 71 -8.35 -46.56 8.31
CA CYS C 71 -9.05 -46.63 7.04
C CYS C 71 -10.20 -45.64 6.94
N HIS C 72 -10.32 -44.71 7.88
CA HIS C 72 -11.33 -43.68 7.80
C HIS C 72 -11.01 -42.72 6.66
N PRO C 73 -12.02 -42.01 6.14
CA PRO C 73 -11.77 -41.10 5.01
C PRO C 73 -10.73 -40.03 5.31
N GLY C 74 -10.63 -39.58 6.54
CA GLY C 74 -9.71 -38.52 6.90
C GLY C 74 -10.26 -37.75 8.09
N PHE C 75 -9.87 -36.48 8.18
CA PHE C 75 -10.27 -35.62 9.27
C PHE C 75 -10.84 -34.31 8.74
N GLY C 76 -11.84 -33.78 9.43
CA GLY C 76 -12.37 -32.47 9.13
C GLY C 76 -11.40 -31.40 9.60
N PRO C 77 -11.68 -30.14 9.26
CA PRO C 77 -10.75 -29.07 9.65
C PRO C 77 -10.53 -28.97 11.15
N LEU C 78 -11.60 -29.14 11.93
CA LEU C 78 -11.44 -29.11 13.38
C LEU C 78 -10.61 -30.29 13.87
N GLY C 79 -10.82 -31.47 13.28
CA GLY C 79 -9.99 -32.61 13.63
C GLY C 79 -8.53 -32.41 13.26
N VAL C 80 -8.28 -31.81 12.10
CA VAL C 80 -6.91 -31.51 11.69
C VAL C 80 -6.25 -30.55 12.66
N GLU C 81 -6.99 -29.52 13.07
CA GLU C 81 -6.42 -28.55 14.02
C GLU C 81 -6.21 -29.17 15.40
N LEU C 82 -7.10 -30.06 15.82
CA LEU C 82 -6.89 -30.76 17.10
C LEU C 82 -5.67 -31.65 17.02
N ARG C 83 -5.45 -32.31 15.87
CA ARG C 83 -4.25 -33.11 15.72
C ARG C 83 -3.00 -32.25 15.74
N LYS C 84 -3.07 -31.07 15.10
CA LYS C 84 -1.92 -30.16 15.15
C LYS C 84 -1.66 -29.69 16.58
N ASN C 85 -2.72 -29.43 17.34
CA ASN C 85 -2.55 -29.05 18.74
C ASN C 85 -1.91 -30.18 19.55
N LEU C 86 -2.38 -31.41 19.35
CA LEU C 86 -1.78 -32.56 20.02
C LEU C 86 -0.32 -32.71 19.65
N ALA C 87 0.01 -32.54 18.37
CA ALA C 87 1.39 -32.69 17.93
C ALA C 87 2.27 -31.59 18.49
N ALA C 88 1.75 -30.36 18.56
CA ALA C 88 2.51 -29.27 19.16
C ALA C 88 2.75 -29.51 20.64
N GLU C 89 1.74 -30.02 21.36
CA GLU C 89 1.92 -30.32 22.77
C GLU C 89 2.92 -31.46 22.96
N TRP C 90 2.84 -32.50 22.14
CA TRP C 90 3.81 -33.58 22.20
C TRP C 90 5.22 -33.07 21.93
N TRP C 91 5.36 -32.20 20.92
CA TRP C 91 6.66 -31.62 20.60
C TRP C 91 7.18 -30.79 21.76
N THR C 92 6.31 -29.96 22.36
CA THR C 92 6.70 -29.15 23.50
C THR C 92 7.18 -30.02 24.66
N SER C 93 6.46 -31.10 24.95
CA SER C 93 6.77 -31.91 26.11
C SER C 93 7.87 -32.92 25.87
N VAL C 94 8.30 -33.13 24.64
CA VAL C 94 9.36 -34.09 24.33
C VAL C 94 10.61 -33.40 23.80
N VAL C 95 10.51 -32.70 22.68
CA VAL C 95 11.68 -32.24 21.95
C VAL C 95 12.06 -30.81 22.31
N VAL C 96 11.04 -29.97 22.58
CA VAL C 96 11.28 -28.55 22.76
C VAL C 96 12.15 -28.31 23.99
N PHE C 97 11.83 -28.97 25.10
CA PHE C 97 12.47 -28.71 26.38
C PHE C 97 13.63 -29.66 26.66
N ARG C 98 14.23 -30.26 25.64
CA ARG C 98 15.39 -31.11 25.80
C ARG C 98 16.34 -30.90 24.64
N GLU C 99 17.59 -30.53 24.95
CA GLU C 99 18.62 -30.46 23.91
C GLU C 99 18.92 -31.85 23.36
N GLN C 100 18.87 -32.87 24.22
CA GLN C 100 19.24 -34.22 23.81
C GLN C 100 18.31 -34.78 22.73
N VAL C 101 17.12 -34.20 22.54
CA VAL C 101 16.14 -34.70 21.59
C VAL C 101 16.13 -33.78 20.37
N PHE C 102 16.25 -34.38 19.20
CA PHE C 102 16.30 -33.67 17.92
C PHE C 102 15.24 -34.22 17.00
N PRO C 103 14.81 -33.43 16.01
CA PRO C 103 13.88 -33.94 15.00
C PRO C 103 14.63 -34.67 13.88
N VAL C 104 13.91 -35.58 13.22
CA VAL C 104 14.44 -36.33 12.09
C VAL C 104 13.42 -36.31 10.96
N ASP C 105 13.85 -36.75 9.78
CA ASP C 105 13.01 -36.84 8.60
C ASP C 105 13.20 -38.21 7.96
N ALA C 106 12.31 -39.15 8.29
CA ALA C 106 12.29 -40.47 7.71
C ALA C 106 11.24 -40.51 6.61
N LEU C 107 11.61 -41.01 5.43
CA LEU C 107 10.72 -41.02 4.28
C LEU C 107 9.60 -42.03 4.48
N HIS C 108 8.57 -41.90 3.65
CA HIS C 108 7.43 -42.82 3.73
C HIS C 108 7.74 -44.19 3.14
N HIS C 109 8.64 -44.26 2.17
CA HIS C 109 8.96 -45.51 1.49
C HIS C 109 10.41 -45.89 1.78
N LYS C 110 10.64 -47.20 1.87
CA LYS C 110 11.99 -47.70 2.03
C LYS C 110 12.47 -48.26 0.69
N PRO C 111 13.46 -47.67 0.06
CA PRO C 111 13.91 -48.15 -1.25
C PRO C 111 14.74 -49.41 -1.13
N GLY C 112 14.99 -50.03 -2.28
CA GLY C 112 15.83 -51.19 -2.36
C GLY C 112 15.12 -52.47 -1.95
N PRO C 113 15.86 -53.59 -1.93
CA PRO C 113 15.33 -54.90 -1.56
C PRO C 113 14.91 -54.97 -0.10
N SER C 154 11.65 -51.88 -5.91
CA SER C 154 10.62 -52.70 -5.28
C SER C 154 10.50 -52.41 -3.80
N GLY C 155 10.52 -51.12 -3.45
CA GLY C 155 10.37 -50.73 -2.06
C GLY C 155 8.94 -50.80 -1.58
N LYS C 156 8.78 -50.59 -0.28
CA LYS C 156 7.47 -50.64 0.35
C LYS C 156 7.28 -49.43 1.24
N LEU C 157 6.02 -49.17 1.60
CA LEU C 157 5.72 -48.10 2.54
C LEU C 157 6.32 -48.41 3.91
N ARG C 158 6.77 -47.38 4.60
CA ARG C 158 7.30 -47.57 5.94
C ARG C 158 6.20 -48.07 6.86
N GLU C 159 6.57 -48.93 7.81
CA GLU C 159 5.62 -49.46 8.78
C GLU C 159 5.79 -48.87 10.16
N ASN C 160 6.90 -48.21 10.43
CA ASN C 160 7.16 -47.59 11.72
C ASN C 160 8.22 -46.51 11.52
N LEU C 161 8.31 -45.62 12.49
CA LEU C 161 9.29 -44.53 12.43
C LEU C 161 10.62 -44.91 13.05
N LEU C 162 10.77 -46.15 13.51
CA LEU C 162 11.99 -46.56 14.20
C LEU C 162 13.15 -46.76 13.23
N HIS C 163 12.87 -47.36 12.06
CA HIS C 163 13.93 -47.77 11.15
C HIS C 163 14.71 -46.56 10.64
N GLY C 164 14.01 -45.49 10.28
CA GLY C 164 14.71 -44.29 9.81
C GLY C 164 15.55 -43.65 10.89
N ALA C 165 15.06 -43.69 12.13
CA ALA C 165 15.84 -43.18 13.26
C ALA C 165 17.12 -43.99 13.44
N LEU C 166 17.02 -45.31 13.36
CA LEU C 166 18.20 -46.15 13.48
C LEU C 166 19.17 -45.92 12.33
N GLU C 167 18.64 -45.67 11.13
CA GLU C 167 19.51 -45.32 10.01
C GLU C 167 20.22 -44.01 10.25
N HIS C 168 19.53 -43.04 10.85
CA HIS C 168 20.12 -41.74 11.12
C HIS C 168 20.97 -41.71 12.38
N TYR C 169 21.02 -42.81 13.14
CA TYR C 169 21.78 -42.81 14.39
C TYR C 169 23.26 -42.54 14.15
N VAL C 170 23.85 -43.16 13.13
CA VAL C 170 25.29 -43.07 12.94
C VAL C 170 25.72 -41.66 12.62
N ASN C 171 25.04 -41.01 11.67
CA ASN C 171 25.47 -39.71 11.20
C ASN C 171 25.06 -38.58 12.14
N CYS C 172 24.17 -38.83 13.09
CA CYS C 172 23.71 -37.80 14.01
C CYS C 172 24.61 -37.65 15.22
N LEU C 173 25.68 -38.46 15.32
CA LEU C 173 26.61 -38.32 16.44
C LEU C 173 27.39 -37.02 16.39
N ASP C 174 27.56 -36.42 15.21
CA ASP C 174 28.25 -35.15 15.11
C ASP C 174 27.45 -34.00 15.72
N LEU C 175 26.13 -34.14 15.82
CA LEU C 175 25.33 -33.13 16.50
C LEU C 175 25.70 -33.03 17.97
N VAL C 176 25.91 -34.18 18.62
CA VAL C 176 26.26 -34.23 20.03
C VAL C 176 27.76 -34.44 20.23
N ASN C 177 28.57 -34.34 19.18
CA ASN C 177 30.01 -34.57 19.24
C ASN C 177 30.32 -35.95 19.82
N LYS C 178 29.62 -36.95 19.30
CA LYS C 178 29.79 -38.35 19.69
C LYS C 178 29.49 -38.58 21.17
N ARG C 179 28.58 -37.80 21.73
CA ARG C 179 28.22 -37.96 23.13
C ARG C 179 27.16 -39.04 23.29
N LEU C 180 26.66 -39.20 24.50
CA LEU C 180 25.65 -40.19 24.84
C LEU C 180 25.12 -39.87 26.23
N PRO C 181 23.81 -39.93 26.46
CA PRO C 181 22.73 -40.33 25.56
C PRO C 181 22.25 -39.20 24.64
N TYR C 182 21.47 -39.54 23.62
CA TYR C 182 20.71 -38.56 22.84
C TYR C 182 19.61 -39.31 22.10
N GLY C 183 18.57 -38.58 21.70
CA GLY C 183 17.40 -39.18 21.12
C GLY C 183 17.02 -38.54 19.79
N LEU C 184 16.13 -39.23 19.07
CA LEU C 184 15.53 -38.74 17.84
C LEU C 184 14.03 -38.98 17.90
N ALA C 185 13.25 -37.94 17.63
CA ALA C 185 11.80 -38.02 17.73
C ALA C 185 11.18 -37.49 16.45
N GLN C 186 9.99 -37.98 16.14
CA GLN C 186 9.33 -37.58 14.90
C GLN C 186 7.84 -37.83 15.00
N ILE C 187 7.09 -37.12 14.16
CA ILE C 187 5.67 -37.34 13.97
C ILE C 187 5.45 -37.50 12.47
N GLY C 188 4.82 -38.61 12.09
CA GLY C 188 4.55 -38.86 10.69
C GLY C 188 3.54 -39.98 10.57
N VAL C 189 3.04 -40.15 9.35
CA VAL C 189 2.06 -41.19 9.08
C VAL C 189 2.78 -42.53 8.88
N CYS C 190 2.30 -43.56 9.57
CA CYS C 190 2.79 -44.92 9.42
C CYS C 190 1.72 -45.77 8.77
N PHE C 191 2.13 -46.57 7.78
CA PHE C 191 1.21 -47.36 6.98
C PHE C 191 1.21 -48.80 7.47
N HIS C 192 0.02 -49.31 7.78
CA HIS C 192 -0.13 -50.65 8.31
C HIS C 192 -1.08 -51.44 7.43
N PRO C 193 -0.69 -52.61 6.96
CA PRO C 193 -1.65 -53.49 6.29
C PRO C 193 -2.79 -53.86 7.23
N VAL C 194 -3.99 -53.90 6.70
CA VAL C 194 -5.17 -54.24 7.48
C VAL C 194 -5.86 -55.47 6.92
N SER C 206 -6.91 -53.58 2.72
CA SER C 206 -6.97 -52.14 2.96
C SER C 206 -5.63 -51.63 3.46
N ILE C 207 -5.36 -50.36 3.22
CA ILE C 207 -4.16 -49.69 3.70
C ILE C 207 -4.56 -48.71 4.79
N GLY C 208 -4.03 -48.92 6.00
CA GLY C 208 -4.32 -48.06 7.12
C GLY C 208 -3.17 -47.09 7.35
N GLU C 209 -3.51 -45.82 7.49
CA GLU C 209 -2.55 -44.78 7.80
C GLU C 209 -2.86 -44.23 9.19
N LYS C 210 -1.83 -44.14 10.02
CA LYS C 210 -1.96 -43.65 11.38
C LYS C 210 -0.88 -42.61 11.64
N THR C 211 -1.25 -41.54 12.31
CA THR C 211 -0.29 -40.51 12.71
C THR C 211 0.32 -40.96 14.03
N GLU C 212 1.54 -41.49 13.96
CA GLU C 212 2.23 -42.04 15.11
C GLU C 212 3.32 -41.08 15.56
N ALA C 213 3.29 -40.72 16.84
CA ALA C 213 4.35 -39.92 17.44
C ALA C 213 5.31 -40.87 18.14
N SER C 214 6.58 -40.81 17.75
CA SER C 214 7.57 -41.77 18.21
C SER C 214 8.76 -41.04 18.78
N LEU C 215 9.43 -41.70 19.73
CA LEU C 215 10.69 -41.21 20.26
C LEU C 215 11.60 -42.40 20.49
N VAL C 216 12.77 -42.38 19.87
CA VAL C 216 13.80 -43.36 20.12
C VAL C 216 14.87 -42.72 21.00
N TRP C 217 15.37 -43.48 21.97
CA TRP C 217 16.28 -42.94 22.98
C TRP C 217 17.50 -43.84 23.05
N PHE C 218 18.64 -43.34 22.60
CA PHE C 218 19.89 -44.07 22.69
C PHE C 218 20.52 -43.84 24.06
N THR C 219 20.72 -44.91 24.81
CA THR C 219 21.31 -44.80 26.15
C THR C 219 22.30 -45.93 26.38
N PRO C 220 23.30 -45.71 27.22
CA PRO C 220 24.14 -46.82 27.69
C PRO C 220 23.30 -47.84 28.44
N PRO C 221 23.60 -49.13 28.29
CA PRO C 221 22.70 -50.16 28.83
C PRO C 221 22.57 -50.16 30.35
N ARG C 222 23.52 -49.54 31.05
CA ARG C 222 23.47 -49.53 32.52
C ARG C 222 22.23 -48.81 33.03
N THR C 223 21.90 -47.66 32.46
CA THR C 223 20.77 -46.85 32.89
C THR C 223 19.56 -47.03 31.99
N SER C 224 19.50 -48.12 31.22
CA SER C 224 18.42 -48.29 30.26
C SER C 224 17.07 -48.39 30.95
N ASN C 225 16.99 -49.20 32.01
CA ASN C 225 15.72 -49.33 32.73
C ASN C 225 15.33 -48.02 33.38
N GLN C 226 16.31 -47.28 33.90
CA GLN C 226 16.00 -46.01 34.55
C GLN C 226 15.44 -45.01 33.54
N TRP C 227 16.05 -44.91 32.36
CA TRP C 227 15.53 -44.02 31.34
C TRP C 227 14.17 -44.47 30.85
N LEU C 228 13.95 -45.79 30.78
CA LEU C 228 12.64 -46.29 30.38
C LEU C 228 11.57 -45.89 31.38
N ASP C 229 11.87 -46.02 32.67
CA ASP C 229 10.91 -45.61 33.70
C ASP C 229 10.67 -44.10 33.67
N PHE C 230 11.74 -43.32 33.44
CA PHE C 230 11.61 -41.87 33.35
C PHE C 230 10.70 -41.48 32.19
N TRP C 231 10.92 -42.07 31.01
CA TRP C 231 10.07 -41.76 29.87
C TRP C 231 8.64 -42.22 30.09
N LEU C 232 8.45 -43.37 30.73
CA LEU C 232 7.10 -43.82 31.05
C LEU C 232 6.39 -42.81 31.94
N ARG C 233 7.07 -42.33 32.97
CA ARG C 233 6.49 -41.32 33.85
C ARG C 233 6.10 -40.08 33.07
N HIS C 234 7.03 -39.56 32.26
CA HIS C 234 6.75 -38.33 31.53
C HIS C 234 5.60 -38.50 30.54
N ARG C 235 5.55 -39.63 29.84
CA ARG C 235 4.48 -39.85 28.88
C ARG C 235 3.13 -39.98 29.57
N LEU C 236 3.07 -40.69 30.69
CA LEU C 236 1.80 -40.81 31.38
C LEU C 236 1.34 -39.47 31.95
N GLN C 237 2.30 -38.66 32.44
CA GLN C 237 1.97 -37.32 32.89
C GLN C 237 1.43 -36.46 31.75
N TRP C 238 2.06 -36.56 30.58
CA TRP C 238 1.60 -35.80 29.42
C TRP C 238 0.20 -36.22 28.99
N TRP C 239 -0.05 -37.53 28.96
CA TRP C 239 -1.37 -38.01 28.56
C TRP C 239 -2.44 -37.57 29.56
N ARG C 240 -2.13 -37.62 30.86
CA ARG C 240 -3.12 -37.25 31.86
C ARG C 240 -3.21 -35.75 32.08
N LYS C 241 -2.29 -34.97 31.51
CA LYS C 241 -2.27 -33.53 31.74
C LYS C 241 -3.53 -32.84 31.19
N PHE C 242 -3.97 -33.23 30.00
CA PHE C 242 -5.08 -32.60 29.33
C PHE C 242 -6.42 -33.28 29.63
N ALA C 243 -6.43 -34.27 30.49
CA ALA C 243 -7.60 -35.12 30.66
C ALA C 243 -8.57 -34.53 31.68
N MET C 244 -9.86 -34.53 31.34
CA MET C 244 -10.88 -34.23 32.34
C MET C 244 -10.90 -35.29 33.43
N SER C 245 -10.75 -36.56 33.05
CA SER C 245 -10.80 -37.70 33.98
C SER C 245 -9.57 -38.55 33.74
N PRO C 246 -8.42 -38.16 34.32
CA PRO C 246 -7.17 -38.90 34.07
C PRO C 246 -7.15 -40.31 34.65
N SER C 247 -8.22 -40.75 35.32
CA SER C 247 -8.28 -42.15 35.74
C SER C 247 -8.40 -43.08 34.54
N ASN C 248 -8.97 -42.61 33.43
CA ASN C 248 -9.17 -43.46 32.26
C ASN C 248 -7.85 -43.82 31.60
N PHE C 249 -6.90 -42.90 31.56
CA PHE C 249 -5.57 -43.23 31.06
C PHE C 249 -4.87 -44.17 32.03
N SER C 250 -4.31 -45.25 31.51
CA SER C 250 -3.75 -46.31 32.32
C SER C 250 -2.36 -46.67 31.81
N SER C 251 -1.65 -47.47 32.60
CA SER C 251 -0.34 -47.98 32.22
C SER C 251 -0.25 -49.43 32.67
N SER C 252 0.57 -50.19 31.95
CA SER C 252 0.71 -51.62 32.24
C SER C 252 2.11 -52.06 31.88
N ASP C 253 2.49 -53.21 32.41
CA ASP C 253 3.81 -53.79 32.15
C ASP C 253 3.63 -55.08 31.37
N CYS C 254 4.48 -55.27 30.35
CA CYS C 254 4.34 -56.40 29.45
C CYS C 254 5.71 -56.91 29.05
N GLN C 255 5.75 -58.16 28.60
CA GLN C 255 6.96 -58.79 28.12
C GLN C 255 6.76 -59.26 26.69
N ASP C 256 7.75 -59.05 25.84
CA ASP C 256 7.69 -59.49 24.46
C ASP C 256 8.10 -60.96 24.35
N GLU C 257 8.08 -61.48 23.13
CA GLU C 257 8.50 -62.86 22.91
C GLU C 257 9.96 -63.06 23.26
N GLU C 258 10.82 -62.10 22.90
CA GLU C 258 12.24 -62.20 23.23
C GLU C 258 12.45 -62.16 24.73
N GLY C 259 11.70 -61.33 25.44
CA GLY C 259 11.84 -61.24 26.88
C GLY C 259 12.46 -59.95 27.36
N ARG C 260 12.12 -58.84 26.72
CA ARG C 260 12.64 -57.53 27.08
C ARG C 260 11.55 -56.70 27.77
N LYS C 261 11.98 -55.83 28.67
CA LYS C 261 11.04 -55.07 29.49
C LYS C 261 10.36 -53.99 28.65
N GLY C 262 9.04 -53.87 28.80
CA GLY C 262 8.28 -52.88 28.06
C GLY C 262 6.96 -52.56 28.73
N ASN C 263 6.53 -51.32 28.57
CA ASN C 263 5.27 -50.83 29.12
C ASN C 263 4.31 -50.48 28.00
N LYS C 264 3.01 -50.57 28.29
CA LYS C 264 1.97 -50.25 27.33
C LYS C 264 1.02 -49.24 27.95
N LEU C 265 0.86 -48.08 27.30
CA LEU C 265 -0.02 -47.03 27.78
C LEU C 265 -1.36 -47.11 27.06
N TYR C 266 -2.43 -47.02 27.82
CA TYR C 266 -3.78 -47.25 27.32
C TYR C 266 -4.66 -46.04 27.61
N TYR C 267 -5.80 -46.01 26.94
CA TYR C 267 -6.91 -45.13 27.28
C TYR C 267 -8.16 -45.99 27.41
N ASN C 268 -8.89 -45.82 28.50
CA ASN C 268 -10.09 -46.62 28.75
C ASN C 268 -11.24 -46.03 27.96
N PHE C 269 -11.36 -46.44 26.70
CA PHE C 269 -12.50 -46.10 25.89
C PHE C 269 -13.75 -46.76 26.48
N PRO C 270 -14.94 -46.23 26.19
CA PRO C 270 -16.16 -46.83 26.74
C PRO C 270 -16.35 -48.29 26.37
N TRP C 271 -15.89 -48.72 25.20
CA TRP C 271 -15.97 -50.13 24.84
C TRP C 271 -14.85 -50.96 25.45
N GLY C 272 -13.82 -50.34 25.96
CA GLY C 272 -12.70 -51.07 26.54
C GLY C 272 -11.39 -50.35 26.26
N LYS C 273 -10.34 -50.81 26.94
CA LYS C 273 -9.04 -50.18 26.82
C LYS C 273 -8.44 -50.45 25.45
N GLU C 274 -7.81 -49.42 24.88
CA GLU C 274 -7.15 -49.52 23.59
C GLU C 274 -5.74 -48.96 23.69
N LEU C 275 -4.83 -49.52 22.92
CA LEU C 275 -3.42 -49.16 22.99
C LEU C 275 -3.21 -47.81 22.31
N ILE C 276 -2.85 -46.80 23.10
CA ILE C 276 -2.51 -45.49 22.56
C ILE C 276 -1.02 -45.21 22.62
N GLU C 277 -0.24 -46.01 23.34
CA GLU C 277 1.20 -45.86 23.34
C GLU C 277 1.83 -47.16 23.82
N THR C 278 3.09 -47.35 23.44
CA THR C 278 3.84 -48.55 23.79
C THR C 278 5.30 -48.21 23.95
N LEU C 279 5.91 -48.69 25.03
CA LEU C 279 7.34 -48.49 25.28
C LEU C 279 8.02 -49.85 25.34
N TRP C 280 9.15 -49.98 24.66
CA TRP C 280 9.91 -51.22 24.61
C TRP C 280 11.39 -50.92 24.77
N ASN C 281 12.08 -51.75 25.54
CA ASN C 281 13.53 -51.67 25.69
C ASN C 281 14.14 -52.71 24.75
N LEU C 282 14.50 -52.27 23.54
CA LEU C 282 14.77 -53.18 22.44
C LEU C 282 16.21 -53.67 22.37
N GLY C 283 17.11 -53.13 23.18
CA GLY C 283 18.47 -53.64 23.10
C GLY C 283 19.17 -53.17 21.84
N ASP C 284 20.29 -53.83 21.55
CA ASP C 284 21.15 -53.45 20.42
C ASP C 284 21.06 -54.41 19.25
N HIS C 285 20.10 -55.32 19.25
CA HIS C 285 19.99 -56.28 18.15
C HIS C 285 19.76 -55.59 16.82
N GLU C 286 18.81 -54.63 16.79
CA GLU C 286 18.47 -53.97 15.54
C GLU C 286 19.64 -53.14 15.02
N LEU C 287 20.33 -52.43 15.90
CA LEU C 287 21.42 -51.56 15.46
C LEU C 287 22.58 -52.40 14.90
N LEU C 288 22.87 -53.54 15.54
CA LEU C 288 23.91 -54.41 15.01
C LEU C 288 23.50 -55.06 13.70
N HIS C 289 22.23 -55.49 13.60
CA HIS C 289 21.76 -56.12 12.37
C HIS C 289 21.80 -55.14 11.20
N MET C 290 21.45 -53.88 11.45
CA MET C 290 21.51 -52.88 10.39
C MET C 290 22.95 -52.46 10.10
N TYR C 291 23.84 -52.57 11.08
CA TYR C 291 25.24 -52.17 10.92
C TYR C 291 26.16 -53.30 11.37
N PRO C 292 26.22 -54.39 10.61
CA PRO C 292 27.06 -55.52 11.02
C PRO C 292 28.54 -55.24 10.77
N GLY C 293 29.38 -55.72 11.68
CA GLY C 293 30.81 -55.60 11.53
C GLY C 293 31.34 -54.22 11.84
N ASN C 294 32.55 -54.16 12.42
CA ASN C 294 33.19 -52.90 12.80
C ASN C 294 32.27 -52.07 13.69
N VAL C 295 31.99 -52.61 14.88
CA VAL C 295 31.09 -51.99 15.83
C VAL C 295 31.72 -50.74 16.42
N SER C 296 32.95 -50.43 16.01
CA SER C 296 33.60 -49.21 16.48
C SER C 296 32.89 -47.96 16.00
N LYS C 297 32.06 -48.06 14.96
CA LYS C 297 31.28 -46.92 14.49
C LYS C 297 30.02 -46.69 15.31
N LEU C 298 29.63 -47.64 16.14
CA LEU C 298 28.44 -47.53 16.98
C LEU C 298 28.75 -47.16 18.41
N HIS C 299 30.02 -46.84 18.72
CA HIS C 299 30.41 -46.51 20.08
C HIS C 299 29.97 -45.11 20.46
N GLY C 300 29.41 -44.98 21.65
CA GLY C 300 29.02 -43.69 22.19
C GLY C 300 29.81 -43.37 23.46
N ARG C 301 30.17 -42.11 23.62
CA ARG C 301 31.02 -41.70 24.74
C ARG C 301 30.18 -41.50 26.00
N ASP C 302 30.61 -42.16 27.08
CA ASP C 302 29.95 -42.05 28.39
C ASP C 302 31.08 -41.96 29.43
N GLY C 303 31.49 -40.74 29.76
CA GLY C 303 32.62 -40.56 30.66
C GLY C 303 33.91 -41.10 30.05
N ARG C 304 34.17 -40.74 28.79
CA ARG C 304 35.33 -41.19 28.04
C ARG C 304 35.34 -42.70 27.83
N LYS C 305 34.18 -43.34 27.98
CA LYS C 305 34.03 -44.77 27.73
C LYS C 305 33.11 -44.97 26.53
N ASN C 306 33.57 -45.74 25.55
CA ASN C 306 32.82 -45.94 24.31
C ASN C 306 31.89 -47.13 24.45
N VAL C 307 30.61 -46.92 24.13
CA VAL C 307 29.58 -47.92 24.33
C VAL C 307 28.70 -47.98 23.09
N VAL C 308 28.40 -49.19 22.63
CA VAL C 308 27.34 -49.41 21.65
C VAL C 308 26.02 -49.33 22.40
N PRO C 309 25.13 -48.43 22.03
CA PRO C 309 24.01 -48.07 22.91
C PRO C 309 22.86 -49.06 22.83
N CYS C 310 21.81 -48.75 23.56
CA CYS C 310 20.55 -49.48 23.56
C CYS C 310 19.44 -48.53 23.16
N VAL C 311 18.45 -49.05 22.44
CA VAL C 311 17.40 -48.22 21.86
C VAL C 311 16.10 -48.48 22.60
N LEU C 312 15.41 -47.40 22.96
CA LEU C 312 14.10 -47.45 23.60
C LEU C 312 13.07 -46.94 22.60
N SER C 313 12.02 -47.71 22.37
CA SER C 313 10.98 -47.36 21.42
C SER C 313 9.76 -46.88 22.19
N VAL C 314 9.36 -45.65 21.95
CA VAL C 314 8.19 -45.05 22.60
C VAL C 314 7.25 -44.65 21.47
N ASN C 315 6.32 -45.54 21.12
CA ASN C 315 5.44 -45.36 19.98
C ASN C 315 4.03 -45.02 20.47
N GLY C 316 3.62 -43.78 20.26
CA GLY C 316 2.27 -43.36 20.57
C GLY C 316 1.38 -43.36 19.33
N ASP C 317 0.16 -42.89 19.52
CA ASP C 317 -0.83 -42.82 18.45
C ASP C 317 -1.57 -41.49 18.57
N LEU C 318 -1.13 -40.50 17.80
CA LEU C 318 -1.76 -39.18 17.89
C LEU C 318 -3.17 -39.18 17.34
N ASP C 319 -3.48 -40.08 16.39
CA ASP C 319 -4.85 -40.23 15.94
C ASP C 319 -5.70 -40.87 17.03
N ARG C 320 -5.21 -41.95 17.63
CA ARG C 320 -5.91 -42.54 18.75
C ARG C 320 -5.86 -41.63 19.97
N GLY C 321 -4.80 -40.83 20.10
CA GLY C 321 -4.79 -39.82 21.14
C GLY C 321 -5.88 -38.78 20.96
N MET C 322 -6.07 -38.33 19.72
CA MET C 322 -7.16 -37.40 19.43
C MET C 322 -8.50 -38.03 19.74
N LEU C 323 -8.69 -39.29 19.37
CA LEU C 323 -9.94 -39.97 19.67
C LEU C 323 -10.14 -40.07 21.18
N ALA C 324 -9.08 -40.38 21.91
CA ALA C 324 -9.17 -40.50 23.36
C ALA C 324 -9.57 -39.19 23.99
N TYR C 325 -9.00 -38.09 23.51
CA TYR C 325 -9.32 -36.79 24.09
C TYR C 325 -10.73 -36.33 23.71
N LEU C 326 -11.19 -36.65 22.50
CA LEU C 326 -12.57 -36.35 22.15
C LEU C 326 -13.53 -37.15 23.01
N TYR C 327 -13.22 -38.42 23.28
CA TYR C 327 -14.10 -39.23 24.11
C TYR C 327 -14.08 -38.78 25.56
N ASP C 328 -12.90 -38.41 26.07
CA ASP C 328 -12.79 -37.96 27.45
C ASP C 328 -13.44 -36.60 27.66
N SER C 329 -13.36 -35.72 26.66
CA SER C 329 -13.90 -34.38 26.78
C SER C 329 -15.42 -34.34 26.69
N PHE C 330 -16.06 -35.44 26.35
CA PHE C 330 -17.50 -35.46 26.19
C PHE C 330 -18.17 -35.92 27.48
N ARG C 345 -26.85 -31.21 28.16
CA ARG C 345 -25.96 -30.27 27.48
C ARG C 345 -24.84 -31.01 26.76
N LYS C 346 -24.83 -30.90 25.43
CA LYS C 346 -23.80 -31.51 24.59
C LYS C 346 -22.64 -30.53 24.48
N VAL C 347 -21.57 -30.78 25.23
CA VAL C 347 -20.39 -29.92 25.21
C VAL C 347 -19.16 -30.80 25.14
N LEU C 348 -18.22 -30.40 24.29
CA LEU C 348 -16.93 -31.09 24.16
C LEU C 348 -15.90 -30.27 24.94
N LYS C 349 -15.80 -30.54 26.24
CA LYS C 349 -14.93 -29.77 27.12
C LYS C 349 -13.46 -30.17 26.88
N LEU C 350 -12.98 -29.81 25.69
CA LEU C 350 -11.57 -30.00 25.38
C LEU C 350 -10.71 -29.07 26.22
N HIS C 351 -9.48 -29.49 26.45
CA HIS C 351 -8.54 -28.67 27.17
C HIS C 351 -8.20 -27.43 26.34
N PRO C 352 -8.02 -26.27 26.99
CA PRO C 352 -7.73 -25.05 26.22
C PRO C 352 -6.49 -25.15 25.35
N CYS C 353 -5.51 -25.95 25.72
CA CYS C 353 -4.32 -26.08 24.90
C CYS C 353 -4.52 -26.96 23.69
N LEU C 354 -5.64 -27.69 23.60
CA LEU C 354 -5.91 -28.57 22.49
C LEU C 354 -7.09 -28.14 21.62
N ALA C 355 -8.04 -27.40 22.18
CA ALA C 355 -9.24 -27.05 21.42
C ALA C 355 -8.85 -26.24 20.18
N PRO C 356 -9.35 -26.60 19.00
CA PRO C 356 -8.88 -25.98 17.75
C PRO C 356 -9.18 -24.50 17.64
N ILE C 357 -10.42 -24.11 17.89
CA ILE C 357 -10.85 -22.72 17.80
C ILE C 357 -11.28 -22.28 19.18
N LYS C 358 -10.77 -21.12 19.62
CA LYS C 358 -11.00 -20.61 20.96
C LYS C 358 -12.16 -19.63 21.07
N VAL C 359 -12.28 -18.69 20.14
CA VAL C 359 -13.21 -17.58 20.25
C VAL C 359 -14.22 -17.64 19.12
N ALA C 360 -15.48 -17.38 19.45
CA ALA C 360 -16.53 -17.17 18.46
C ALA C 360 -16.91 -15.70 18.51
N LEU C 361 -16.76 -15.01 17.38
CA LEU C 361 -16.98 -13.58 17.28
C LEU C 361 -18.19 -13.32 16.40
N ASP C 362 -19.16 -12.56 16.93
CA ASP C 362 -20.44 -12.40 16.26
C ASP C 362 -20.87 -10.93 16.30
N VAL C 363 -21.99 -10.64 15.64
CA VAL C 363 -22.60 -9.33 15.58
C VAL C 363 -24.04 -9.46 16.07
N GLY C 364 -24.47 -8.50 16.89
CA GLY C 364 -25.79 -8.59 17.49
C GLY C 364 -26.86 -7.68 16.90
N ARG C 365 -26.48 -6.52 16.38
CA ARG C 365 -27.45 -5.51 15.97
C ARG C 365 -26.91 -4.77 14.76
N GLY C 366 -27.50 -3.60 14.46
CA GLY C 366 -27.01 -2.73 13.42
C GLY C 366 -26.52 -1.41 13.98
N PRO C 367 -25.87 -0.58 13.16
CA PRO C 367 -25.59 -0.75 11.72
C PRO C 367 -24.58 -1.84 11.42
N THR C 368 -24.73 -2.51 10.28
CA THR C 368 -23.88 -3.64 9.97
C THR C 368 -22.46 -3.21 9.63
N LEU C 369 -22.29 -2.03 9.02
CA LEU C 369 -20.96 -1.60 8.61
C LEU C 369 -20.05 -1.34 9.81
N GLU C 370 -20.53 -0.57 10.78
CA GLU C 370 -19.71 -0.23 11.94
C GLU C 370 -19.44 -1.45 12.80
N LEU C 371 -20.46 -2.28 13.03
CA LEU C 371 -20.27 -3.48 13.83
C LEU C 371 -19.32 -4.46 13.15
N ARG C 372 -19.45 -4.61 11.84
CA ARG C 372 -18.51 -5.45 11.11
C ARG C 372 -17.11 -4.88 11.16
N GLN C 373 -16.97 -3.55 11.15
CA GLN C 373 -15.64 -2.94 11.22
C GLN C 373 -14.98 -3.23 12.57
N VAL C 374 -15.73 -3.04 13.67
CA VAL C 374 -15.14 -3.29 14.98
C VAL C 374 -14.86 -4.78 15.17
N CYS C 375 -15.74 -5.63 14.66
CA CYS C 375 -15.51 -7.07 14.75
C CYS C 375 -14.29 -7.48 13.93
N GLN C 376 -14.07 -6.85 12.78
CA GLN C 376 -12.90 -7.19 11.97
C GLN C 376 -11.62 -6.72 12.63
N GLY C 377 -11.64 -5.54 13.25
CA GLY C 377 -10.49 -5.11 14.02
C GLY C 377 -10.17 -6.05 15.16
N LEU C 378 -11.21 -6.48 15.88
CA LEU C 378 -11.03 -7.45 16.96
C LEU C 378 -10.50 -8.78 16.44
N PHE C 379 -11.02 -9.22 15.29
CA PHE C 379 -10.58 -10.46 14.66
C PHE C 379 -9.09 -10.40 14.33
N ASN C 380 -8.67 -9.31 13.68
CA ASN C 380 -7.25 -9.15 13.34
C ASN C 380 -6.39 -9.09 14.58
N GLU C 381 -6.85 -8.37 15.62
CA GLU C 381 -6.09 -8.29 16.86
C GLU C 381 -5.89 -9.67 17.48
N LEU C 382 -6.97 -10.41 17.64
CA LEU C 382 -6.88 -11.73 18.26
C LEU C 382 -6.02 -12.67 17.43
N LEU C 383 -6.12 -12.58 16.11
CA LEU C 383 -5.27 -13.43 15.26
C LEU C 383 -3.80 -13.07 15.40
N GLU C 384 -3.48 -11.78 15.43
CA GLU C 384 -2.09 -11.38 15.64
C GLU C 384 -1.60 -11.82 17.01
N ASN C 385 -2.50 -11.96 17.98
CA ASN C 385 -2.14 -12.44 19.30
C ASN C 385 -2.23 -13.95 19.44
N GLY C 386 -2.28 -14.68 18.33
CA GLY C 386 -2.21 -16.12 18.34
C GLY C 386 -3.48 -16.84 18.74
N ILE C 387 -4.60 -16.15 18.78
CA ILE C 387 -5.87 -16.74 19.23
C ILE C 387 -6.72 -17.04 18.01
N SER C 388 -7.11 -18.30 17.87
CA SER C 388 -7.95 -18.72 16.75
C SER C 388 -9.39 -18.30 16.99
N VAL C 389 -9.98 -17.66 15.99
CA VAL C 389 -11.32 -17.08 16.09
C VAL C 389 -12.19 -17.65 14.98
N TRP C 390 -13.40 -18.07 15.32
CA TRP C 390 -14.37 -18.47 14.32
C TRP C 390 -15.14 -17.23 13.87
N PRO C 391 -15.01 -16.80 12.63
CA PRO C 391 -15.62 -15.54 12.19
C PRO C 391 -17.11 -15.67 11.95
N GLY C 392 -17.86 -15.77 13.05
CA GLY C 392 -19.30 -15.90 12.95
C GLY C 392 -20.03 -14.62 12.63
N TYR C 393 -19.32 -13.49 12.62
CA TYR C 393 -19.94 -12.21 12.29
C TYR C 393 -20.19 -12.06 10.80
N LEU C 394 -19.55 -12.88 9.96
CA LEU C 394 -19.80 -12.82 8.53
C LEU C 394 -21.20 -13.29 8.19
N GLU C 395 -21.75 -14.23 8.94
CA GLU C 395 -23.04 -14.81 8.61
C GLU C 395 -24.16 -13.80 8.85
N THR C 396 -25.04 -13.66 7.87
CA THR C 396 -26.24 -12.84 7.98
C THR C 396 -27.44 -13.72 8.30
N MET C 397 -28.46 -13.10 8.89
CA MET C 397 -29.65 -13.80 9.36
C MET C 397 -29.28 -14.94 10.32
N GLN C 398 -28.67 -14.54 11.43
CA GLN C 398 -28.15 -15.51 12.38
C GLN C 398 -29.30 -16.24 13.08
N SER C 399 -28.99 -17.42 13.59
CA SER C 399 -29.96 -18.24 14.30
C SER C 399 -30.13 -17.70 15.72
N SER C 400 -30.85 -18.44 16.56
CA SER C 400 -31.04 -18.03 17.94
C SER C 400 -29.73 -18.08 18.71
N LEU C 401 -29.64 -17.25 19.75
CA LEU C 401 -28.42 -17.23 20.56
C LEU C 401 -28.21 -18.55 21.28
N GLU C 402 -29.29 -19.18 21.73
CA GLU C 402 -29.17 -20.50 22.35
C GLU C 402 -28.66 -21.54 21.36
N GLN C 403 -29.15 -21.51 20.13
CA GLN C 403 -28.68 -22.46 19.12
C GLN C 403 -27.22 -22.18 18.77
N LEU C 404 -26.83 -20.92 18.70
CA LEU C 404 -25.43 -20.58 18.45
C LEU C 404 -24.54 -21.08 19.58
N TYR C 405 -25.01 -20.94 20.83
CA TYR C 405 -24.26 -21.45 21.97
C TYR C 405 -24.12 -22.96 21.90
N SER C 406 -25.18 -23.67 21.54
CA SER C 406 -25.10 -25.13 21.40
C SER C 406 -24.12 -25.52 20.31
N LYS C 407 -24.16 -24.83 19.17
CA LYS C 407 -23.24 -25.12 18.08
C LYS C 407 -21.80 -24.91 18.52
N TYR C 408 -21.52 -23.82 19.22
CA TYR C 408 -20.15 -23.55 19.64
C TYR C 408 -19.70 -24.48 20.75
N ASP C 409 -20.64 -24.95 21.59
CA ASP C 409 -20.29 -25.95 22.59
C ASP C 409 -19.91 -27.27 21.94
N GLU C 410 -20.65 -27.68 20.91
CA GLU C 410 -20.30 -28.91 20.20
C GLU C 410 -18.99 -28.79 19.44
N MET C 411 -18.54 -27.57 19.14
CA MET C 411 -17.27 -27.33 18.45
C MET C 411 -16.12 -27.09 19.41
N SER C 412 -16.34 -27.22 20.71
CA SER C 412 -15.33 -26.97 21.73
C SER C 412 -14.78 -25.54 21.64
N ILE C 413 -15.70 -24.59 21.53
CA ILE C 413 -15.35 -23.17 21.50
C ILE C 413 -15.25 -22.67 22.93
N LEU C 414 -14.10 -22.09 23.28
CA LEU C 414 -13.88 -21.64 24.66
C LEU C 414 -14.81 -20.49 25.02
N PHE C 415 -14.87 -19.45 24.18
CA PHE C 415 -15.61 -18.24 24.50
C PHE C 415 -16.34 -17.72 23.26
N THR C 416 -17.58 -17.26 23.47
CA THR C 416 -18.40 -16.67 22.42
C THR C 416 -18.55 -15.18 22.70
N VAL C 417 -17.96 -14.35 21.84
CA VAL C 417 -17.98 -12.90 22.00
C VAL C 417 -19.02 -12.32 21.06
N LEU C 418 -19.94 -11.52 21.60
CA LEU C 418 -20.99 -10.89 20.83
C LEU C 418 -20.83 -9.38 20.89
N VAL C 419 -20.71 -8.75 19.72
CA VAL C 419 -20.54 -7.31 19.61
C VAL C 419 -21.85 -6.71 19.15
N THR C 420 -22.35 -5.71 19.89
CA THR C 420 -23.66 -5.14 19.61
C THR C 420 -23.58 -3.63 19.46
N GLU C 421 -24.73 -2.96 19.40
CA GLU C 421 -24.77 -1.51 19.27
C GLU C 421 -24.12 -0.84 20.47
N THR C 422 -24.33 -1.40 21.67
CA THR C 422 -23.75 -0.83 22.88
C THR C 422 -22.23 -0.76 22.79
N THR C 423 -21.60 -1.71 22.08
CA THR C 423 -20.14 -1.73 22.00
C THR C 423 -19.60 -0.42 21.45
N LEU C 424 -20.32 0.20 20.53
CA LEU C 424 -19.86 1.44 19.93
C LEU C 424 -19.94 2.57 20.95
N GLU C 425 -20.86 2.47 21.89
CA GLU C 425 -21.04 3.50 22.89
C GLU C 425 -19.98 3.45 23.98
N ASN C 426 -19.78 2.27 24.56
CA ASN C 426 -18.83 2.15 25.67
C ASN C 426 -17.71 1.15 25.44
N GLY C 427 -17.99 0.04 24.75
CA GLY C 427 -17.00 -0.99 24.54
C GLY C 427 -17.28 -2.31 25.22
N LEU C 428 -18.46 -2.50 25.80
CA LEU C 428 -18.79 -3.74 26.49
C LEU C 428 -19.22 -4.79 25.48
N ILE C 429 -18.70 -6.00 25.66
CA ILE C 429 -18.99 -7.13 24.79
C ILE C 429 -19.51 -8.28 25.65
N HIS C 430 -20.55 -8.95 25.19
CA HIS C 430 -21.05 -10.13 25.89
C HIS C 430 -20.05 -11.26 25.77
N LEU C 431 -19.55 -11.74 26.90
CA LEU C 431 -18.59 -12.84 26.94
C LEU C 431 -19.24 -14.03 27.63
N ARG C 432 -19.12 -15.19 27.00
CA ARG C 432 -19.70 -16.43 27.52
C ARG C 432 -18.63 -17.50 27.54
N SER C 433 -18.61 -18.29 28.62
CA SER C 433 -17.60 -19.32 28.81
C SER C 433 -18.17 -20.70 28.46
N ARG C 434 -17.31 -21.56 27.92
CA ARG C 434 -17.72 -22.91 27.57
C ARG C 434 -17.96 -23.75 28.82
N ASP C 435 -17.01 -23.71 29.76
CA ASP C 435 -17.09 -24.57 30.94
C ASP C 435 -18.29 -24.21 31.80
N THR C 436 -18.46 -22.94 32.11
CA THR C 436 -19.56 -22.46 32.92
C THR C 436 -20.50 -21.62 32.07
N THR C 437 -21.79 -21.93 32.12
CA THR C 437 -22.79 -21.23 31.32
C THR C 437 -23.14 -19.91 32.00
N MET C 438 -22.14 -19.02 32.08
CA MET C 438 -22.28 -17.73 32.74
C MET C 438 -21.85 -16.64 31.79
N LYS C 439 -22.69 -15.60 31.67
CA LYS C 439 -22.46 -14.49 30.78
C LYS C 439 -21.91 -13.30 31.57
N GLU C 440 -20.87 -12.67 31.04
CA GLU C 440 -20.33 -11.46 31.64
C GLU C 440 -19.98 -10.47 30.55
N MET C 441 -19.95 -9.20 30.92
CA MET C 441 -19.65 -8.10 29.99
C MET C 441 -18.29 -7.53 30.31
N MET C 442 -17.40 -7.53 29.33
CA MET C 442 -16.03 -7.08 29.49
C MET C 442 -15.74 -6.01 28.46
N HIS C 443 -14.87 -5.07 28.82
CA HIS C 443 -14.45 -4.07 27.86
C HIS C 443 -13.65 -4.71 26.73
N ILE C 444 -13.80 -4.16 25.53
CA ILE C 444 -13.22 -4.78 24.34
C ILE C 444 -11.70 -4.79 24.41
N SER C 445 -11.10 -3.74 24.99
CA SER C 445 -9.65 -3.66 25.04
C SER C 445 -9.03 -4.67 26.00
N LYS C 446 -9.82 -5.23 26.91
CA LYS C 446 -9.33 -6.19 27.88
C LYS C 446 -9.58 -7.65 27.47
N LEU C 447 -10.17 -7.88 26.30
CA LEU C 447 -10.52 -9.24 25.90
C LEU C 447 -9.29 -10.06 25.56
N LYS C 448 -8.35 -9.48 24.82
CA LYS C 448 -7.18 -10.22 24.36
C LYS C 448 -6.32 -10.66 25.54
N ASP C 449 -6.07 -9.76 26.49
CA ASP C 449 -5.27 -10.11 27.66
C ASP C 449 -5.97 -11.16 28.50
N PHE C 450 -7.29 -11.06 28.62
CA PHE C 450 -8.05 -12.07 29.35
C PHE C 450 -7.91 -13.44 28.70
N LEU C 451 -8.01 -13.50 27.37
CA LEU C 451 -7.89 -14.78 26.68
C LEU C 451 -6.49 -15.38 26.85
N ILE C 452 -5.45 -14.55 26.70
CA ILE C 452 -4.09 -15.04 26.89
C ILE C 452 -3.90 -15.54 28.31
N LYS C 453 -4.41 -14.80 29.30
CA LYS C 453 -4.30 -15.20 30.69
C LYS C 453 -5.01 -16.52 30.94
N TYR C 454 -6.19 -16.70 30.36
CA TYR C 454 -6.94 -17.94 30.55
C TYR C 454 -6.20 -19.13 29.95
N ILE C 455 -5.66 -18.95 28.74
CA ILE C 455 -4.91 -20.03 28.10
C ILE C 455 -3.68 -20.39 28.92
N SER C 456 -2.97 -19.37 29.43
CA SER C 456 -1.80 -19.65 30.27
C SER C 456 -2.19 -20.33 31.57
N SER C 457 -3.29 -19.89 32.20
CA SER C 457 -3.70 -20.48 33.46
C SER C 457 -4.07 -21.94 33.30
N ALA C 458 -4.79 -22.28 32.23
CA ALA C 458 -5.11 -23.68 31.95
C ALA C 458 -3.97 -24.31 31.15
N LYS C 459 -2.81 -24.39 31.80
CA LYS C 459 -1.61 -24.94 31.17
C LYS C 459 -0.64 -25.46 32.22
#